data_8GYT
#
_entry.id   8GYT
#
_cell.length_a   1.00
_cell.length_b   1.00
_cell.length_c   1.00
_cell.angle_alpha   90.00
_cell.angle_beta   90.00
_cell.angle_gamma   90.00
#
_symmetry.space_group_name_H-M   'P 1'
#
loop_
_entity.id
_entity.type
_entity.pdbx_description
1 polymer Pannexin-3
2 non-polymer 2-acetamido-2-deoxy-beta-D-glucopyranose
#
_entity_poly.entity_id   1
_entity_poly.type   'polypeptide(L)'
_entity_poly.pdbx_seq_one_letter_code
;MSLAHTAAEYMLSDALLPDRRGPRLKGLRLELPLDSIVKRVAVGSPLLLMSLAFAQEFSSGSPISCFSPSNFSIRQAAYV
DSSCWDSLLHHKQDGPGQDKMKSLWPHKALPYSLLALALLMYLPVLLWQYAAVPALSSDLLFIISELDKSYNRSIRLVQH
MLKIRQKSSDPYVFWNELEKARKERYFEFPLLERYLACKQRSHSLVATYLLRNSLLLIFTSATYLYLGHFHLDVFFQEEF
SCSIKTGLLSDETHVPNLITCRLTSLSIFQIVSLSSVAIYTILVPVIIYNLTRLCRWDKRLLSVYEMLPAFDLLSRKMLG
CPINDLNVILLFLRANISELISFSWLSVLCVLKDTTTQKHNIDTVVDFMTLLAGLEPSKPKHLTNSACDEHP
;
_entity_poly.pdbx_strand_id   A,B,C,D,E,F,G
#
loop_
_chem_comp.id
_chem_comp.type
_chem_comp.name
_chem_comp.formula
NAG D-saccharide, beta linking 2-acetamido-2-deoxy-beta-D-glucopyranose 'C8 H15 N O6'
#
# COMPACT_ATOMS: atom_id res chain seq x y z
N ARG A 20 10.58 -17.14 -23.35
CA ARG A 20 11.85 -17.74 -22.94
C ARG A 20 13.00 -16.73 -23.10
N ARG A 21 13.15 -16.22 -24.32
CA ARG A 21 14.22 -15.25 -24.58
C ARG A 21 14.02 -13.98 -23.75
N GLY A 22 12.78 -13.49 -23.68
CA GLY A 22 12.48 -12.30 -22.94
C GLY A 22 12.85 -12.43 -21.47
N PRO A 23 12.25 -13.40 -20.78
CA PRO A 23 12.62 -13.62 -19.37
C PRO A 23 14.10 -13.89 -19.18
N ARG A 24 14.73 -14.59 -20.13
CA ARG A 24 16.16 -14.86 -20.01
C ARG A 24 16.96 -13.56 -20.02
N LEU A 25 16.62 -12.63 -20.92
CA LEU A 25 17.36 -11.38 -20.99
C LEU A 25 17.03 -10.47 -19.82
N LYS A 26 15.81 -10.60 -19.26
CA LYS A 26 15.55 -9.90 -17.99
C LYS A 26 16.41 -10.45 -16.87
N GLY A 27 16.56 -11.78 -16.80
CA GLY A 27 17.32 -12.41 -15.75
C GLY A 27 18.82 -12.40 -15.92
N LEU A 28 19.31 -11.97 -17.08
CA LEU A 28 20.75 -11.84 -17.28
C LEU A 28 21.37 -10.97 -16.21
N ARG A 29 22.50 -11.43 -15.66
CA ARG A 29 23.21 -10.72 -14.60
C ARG A 29 24.34 -9.92 -15.22
N LEU A 30 24.43 -8.64 -14.85
CA LEU A 30 25.38 -7.71 -15.44
C LEU A 30 26.30 -7.05 -14.41
N GLU A 31 26.32 -7.55 -13.17
CA GLU A 31 27.11 -6.91 -12.13
C GLU A 31 27.87 -7.91 -11.25
N LEU A 32 27.82 -9.19 -11.56
CA LEU A 32 28.48 -10.22 -10.76
C LEU A 32 27.89 -10.28 -9.36
N PRO A 33 28.00 -11.41 -8.66
CA PRO A 33 27.39 -11.51 -7.33
C PRO A 33 28.25 -10.88 -6.24
N LEU A 34 29.56 -10.99 -6.36
CA LEU A 34 30.45 -10.54 -5.30
C LEU A 34 30.57 -9.02 -5.26
N ASP A 35 30.79 -8.39 -6.41
CA ASP A 35 30.90 -6.94 -6.45
C ASP A 35 29.60 -6.26 -6.05
N SER A 36 28.46 -6.96 -6.15
CA SER A 36 27.20 -6.38 -5.70
C SER A 36 27.24 -6.08 -4.20
N ILE A 37 27.82 -6.99 -3.42
CA ILE A 37 27.88 -6.78 -1.97
C ILE A 37 28.79 -5.60 -1.65
N VAL A 38 29.91 -5.47 -2.35
CA VAL A 38 30.80 -4.33 -2.12
C VAL A 38 30.11 -3.03 -2.50
N LYS A 39 29.41 -3.02 -3.64
CA LYS A 39 28.64 -1.84 -4.03
C LYS A 39 27.64 -1.47 -2.95
N ARG A 40 26.90 -2.46 -2.45
CA ARG A 40 25.89 -2.17 -1.43
C ARG A 40 26.52 -1.64 -0.16
N VAL A 41 27.63 -2.25 0.28
CA VAL A 41 28.24 -1.87 1.55
C VAL A 41 28.84 -0.48 1.46
N ALA A 42 29.61 -0.20 0.40
CA ALA A 42 30.32 1.07 0.30
C ALA A 42 29.38 2.26 0.29
N VAL A 43 28.09 2.04 0.00
CA VAL A 43 27.11 3.11 0.01
C VAL A 43 26.25 3.07 1.27
N GLY A 44 25.90 1.88 1.75
CA GLY A 44 25.07 1.78 2.93
C GLY A 44 25.80 2.22 4.19
N SER A 45 27.08 1.86 4.32
CA SER A 45 27.82 2.17 5.54
C SER A 45 27.85 3.68 5.81
N PRO A 46 28.29 4.53 4.88
CA PRO A 46 28.23 5.97 5.16
C PRO A 46 26.82 6.46 5.43
N LEU A 47 25.83 5.95 4.70
CA LEU A 47 24.45 6.37 4.93
C LEU A 47 23.97 5.95 6.32
N LEU A 48 24.28 4.73 6.73
CA LEU A 48 23.88 4.28 8.07
C LEU A 48 24.56 5.12 9.14
N LEU A 49 25.85 5.40 8.98
CA LEU A 49 26.54 6.23 9.96
C LEU A 49 25.95 7.64 10.02
N MET A 50 25.62 8.19 8.86
CA MET A 50 25.00 9.52 8.82
C MET A 50 23.63 9.50 9.51
N SER A 51 22.84 8.45 9.27
CA SER A 51 21.55 8.34 9.94
C SER A 51 21.73 8.26 11.45
N LEU A 52 22.74 7.50 11.91
CA LEU A 52 23.01 7.44 13.34
C LEU A 52 23.40 8.80 13.88
N ALA A 53 24.24 9.54 13.15
CA ALA A 53 24.65 10.86 13.60
C ALA A 53 23.45 11.80 13.71
N PHE A 54 22.57 11.78 12.71
CA PHE A 54 21.39 12.63 12.74
C PHE A 54 20.46 12.23 13.90
N ALA A 55 20.30 10.93 14.13
CA ALA A 55 19.48 10.48 15.23
C ALA A 55 20.04 10.96 16.56
N GLN A 56 21.36 10.87 16.74
CA GLN A 56 21.98 11.39 17.96
C GLN A 56 21.78 12.89 18.09
N GLU A 57 21.92 13.63 16.99
CA GLU A 57 21.76 15.07 17.04
C GLU A 57 20.35 15.45 17.46
N PHE A 58 19.35 14.77 16.91
CA PHE A 58 17.96 15.08 17.25
C PHE A 58 17.51 14.48 18.57
N SER A 59 18.25 13.50 19.11
CA SER A 59 17.92 12.97 20.43
C SER A 59 18.52 13.82 21.53
N SER A 60 19.75 14.29 21.34
CA SER A 60 20.38 15.17 22.33
C SER A 60 19.70 16.52 22.41
N GLY A 61 19.07 16.97 21.33
CA GLY A 61 18.44 18.28 21.32
C GLY A 61 19.43 19.38 21.01
N SER A 62 20.54 19.40 21.74
CA SER A 62 21.60 20.38 21.55
C SER A 62 22.88 19.63 21.21
N PRO A 63 23.52 19.91 20.08
CA PRO A 63 24.79 19.22 19.78
C PRO A 63 25.85 19.44 20.85
N ILE A 64 25.86 20.60 21.50
CA ILE A 64 26.77 20.89 22.59
C ILE A 64 25.98 21.54 23.73
N SER A 65 26.55 21.47 24.92
CA SER A 65 25.99 22.10 26.11
C SER A 65 27.08 22.89 26.80
N CYS A 66 26.78 24.11 27.22
CA CYS A 66 27.78 24.98 27.80
C CYS A 66 27.39 25.43 29.21
N PHE A 67 28.42 25.69 30.01
CA PHE A 67 28.26 25.97 31.43
C PHE A 67 28.27 27.48 31.66
N SER A 68 27.14 28.09 31.27
CA SER A 68 27.00 29.53 31.42
C SER A 68 26.63 29.89 32.86
N PRO A 69 26.97 31.09 33.31
CA PRO A 69 26.72 31.46 34.72
C PRO A 69 25.24 31.40 35.06
N SER A 70 24.96 31.43 36.37
CA SER A 70 23.58 31.34 36.84
C SER A 70 22.77 32.57 36.45
N ASN A 71 23.42 33.73 36.35
CA ASN A 71 22.71 34.95 35.99
C ASN A 71 22.04 34.82 34.63
N PHE A 72 22.68 34.14 33.69
CA PHE A 72 22.11 34.01 32.35
C PHE A 72 20.75 33.35 32.42
N SER A 73 19.77 33.98 31.76
CA SER A 73 18.44 33.39 31.65
C SER A 73 18.49 32.20 30.68
N ILE A 74 17.33 31.61 30.43
CA ILE A 74 17.29 30.47 29.52
C ILE A 74 17.62 30.92 28.10
N ARG A 75 17.06 32.05 27.67
CA ARG A 75 17.31 32.52 26.31
C ARG A 75 18.77 32.90 26.10
N GLN A 76 19.38 33.56 27.08
CA GLN A 76 20.79 33.92 26.95
C GLN A 76 21.68 32.67 26.93
N ALA A 77 21.35 31.67 27.74
CA ALA A 77 22.11 30.43 27.72
C ALA A 77 21.98 29.73 26.37
N ALA A 78 20.77 29.69 25.81
CA ALA A 78 20.60 29.10 24.49
C ALA A 78 21.37 29.87 23.43
N TYR A 79 21.38 31.20 23.54
CA TYR A 79 22.17 32.00 22.61
C TYR A 79 23.64 31.67 22.72
N VAL A 80 24.16 31.51 23.94
CA VAL A 80 25.57 31.16 24.13
C VAL A 80 25.85 29.81 23.51
N ASP A 81 24.98 28.82 23.76
CA ASP A 81 25.17 27.50 23.18
C ASP A 81 25.23 27.58 21.66
N SER A 82 24.28 28.29 21.05
CA SER A 82 24.21 28.36 19.59
C SER A 82 25.42 29.09 19.02
N SER A 83 25.83 30.19 19.65
CA SER A 83 26.94 30.97 19.13
C SER A 83 28.25 30.20 19.28
N CYS A 84 28.38 29.39 20.33
CA CYS A 84 29.60 28.62 20.50
C CYS A 84 29.64 27.41 19.56
N TRP A 85 28.48 26.81 19.28
CA TRP A 85 28.45 25.67 18.38
C TRP A 85 28.59 26.09 16.92
N ASP A 86 28.05 27.24 16.56
CA ASP A 86 28.13 27.71 15.18
C ASP A 86 29.46 28.37 14.87
N SER A 87 30.26 28.70 15.89
CA SER A 87 31.56 29.33 15.69
C SER A 87 32.69 28.31 15.62
N LEU A 88 32.40 27.08 15.21
CA LEU A 88 33.43 26.07 15.01
C LEU A 88 34.03 26.16 13.61
N LEU A 89 33.17 26.16 12.58
CA LEU A 89 33.65 26.24 11.21
C LEU A 89 34.37 27.54 10.91
N HIS A 90 34.14 28.59 11.71
CA HIS A 90 34.70 29.90 11.46
C HIS A 90 35.97 30.17 12.26
N HIS A 91 35.98 29.87 13.55
CA HIS A 91 37.12 30.16 14.42
C HIS A 91 37.47 28.93 15.23
N LYS A 92 38.76 28.79 15.52
CA LYS A 92 39.24 27.66 16.31
C LYS A 92 38.88 27.85 17.78
N GLN A 93 38.87 26.73 18.50
CA GLN A 93 38.60 26.73 19.94
C GLN A 93 39.63 25.84 20.62
N ASP A 94 40.17 26.32 21.73
CA ASP A 94 41.33 25.69 22.37
C ASP A 94 40.92 25.05 23.69
N GLY A 95 41.25 23.77 23.84
CA GLY A 95 41.02 23.06 25.08
C GLY A 95 42.23 23.12 25.99
N PRO A 96 42.10 22.60 27.22
CA PRO A 96 43.20 22.72 28.18
C PRO A 96 44.25 21.62 28.07
N GLY A 97 44.61 21.24 26.85
CA GLY A 97 45.68 20.28 26.66
C GLY A 97 46.45 20.49 25.37
N GLN A 98 46.15 21.56 24.66
CA GLN A 98 46.54 21.73 23.27
C GLN A 98 47.59 22.83 23.13
N ASP A 99 48.02 23.04 21.89
CA ASP A 99 48.92 24.12 21.54
C ASP A 99 48.11 25.41 21.40
N LYS A 100 48.72 26.44 20.80
CA LYS A 100 48.05 27.73 20.69
C LYS A 100 46.66 27.60 20.09
N MET A 101 46.50 26.76 19.07
CA MET A 101 45.24 26.63 18.37
C MET A 101 44.92 25.18 18.08
N LYS A 102 43.62 24.88 17.99
CA LYS A 102 43.12 23.59 17.54
C LYS A 102 41.74 23.79 16.95
N SER A 103 41.50 23.18 15.79
CA SER A 103 40.26 23.37 15.04
C SER A 103 39.33 22.18 15.28
N LEU A 104 38.11 22.48 15.72
CA LEU A 104 37.10 21.47 16.00
C LEU A 104 36.04 21.39 14.90
N TRP A 105 36.34 21.91 13.72
CA TRP A 105 35.35 21.90 12.64
C TRP A 105 34.87 20.50 12.26
N PRO A 106 35.70 19.45 12.21
CA PRO A 106 35.18 18.16 11.74
C PRO A 106 33.98 17.66 12.54
N HIS A 107 33.80 18.14 13.76
CA HIS A 107 32.60 17.77 14.52
C HIS A 107 31.34 18.26 13.84
N LYS A 108 31.41 19.41 13.17
CA LYS A 108 30.25 20.01 12.52
C LYS A 108 30.02 19.49 11.12
N ALA A 109 31.10 19.26 10.36
CA ALA A 109 31.01 18.82 8.98
C ALA A 109 31.03 17.30 8.84
N LEU A 110 30.62 16.57 9.88
CA LEU A 110 30.64 15.10 9.78
C LEU A 110 29.56 14.58 8.85
N PRO A 111 28.27 14.88 9.05
CA PRO A 111 27.25 14.35 8.12
C PRO A 111 27.46 14.82 6.68
N TYR A 112 27.92 16.05 6.48
CA TYR A 112 28.17 16.51 5.12
C TYR A 112 29.32 15.73 4.49
N SER A 113 30.37 15.44 5.27
CA SER A 113 31.45 14.62 4.74
C SER A 113 30.97 13.22 4.43
N LEU A 114 30.07 12.68 5.25
CA LEU A 114 29.52 11.35 4.96
C LEU A 114 28.71 11.38 3.67
N LEU A 115 27.92 12.44 3.45
CA LEU A 115 27.19 12.57 2.20
C LEU A 115 28.17 12.63 1.02
N ALA A 116 29.24 13.40 1.15
CA ALA A 116 30.21 13.50 0.07
C ALA A 116 30.84 12.13 -0.21
N LEU A 117 31.18 11.39 0.84
CA LEU A 117 31.77 10.08 0.65
C LEU A 117 30.80 9.11 -0.01
N ALA A 118 29.53 9.15 0.41
CA ALA A 118 28.53 8.28 -0.22
C ALA A 118 28.38 8.59 -1.70
N LEU A 119 28.32 9.88 -2.04
CA LEU A 119 28.22 10.27 -3.45
C LEU A 119 29.45 9.82 -4.21
N LEU A 120 30.64 9.98 -3.63
CA LEU A 120 31.86 9.58 -4.30
C LEU A 120 31.87 8.08 -4.56
N MET A 121 31.45 7.28 -3.58
CA MET A 121 31.48 5.83 -3.77
C MET A 121 30.37 5.36 -4.71
N TYR A 122 29.27 6.10 -4.79
CA TYR A 122 28.24 5.77 -5.76
C TYR A 122 28.60 6.22 -7.17
N LEU A 123 29.51 7.18 -7.31
CA LEU A 123 29.87 7.66 -8.65
C LEU A 123 30.43 6.57 -9.54
N PRO A 124 31.44 5.78 -9.13
CA PRO A 124 31.98 4.76 -10.05
C PRO A 124 30.94 3.72 -10.47
N VAL A 125 29.99 3.40 -9.61
CA VAL A 125 28.93 2.47 -9.99
C VAL A 125 28.12 3.06 -11.14
N LEU A 126 27.76 4.35 -11.03
CA LEU A 126 27.03 5.01 -12.10
C LEU A 126 27.86 5.05 -13.37
N LEU A 127 29.16 5.32 -13.24
CA LEU A 127 30.04 5.32 -14.41
C LEU A 127 30.01 3.98 -15.12
N TRP A 128 30.15 2.89 -14.35
CA TRP A 128 30.16 1.55 -14.95
C TRP A 128 28.82 1.25 -15.61
N GLN A 129 27.72 1.59 -14.94
CA GLN A 129 26.40 1.29 -15.47
C GLN A 129 26.14 2.05 -16.77
N TYR A 130 26.49 3.35 -16.80
CA TYR A 130 26.21 4.15 -17.98
C TYR A 130 27.23 3.93 -19.10
N ALA A 131 28.39 3.36 -18.78
CA ALA A 131 29.47 3.26 -19.76
C ALA A 131 29.70 1.85 -20.29
N ALA A 132 29.34 0.81 -19.53
CA ALA A 132 29.67 -0.55 -19.96
C ALA A 132 28.54 -1.54 -19.70
N VAL A 133 27.32 -1.09 -19.46
CA VAL A 133 26.19 -2.03 -19.33
C VAL A 133 25.67 -2.41 -20.71
N PRO A 134 25.49 -1.49 -21.66
CA PRO A 134 24.76 -1.88 -22.89
C PRO A 134 25.57 -2.76 -23.81
N ALA A 135 26.84 -2.42 -24.05
CA ALA A 135 27.67 -3.24 -24.91
C ALA A 135 27.83 -4.63 -24.33
N LEU A 136 28.07 -4.72 -23.02
CA LEU A 136 28.21 -6.02 -22.38
C LEU A 136 26.92 -6.82 -22.49
N SER A 137 25.77 -6.18 -22.27
CA SER A 137 24.50 -6.89 -22.37
C SER A 137 24.30 -7.44 -23.78
N SER A 138 24.57 -6.61 -24.79
CA SER A 138 24.40 -7.07 -26.17
C SER A 138 25.33 -8.24 -26.48
N ASP A 139 26.60 -8.13 -26.07
CA ASP A 139 27.56 -9.20 -26.35
C ASP A 139 27.13 -10.49 -25.67
N LEU A 140 26.72 -10.41 -24.40
CA LEU A 140 26.29 -11.61 -23.69
C LEU A 140 25.09 -12.23 -24.36
N LEU A 141 24.09 -11.42 -24.72
CA LEU A 141 22.89 -11.96 -25.36
C LEU A 141 23.23 -12.66 -26.66
N PHE A 142 24.02 -12.00 -27.51
CA PHE A 142 24.38 -12.61 -28.78
C PHE A 142 25.14 -13.91 -28.57
N ILE A 143 26.09 -13.91 -27.63
CA ILE A 143 26.94 -15.08 -27.44
C ILE A 143 26.11 -16.25 -26.94
N ILE A 144 25.20 -16.02 -25.99
CA ILE A 144 24.40 -17.13 -25.49
C ILE A 144 23.44 -17.62 -26.57
N SER A 145 22.87 -16.70 -27.35
CA SER A 145 21.98 -17.12 -28.43
C SER A 145 22.71 -18.00 -29.43
N GLU A 146 23.94 -17.64 -29.78
CA GLU A 146 24.72 -18.47 -30.69
C GLU A 146 25.12 -19.79 -30.02
N LEU A 147 25.43 -19.75 -28.73
CA LEU A 147 25.97 -20.93 -28.06
C LEU A 147 24.91 -22.01 -27.88
N ASP A 148 23.66 -21.63 -27.62
CA ASP A 148 22.63 -22.65 -27.45
C ASP A 148 22.47 -23.47 -28.72
N LYS A 149 22.33 -22.80 -29.87
CA LYS A 149 22.17 -23.53 -31.12
C LYS A 149 23.46 -24.24 -31.52
N SER A 150 24.62 -23.67 -31.17
CA SER A 150 25.88 -24.38 -31.41
C SER A 150 25.91 -25.70 -30.65
N TYR A 151 25.51 -25.69 -29.39
CA TYR A 151 25.46 -26.91 -28.60
C TYR A 151 24.46 -27.90 -29.19
N ASN A 152 23.31 -27.41 -29.64
CA ASN A 152 22.32 -28.31 -30.24
C ASN A 152 22.89 -28.98 -31.49
N ARG A 153 23.52 -28.20 -32.37
CA ARG A 153 24.11 -28.78 -33.57
C ARG A 153 25.21 -29.76 -33.24
N SER A 154 26.05 -29.43 -32.24
CA SER A 154 27.13 -30.34 -31.86
C SER A 154 26.58 -31.65 -31.30
N ILE A 155 25.54 -31.58 -30.47
CA ILE A 155 24.98 -32.80 -29.89
C ILE A 155 24.25 -33.61 -30.95
N ARG A 156 23.79 -32.97 -32.02
CA ARG A 156 23.08 -33.70 -33.06
C ARG A 156 23.94 -34.79 -33.68
N LEU A 157 25.26 -34.59 -33.75
CA LEU A 157 26.15 -35.52 -34.44
C LEU A 157 26.59 -36.70 -33.58
N VAL A 158 26.36 -36.65 -32.27
CA VAL A 158 26.83 -37.72 -31.39
C VAL A 158 26.11 -39.03 -31.68
N GLN A 159 24.87 -38.96 -32.17
CA GLN A 159 24.17 -40.20 -32.52
C GLN A 159 24.86 -40.91 -33.68
N HIS A 160 25.23 -40.17 -34.72
CA HIS A 160 25.98 -40.78 -35.83
C HIS A 160 27.33 -41.29 -35.34
N MET A 161 27.98 -40.53 -34.46
CA MET A 161 29.26 -41.00 -33.91
C MET A 161 29.08 -42.30 -33.15
N LEU A 162 27.98 -42.41 -32.39
CA LEU A 162 27.69 -43.63 -31.65
C LEU A 162 27.46 -44.80 -32.59
N LYS A 163 26.71 -44.58 -33.68
CA LYS A 163 26.50 -45.64 -34.65
C LYS A 163 27.82 -46.12 -35.24
N ILE A 164 28.69 -45.17 -35.59
CA ILE A 164 29.99 -45.53 -36.16
C ILE A 164 30.82 -46.31 -35.15
N ARG A 165 30.82 -45.86 -33.89
CA ARG A 165 31.59 -46.55 -32.86
C ARG A 165 31.05 -47.96 -32.63
N GLN A 166 29.73 -48.13 -32.66
CA GLN A 166 29.16 -49.47 -32.55
C GLN A 166 29.60 -50.34 -33.72
N LYS A 167 29.61 -49.78 -34.93
CA LYS A 167 30.03 -50.56 -36.08
C LYS A 167 31.49 -50.97 -35.98
N SER A 168 32.36 -50.06 -35.57
CA SER A 168 33.79 -50.32 -35.45
C SER A 168 34.28 -49.89 -34.08
N SER A 169 35.01 -50.78 -33.41
CA SER A 169 35.40 -50.56 -32.02
C SER A 169 36.82 -50.01 -31.86
N ASP A 170 37.65 -50.09 -32.89
CA ASP A 170 39.04 -49.67 -32.74
C ASP A 170 39.11 -48.16 -32.52
N PRO A 171 40.17 -47.67 -31.86
CA PRO A 171 40.30 -46.22 -31.64
C PRO A 171 40.79 -45.45 -32.85
N TYR A 172 41.48 -46.11 -33.78
CA TYR A 172 41.99 -45.41 -34.96
C TYR A 172 40.84 -44.84 -35.78
N VAL A 173 39.80 -45.65 -36.01
CA VAL A 173 38.63 -45.16 -36.73
C VAL A 173 37.93 -44.08 -35.93
N PHE A 174 37.92 -44.20 -34.61
CA PHE A 174 37.34 -43.15 -33.78
C PHE A 174 38.03 -41.82 -34.02
N TRP A 175 39.36 -41.80 -33.99
CA TRP A 175 40.10 -40.56 -34.21
C TRP A 175 39.88 -40.05 -35.63
N ASN A 176 39.90 -40.94 -36.62
CA ASN A 176 39.69 -40.52 -38.00
C ASN A 176 38.33 -39.89 -38.18
N GLU A 177 37.29 -40.50 -37.60
CA GLU A 177 35.94 -39.94 -37.73
C GLU A 177 35.79 -38.65 -36.95
N LEU A 178 36.46 -38.52 -35.80
CA LEU A 178 36.44 -37.26 -35.09
C LEU A 178 37.05 -36.14 -35.93
N GLU A 179 38.19 -36.42 -36.56
CA GLU A 179 38.81 -35.43 -37.43
C GLU A 179 37.90 -35.10 -38.62
N LYS A 180 37.26 -36.12 -39.20
CA LYS A 180 36.36 -35.89 -40.33
C LYS A 180 35.18 -35.02 -39.91
N ALA A 181 34.62 -35.29 -38.73
CA ALA A 181 33.52 -34.46 -38.24
C ALA A 181 33.99 -33.03 -38.01
N ARG A 182 35.17 -32.86 -37.42
CA ARG A 182 35.68 -31.51 -37.20
C ARG A 182 35.87 -30.77 -38.51
N LYS A 183 36.28 -31.47 -39.57
CA LYS A 183 36.49 -30.86 -40.88
C LYS A 183 35.22 -30.80 -41.72
N GLU A 184 34.12 -31.40 -41.26
CA GLU A 184 32.89 -31.41 -42.05
C GLU A 184 32.44 -30.02 -42.45
N ARG A 185 32.75 -29.00 -41.65
CA ARG A 185 32.39 -27.62 -41.91
C ARG A 185 30.92 -27.34 -41.63
N TYR A 186 30.19 -28.28 -41.01
CA TYR A 186 28.82 -28.05 -40.62
C TYR A 186 28.71 -27.24 -39.34
N PHE A 187 29.84 -26.92 -38.70
CA PHE A 187 29.88 -26.13 -37.48
C PHE A 187 31.17 -25.32 -37.52
N GLU A 188 31.61 -24.85 -36.34
CA GLU A 188 32.75 -23.98 -36.10
C GLU A 188 32.40 -22.51 -36.37
N PHE A 189 31.19 -22.20 -36.84
CA PHE A 189 30.60 -20.87 -36.71
C PHE A 189 31.59 -19.75 -36.99
N PRO A 190 31.96 -19.51 -38.25
CA PRO A 190 32.91 -18.42 -38.52
C PRO A 190 32.49 -17.10 -37.93
N LEU A 191 31.20 -16.91 -37.66
CA LEU A 191 30.74 -15.72 -36.95
C LEU A 191 31.43 -15.58 -35.60
N LEU A 192 31.38 -16.65 -34.80
CA LEU A 192 31.97 -16.60 -33.46
C LEU A 192 33.48 -16.42 -33.53
N GLU A 193 34.14 -17.10 -34.48
CA GLU A 193 35.59 -16.97 -34.59
C GLU A 193 35.99 -15.52 -34.79
N ARG A 194 35.40 -14.86 -35.79
CA ARG A 194 35.76 -13.48 -36.08
C ARG A 194 35.31 -12.53 -34.97
N TYR A 195 34.16 -12.82 -34.34
CA TYR A 195 33.71 -12.00 -33.23
C TYR A 195 34.71 -12.03 -32.07
N LEU A 196 35.17 -13.22 -31.70
CA LEU A 196 36.16 -13.34 -30.63
C LEU A 196 37.48 -12.70 -31.05
N ALA A 197 37.88 -12.88 -32.31
CA ALA A 197 39.11 -12.23 -32.77
C ALA A 197 39.02 -10.73 -32.62
N CYS A 198 37.87 -10.14 -32.98
CA CYS A 198 37.69 -8.71 -32.82
C CYS A 198 37.70 -8.31 -31.35
N LYS A 199 37.03 -9.08 -30.50
CA LYS A 199 36.96 -8.74 -29.08
C LYS A 199 38.35 -8.78 -28.44
N GLN A 200 39.18 -9.73 -28.85
CA GLN A 200 40.52 -9.85 -28.27
C GLN A 200 41.32 -8.57 -28.38
N ARG A 201 40.99 -7.70 -29.33
CA ARG A 201 41.65 -6.40 -29.48
C ARG A 201 40.95 -5.30 -28.70
N SER A 202 39.64 -5.42 -28.48
CA SER A 202 38.91 -4.40 -27.74
C SER A 202 39.41 -4.32 -26.31
N HIS A 203 39.38 -3.10 -25.76
CA HIS A 203 39.81 -2.86 -24.39
C HIS A 203 38.81 -2.01 -23.60
N SER A 204 37.64 -1.72 -24.16
CA SER A 204 36.69 -0.84 -23.47
C SER A 204 36.24 -1.44 -22.15
N LEU A 205 35.87 -2.71 -22.14
CA LEU A 205 35.31 -3.32 -20.94
C LEU A 205 36.37 -3.45 -19.85
N VAL A 206 37.57 -3.90 -20.20
CA VAL A 206 38.64 -3.98 -19.20
C VAL A 206 38.99 -2.59 -18.70
N ALA A 207 38.98 -1.59 -19.59
CA ALA A 207 39.28 -0.23 -19.17
C ALA A 207 38.26 0.26 -18.14
N THR A 208 36.98 0.04 -18.41
CA THR A 208 35.96 0.48 -17.47
C THR A 208 36.06 -0.27 -16.15
N TYR A 209 36.30 -1.58 -16.21
CA TYR A 209 36.41 -2.36 -14.97
C TYR A 209 37.58 -1.87 -14.12
N LEU A 210 38.76 -1.76 -14.73
CA LEU A 210 39.94 -1.31 -14.00
C LEU A 210 39.74 0.10 -13.48
N LEU A 211 39.11 0.98 -14.27
CA LEU A 211 38.88 2.34 -13.82
C LEU A 211 37.94 2.36 -12.61
N ARG A 212 36.89 1.55 -12.64
CA ARG A 212 35.97 1.50 -11.49
C ARG A 212 36.69 1.03 -10.24
N ASN A 213 37.47 -0.04 -10.36
CA ASN A 213 38.19 -0.55 -9.20
C ASN A 213 39.20 0.47 -8.69
N SER A 214 39.91 1.13 -9.60
CA SER A 214 40.89 2.13 -9.19
C SER A 214 40.22 3.32 -8.53
N LEU A 215 39.04 3.73 -9.02
CA LEU A 215 38.31 4.79 -8.35
C LEU A 215 37.92 4.39 -6.94
N LEU A 216 37.46 3.15 -6.77
CA LEU A 216 37.12 2.68 -5.43
C LEU A 216 38.34 2.75 -4.51
N LEU A 217 39.48 2.27 -4.99
CA LEU A 217 40.69 2.28 -4.17
C LEU A 217 41.13 3.70 -3.84
N ILE A 218 41.07 4.60 -4.82
CA ILE A 218 41.48 5.98 -4.60
C ILE A 218 40.57 6.65 -3.58
N PHE A 219 39.27 6.39 -3.65
CA PHE A 219 38.34 7.00 -2.70
C PHE A 219 38.54 6.43 -1.30
N THR A 220 38.86 5.13 -1.20
CA THR A 220 39.18 4.56 0.10
C THR A 220 40.42 5.22 0.70
N SER A 221 41.46 5.42 -0.13
CA SER A 221 42.65 6.10 0.36
C SER A 221 42.34 7.54 0.75
N ALA A 222 41.45 8.20 0.01
CA ALA A 222 41.06 9.56 0.35
C ALA A 222 40.36 9.60 1.71
N THR A 223 39.47 8.64 1.98
CA THR A 223 38.84 8.58 3.29
C THR A 223 39.86 8.34 4.37
N TYR A 224 40.84 7.48 4.11
CA TYR A 224 41.91 7.25 5.08
C TYR A 224 42.64 8.54 5.39
N LEU A 225 43.00 9.30 4.35
CA LEU A 225 43.70 10.56 4.57
C LEU A 225 42.83 11.55 5.34
N TYR A 226 41.54 11.63 5.00
CA TYR A 226 40.65 12.57 5.66
C TYR A 226 40.52 12.23 7.15
N LEU A 227 40.35 10.96 7.48
CA LEU A 227 40.21 10.56 8.87
C LEU A 227 41.54 10.52 9.61
N GLY A 228 42.67 10.58 8.89
CA GLY A 228 43.96 10.62 9.56
C GLY A 228 44.43 12.04 9.81
N HIS A 229 43.99 12.98 8.99
CA HIS A 229 44.42 14.36 9.11
C HIS A 229 43.48 15.18 9.99
N PHE A 230 42.16 15.00 9.82
CA PHE A 230 41.18 15.87 10.43
C PHE A 230 40.36 15.19 11.52
N HIS A 231 40.78 14.01 11.99
CA HIS A 231 40.05 13.35 13.07
C HIS A 231 40.98 12.94 14.20
N LEU A 232 42.21 12.53 13.88
CA LEU A 232 43.13 12.09 14.92
C LEU A 232 43.49 13.22 15.86
N ASP A 233 43.71 14.42 15.33
CA ASP A 233 44.11 15.54 16.18
C ASP A 233 43.06 15.86 17.23
N VAL A 234 41.79 15.86 16.84
CA VAL A 234 40.70 16.23 17.73
C VAL A 234 39.90 14.98 18.08
N PHE A 235 40.56 13.82 18.09
CA PHE A 235 39.83 12.58 18.34
C PHE A 235 39.16 12.59 19.71
N PHE A 236 39.88 13.03 20.74
CA PHE A 236 39.30 13.06 22.10
C PHE A 236 38.71 14.44 22.39
N GLN A 237 39.56 15.47 22.46
CA GLN A 237 39.11 16.85 22.56
C GLN A 237 37.86 17.00 23.40
N GLU A 238 37.93 16.63 24.68
CA GLU A 238 36.74 16.61 25.52
C GLU A 238 36.01 17.94 25.50
N GLU A 239 36.65 19.00 25.98
CA GLU A 239 36.04 20.31 26.11
C GLU A 239 36.82 21.34 25.30
N PHE A 240 36.21 22.50 25.12
CA PHE A 240 36.88 23.61 24.46
C PHE A 240 36.34 24.91 25.03
N SER A 241 37.19 25.93 25.03
CA SER A 241 36.89 27.22 25.65
C SER A 241 36.37 28.18 24.58
N CYS A 242 35.07 28.46 24.63
CA CYS A 242 34.43 29.33 23.65
C CYS A 242 34.50 30.79 24.10
N SER A 243 34.09 31.68 23.21
CA SER A 243 34.05 33.11 23.49
C SER A 243 32.95 33.76 22.67
N ILE A 244 32.26 34.72 23.26
CA ILE A 244 31.20 35.46 22.58
C ILE A 244 31.52 36.94 22.41
N LYS A 245 32.57 37.45 23.05
CA LYS A 245 32.90 38.86 22.96
C LYS A 245 33.56 39.22 21.64
N THR A 246 33.94 38.25 20.82
CA THR A 246 34.60 38.54 19.56
C THR A 246 33.74 39.41 18.65
N GLY A 247 32.42 39.39 18.84
CA GLY A 247 31.53 40.19 18.01
C GLY A 247 31.48 41.63 18.48
N LEU A 248 30.28 42.21 18.51
CA LEU A 248 30.13 43.60 18.89
C LEU A 248 29.89 43.80 20.37
N LEU A 249 29.42 42.76 21.08
CA LEU A 249 29.11 42.90 22.50
C LEU A 249 30.37 42.71 23.35
N SER A 250 31.40 43.45 22.99
CA SER A 250 32.66 43.44 23.73
C SER A 250 32.66 44.42 24.90
N ASP A 251 31.67 45.32 24.97
CA ASP A 251 31.56 46.28 26.06
C ASP A 251 30.58 45.84 27.13
N GLU A 252 30.07 44.61 27.04
CA GLU A 252 29.09 44.10 27.99
C GLU A 252 29.83 43.38 29.12
N THR A 253 29.91 44.01 30.28
CA THR A 253 30.54 43.39 31.43
C THR A 253 29.71 42.24 31.99
N HIS A 254 28.42 42.17 31.63
CA HIS A 254 27.58 41.10 32.15
C HIS A 254 28.06 39.73 31.70
N VAL A 255 28.40 39.59 30.43
CA VAL A 255 28.80 38.30 29.86
C VAL A 255 30.18 37.92 30.38
N PRO A 256 30.48 36.63 30.56
CA PRO A 256 31.86 36.24 30.88
C PRO A 256 32.75 36.33 29.65
N ASN A 257 34.07 36.33 29.86
CA ASN A 257 35.00 36.49 28.75
C ASN A 257 35.20 35.21 27.95
N LEU A 258 35.34 34.07 28.63
CA LEU A 258 35.80 32.83 28.01
C LEU A 258 34.92 31.66 28.44
N ILE A 259 33.61 31.78 28.24
CA ILE A 259 32.69 30.68 28.54
C ILE A 259 33.29 29.38 28.02
N THR A 260 33.38 28.38 28.88
CA THR A 260 34.07 27.13 28.59
C THR A 260 33.06 26.00 28.58
N CYS A 261 33.10 25.16 27.55
CA CYS A 261 32.11 24.11 27.45
C CYS A 261 32.58 22.99 26.54
N ARG A 262 31.72 21.98 26.39
CA ARG A 262 32.06 20.71 25.79
C ARG A 262 31.01 20.34 24.75
N LEU A 263 31.18 19.17 24.15
CA LEU A 263 30.30 18.65 23.12
C LEU A 263 29.97 17.20 23.45
N THR A 264 28.68 16.86 23.36
CA THR A 264 28.19 15.59 23.90
C THR A 264 28.34 14.43 22.92
N SER A 265 28.33 14.71 21.62
CA SER A 265 28.38 13.66 20.61
C SER A 265 29.79 13.17 20.31
N LEU A 266 30.73 13.41 21.23
CA LEU A 266 32.13 13.02 20.99
C LEU A 266 32.24 11.51 20.83
N SER A 267 31.53 10.75 21.66
CA SER A 267 31.61 9.29 21.57
C SER A 267 31.07 8.80 20.24
N ILE A 268 29.95 9.38 19.79
CA ILE A 268 29.37 9.00 18.50
C ILE A 268 30.35 9.32 17.37
N PHE A 269 31.01 10.47 17.46
CA PHE A 269 32.00 10.87 16.47
C PHE A 269 33.15 9.85 16.41
N GLN A 270 33.69 9.51 17.58
CA GLN A 270 34.78 8.54 17.66
C GLN A 270 34.36 7.20 17.06
N ILE A 271 33.18 6.72 17.45
CA ILE A 271 32.68 5.47 16.90
C ILE A 271 32.61 5.56 15.39
N VAL A 272 31.80 6.49 14.86
CA VAL A 272 31.63 6.64 13.43
C VAL A 272 32.99 6.56 12.72
N SER A 273 33.97 7.31 13.23
CA SER A 273 35.28 7.31 12.57
C SER A 273 35.90 5.92 12.56
N LEU A 274 35.95 5.27 13.73
CA LEU A 274 36.59 3.95 13.82
C LEU A 274 35.86 2.93 12.96
N SER A 275 34.53 2.96 13.00
CA SER A 275 33.72 2.02 12.24
C SER A 275 33.96 2.18 10.75
N SER A 276 34.00 3.42 10.26
CA SER A 276 34.25 3.63 8.84
C SER A 276 35.64 3.15 8.46
N VAL A 277 36.64 3.44 9.29
CA VAL A 277 38.00 2.98 9.01
C VAL A 277 38.02 1.46 8.88
N ALA A 278 37.39 0.78 9.83
CA ALA A 278 37.40 -0.69 9.82
C ALA A 278 36.68 -1.23 8.59
N ILE A 279 35.53 -0.63 8.26
CA ILE A 279 34.75 -1.14 7.12
C ILE A 279 35.56 -1.02 5.83
N TYR A 280 36.20 0.13 5.63
CA TYR A 280 36.92 0.31 4.37
C TYR A 280 38.23 -0.50 4.34
N THR A 281 38.84 -0.72 5.51
CA THR A 281 39.98 -1.64 5.54
C THR A 281 39.55 -3.05 5.16
N ILE A 282 38.37 -3.47 5.63
CA ILE A 282 37.82 -4.75 5.21
C ILE A 282 37.57 -4.79 3.71
N LEU A 283 37.02 -3.72 3.15
CA LEU A 283 36.66 -3.67 1.73
C LEU A 283 37.87 -3.64 0.81
N VAL A 284 39.00 -3.07 1.23
CA VAL A 284 40.17 -2.96 0.37
C VAL A 284 40.53 -4.31 -0.26
N PRO A 285 40.82 -5.35 0.54
CA PRO A 285 41.28 -6.61 -0.06
C PRO A 285 40.29 -7.23 -1.03
N VAL A 286 38.99 -7.06 -0.78
CA VAL A 286 37.99 -7.59 -1.70
C VAL A 286 38.13 -6.93 -3.06
N ILE A 287 38.32 -5.60 -3.08
CA ILE A 287 38.48 -4.89 -4.33
C ILE A 287 39.78 -5.29 -5.00
N ILE A 288 40.82 -5.53 -4.21
CA ILE A 288 42.10 -5.98 -4.80
C ILE A 288 41.91 -7.32 -5.48
N TYR A 289 41.18 -8.24 -4.83
CA TYR A 289 40.91 -9.54 -5.44
C TYR A 289 40.08 -9.39 -6.71
N ASN A 290 39.08 -8.50 -6.69
CA ASN A 290 38.27 -8.28 -7.88
C ASN A 290 39.13 -7.78 -9.03
N LEU A 291 40.04 -6.85 -8.76
CA LEU A 291 40.95 -6.38 -9.79
C LEU A 291 41.85 -7.51 -10.30
N THR A 292 42.38 -8.32 -9.38
CA THR A 292 43.23 -9.44 -9.77
C THR A 292 42.49 -10.49 -10.58
N ARG A 293 41.16 -10.54 -10.48
CA ARG A 293 40.40 -11.53 -11.22
C ARG A 293 40.73 -11.51 -12.71
N LEU A 294 41.00 -10.32 -13.26
CA LEU A 294 41.27 -10.21 -14.70
C LEU A 294 42.65 -10.70 -15.07
N CYS A 295 43.61 -10.64 -14.14
CA CYS A 295 44.99 -10.98 -14.48
C CYS A 295 45.14 -12.43 -14.92
N ARG A 296 44.24 -13.32 -14.50
CA ARG A 296 44.33 -14.74 -14.80
C ARG A 296 43.08 -15.18 -15.54
N TRP A 297 43.27 -16.00 -16.57
CA TRP A 297 42.14 -16.54 -17.31
C TRP A 297 41.33 -17.49 -16.43
N ASP A 298 40.02 -17.49 -16.64
CA ASP A 298 39.11 -18.35 -15.89
C ASP A 298 39.54 -19.80 -16.10
N LYS A 299 40.63 -23.36 -14.22
CA LYS A 299 41.28 -24.24 -15.19
C LYS A 299 40.46 -25.50 -15.42
N ARG A 300 39.84 -26.00 -14.35
CA ARG A 300 39.03 -27.21 -14.47
C ARG A 300 37.86 -26.99 -15.43
N LEU A 301 37.22 -25.82 -15.36
CA LEU A 301 36.14 -25.52 -16.29
C LEU A 301 36.66 -25.42 -17.72
N LEU A 302 37.88 -24.89 -17.90
CA LEU A 302 38.48 -24.83 -19.22
C LEU A 302 38.65 -26.23 -19.81
N SER A 303 39.19 -27.16 -19.02
CA SER A 303 39.34 -28.53 -19.50
C SER A 303 37.98 -29.19 -19.72
N VAL A 304 36.99 -28.83 -18.90
CA VAL A 304 35.65 -29.38 -19.07
C VAL A 304 35.08 -28.98 -20.42
N TYR A 305 35.20 -27.70 -20.76
CA TYR A 305 34.57 -27.18 -21.97
C TYR A 305 35.44 -27.32 -23.22
N GLU A 306 36.71 -27.71 -23.08
CA GLU A 306 37.55 -27.87 -24.26
C GLU A 306 37.04 -28.95 -25.19
N MET A 307 36.40 -29.99 -24.64
CA MET A 307 36.00 -31.14 -25.46
C MET A 307 34.99 -30.74 -26.52
N LEU A 308 33.91 -30.09 -26.12
CA LEU A 308 32.84 -29.80 -27.05
C LEU A 308 33.29 -28.78 -28.10
N PRO A 309 32.97 -28.99 -29.38
CA PRO A 309 33.31 -27.97 -30.39
C PRO A 309 32.68 -26.62 -30.13
N ALA A 310 31.48 -26.59 -29.55
CA ALA A 310 30.79 -25.32 -29.34
C ALA A 310 31.60 -24.41 -28.42
N PHE A 311 32.11 -24.96 -27.32
CA PHE A 311 32.98 -24.22 -26.42
C PHE A 311 34.44 -24.28 -26.82
N ASP A 312 34.79 -25.12 -27.80
CA ASP A 312 36.17 -25.22 -28.23
C ASP A 312 36.68 -23.90 -28.78
N LEU A 313 35.84 -23.21 -29.55
CA LEU A 313 36.30 -22.00 -30.25
C LEU A 313 36.80 -20.95 -29.28
N LEU A 314 36.06 -20.72 -28.19
CA LEU A 314 36.43 -19.68 -27.24
C LEU A 314 37.48 -20.14 -26.24
N SER A 315 37.85 -21.41 -26.24
CA SER A 315 38.84 -21.93 -25.29
C SER A 315 40.27 -21.89 -25.82
N ARG A 316 40.47 -21.56 -27.10
CA ARG A 316 41.80 -21.48 -27.67
C ARG A 316 42.38 -20.07 -27.62
N LYS A 317 41.69 -19.13 -26.97
CA LYS A 317 42.12 -17.74 -26.92
C LYS A 317 42.98 -17.42 -25.69
N MET A 318 43.27 -18.41 -24.85
CA MET A 318 44.00 -18.15 -23.62
C MET A 318 45.47 -17.79 -23.86
N LEU A 319 45.99 -18.06 -25.07
CA LEU A 319 47.39 -17.72 -25.33
C LEU A 319 47.63 -16.23 -25.17
N GLY A 320 46.68 -15.41 -25.60
CA GLY A 320 46.85 -13.96 -25.55
C GLY A 320 47.01 -13.41 -24.15
N CYS A 321 47.26 -12.11 -24.06
CA CYS A 321 47.42 -11.48 -22.76
C CYS A 321 46.12 -11.56 -21.97
N PRO A 322 46.17 -11.81 -20.66
CA PRO A 322 44.92 -11.88 -19.88
C PRO A 322 44.10 -10.61 -19.95
N ILE A 323 44.72 -9.45 -20.10
CA ILE A 323 44.00 -8.17 -20.10
C ILE A 323 43.46 -7.94 -21.51
N ASN A 324 42.26 -8.43 -21.76
CA ASN A 324 41.57 -8.20 -23.03
C ASN A 324 40.08 -8.12 -22.75
N ASP A 325 39.35 -7.50 -23.67
CA ASP A 325 37.91 -7.37 -23.48
C ASP A 325 37.26 -8.73 -23.30
N LEU A 326 37.65 -9.72 -24.10
CA LEU A 326 37.05 -11.05 -23.98
C LEU A 326 37.16 -11.62 -22.57
N ASN A 327 38.20 -11.24 -21.82
CA ASN A 327 38.35 -11.76 -20.46
C ASN A 327 37.16 -11.38 -19.60
N VAL A 328 36.73 -10.11 -19.66
CA VAL A 328 35.56 -9.69 -18.92
C VAL A 328 34.32 -10.44 -19.41
N ILE A 329 34.20 -10.59 -20.73
CA ILE A 329 33.08 -11.33 -21.27
C ILE A 329 33.15 -12.78 -20.80
N LEU A 330 34.36 -13.34 -20.71
CA LEU A 330 34.49 -14.70 -20.21
C LEU A 330 34.00 -14.80 -18.78
N LEU A 331 34.35 -13.81 -17.94
CA LEU A 331 33.89 -13.82 -16.56
C LEU A 331 32.37 -13.76 -16.49
N PHE A 332 31.75 -12.89 -17.29
CA PHE A 332 30.30 -12.78 -17.24
C PHE A 332 29.62 -14.04 -17.79
N LEU A 333 30.21 -14.64 -18.83
CA LEU A 333 29.67 -15.92 -19.32
C LEU A 333 29.75 -16.99 -18.25
N ARG A 334 30.88 -17.08 -17.53
CA ARG A 334 30.96 -18.09 -16.48
C ARG A 334 29.94 -17.81 -15.39
N ALA A 335 29.75 -16.54 -15.03
CA ALA A 335 28.79 -16.20 -13.99
C ALA A 335 27.36 -16.54 -14.41
N ASN A 336 27.02 -16.30 -15.68
CA ASN A 336 25.65 -16.51 -16.12
C ASN A 336 25.36 -17.99 -16.39
N ILE A 337 26.20 -18.63 -17.20
CA ILE A 337 25.96 -20.01 -17.62
C ILE A 337 25.75 -20.94 -16.43
N SER A 338 26.22 -20.55 -15.24
CA SER A 338 25.99 -21.36 -14.06
C SER A 338 24.51 -21.57 -13.78
N GLU A 339 23.66 -20.65 -14.24
CA GLU A 339 22.22 -20.76 -14.02
C GLU A 339 21.40 -20.68 -15.31
N LEU A 340 21.99 -20.40 -16.46
CA LEU A 340 21.23 -20.37 -17.70
C LEU A 340 20.63 -21.74 -18.01
N ILE A 341 21.41 -22.81 -17.80
CA ILE A 341 21.01 -24.21 -17.83
C ILE A 341 22.04 -25.02 -18.63
N SER A 342 22.78 -24.34 -19.49
CA SER A 342 23.67 -25.01 -20.45
C SER A 342 24.98 -25.54 -19.82
N PHE A 343 25.12 -25.60 -18.50
CA PHE A 343 26.35 -26.08 -17.87
C PHE A 343 26.18 -27.40 -17.13
N SER A 344 24.99 -27.68 -16.58
CA SER A 344 24.82 -28.86 -15.75
C SER A 344 24.96 -30.15 -16.52
N TRP A 345 24.79 -30.12 -17.84
CA TRP A 345 24.97 -31.32 -18.66
C TRP A 345 26.45 -31.58 -18.91
N LEU A 346 27.15 -30.61 -19.49
CA LEU A 346 28.56 -30.80 -19.80
C LEU A 346 29.38 -31.05 -18.53
N SER A 347 28.98 -30.48 -17.40
CA SER A 347 29.69 -30.76 -16.16
C SER A 347 29.65 -32.25 -15.84
N VAL A 348 28.47 -32.85 -15.91
CA VAL A 348 28.34 -34.27 -15.63
C VAL A 348 29.05 -35.11 -16.69
N LEU A 349 29.00 -34.67 -17.95
CA LEU A 349 29.68 -35.41 -19.00
C LEU A 349 31.19 -35.45 -18.75
N CYS A 350 31.77 -34.32 -18.34
CA CYS A 350 33.21 -34.31 -18.10
C CYS A 350 33.56 -35.01 -16.79
N VAL A 351 32.65 -35.01 -15.82
CA VAL A 351 32.84 -35.85 -14.64
C VAL A 351 32.87 -37.33 -15.05
N LEU A 352 31.98 -37.71 -15.98
CA LEU A 352 32.02 -39.06 -16.52
C LEU A 352 33.35 -39.36 -17.18
N LYS A 353 33.84 -38.41 -17.99
CA LYS A 353 35.13 -38.61 -18.65
C LYS A 353 36.25 -38.80 -17.64
N ASP A 354 36.26 -37.98 -16.58
CA ASP A 354 37.28 -38.11 -15.55
C ASP A 354 37.19 -39.47 -14.86
N THR A 355 35.97 -39.92 -14.56
CA THR A 355 35.81 -41.19 -13.87
C THR A 355 36.23 -42.36 -14.76
N THR A 356 35.98 -42.25 -16.06
CA THR A 356 36.31 -43.34 -16.97
C THR A 356 37.81 -43.64 -16.94
N THR A 357 38.13 -44.93 -16.96
CA THR A 357 39.53 -45.36 -16.93
C THR A 357 40.28 -44.86 -18.15
N ASP A 363 31.20 -45.57 -24.22
CA ASP A 363 30.18 -45.85 -23.22
C ASP A 363 29.76 -44.56 -22.50
N THR A 364 30.75 -43.77 -22.09
CA THR A 364 30.46 -42.50 -21.44
C THR A 364 29.72 -41.57 -22.39
N VAL A 365 30.17 -41.51 -23.65
CA VAL A 365 29.48 -40.69 -24.64
C VAL A 365 28.06 -41.19 -24.85
N VAL A 366 27.87 -42.51 -24.86
CA VAL A 366 26.54 -43.08 -25.03
C VAL A 366 25.64 -42.67 -23.87
N ASP A 367 26.14 -42.74 -22.64
CA ASP A 367 25.36 -42.33 -21.49
C ASP A 367 25.02 -40.84 -21.56
N PHE A 368 25.98 -40.02 -21.96
CA PHE A 368 25.73 -38.59 -22.08
C PHE A 368 24.65 -38.31 -23.12
N MET A 369 24.72 -38.99 -24.27
CA MET A 369 23.72 -38.80 -25.31
C MET A 369 22.34 -39.24 -24.84
N THR A 370 22.28 -40.38 -24.14
CA THR A 370 21.00 -40.84 -23.62
C THR A 370 20.42 -39.84 -22.62
N LEU A 371 21.26 -39.31 -21.73
CA LEU A 371 20.79 -38.32 -20.76
C LEU A 371 20.29 -37.07 -21.47
N LEU A 372 21.03 -36.60 -22.47
CA LEU A 372 20.61 -35.40 -23.20
C LEU A 372 19.27 -35.63 -23.91
N ALA A 373 19.11 -36.80 -24.53
CA ALA A 373 17.85 -37.11 -25.21
C ALA A 373 16.70 -37.18 -24.21
N GLY A 374 16.92 -37.80 -23.05
CA GLY A 374 15.90 -37.90 -22.03
C GLY A 374 15.44 -36.55 -21.50
N ARG B 20 5.27 -26.63 -14.30
CA ARG B 20 5.37 -27.61 -13.22
C ARG B 20 6.79 -27.70 -12.69
N ARG B 21 7.76 -27.77 -13.61
CA ARG B 21 9.15 -27.88 -13.20
C ARG B 21 9.63 -26.62 -12.50
N GLY B 22 9.39 -25.46 -13.10
CA GLY B 22 9.88 -24.21 -12.57
C GLY B 22 9.35 -23.91 -11.18
N PRO B 23 8.04 -24.06 -10.98
CA PRO B 23 7.51 -23.92 -9.62
C PRO B 23 8.15 -24.86 -8.63
N ARG B 24 8.45 -26.09 -9.06
CA ARG B 24 9.15 -27.01 -8.17
C ARG B 24 10.54 -26.49 -7.81
N LEU B 25 11.26 -25.95 -8.79
CA LEU B 25 12.58 -25.38 -8.51
C LEU B 25 12.48 -24.23 -7.51
N LYS B 26 11.49 -23.36 -7.68
CA LYS B 26 11.31 -22.26 -6.73
C LYS B 26 10.94 -22.78 -5.35
N GLY B 27 10.09 -23.80 -5.29
CA GLY B 27 9.66 -24.36 -4.02
C GLY B 27 10.68 -25.24 -3.33
N LEU B 28 11.78 -25.57 -4.01
CA LEU B 28 12.84 -26.34 -3.38
C LEU B 28 13.30 -25.66 -2.10
N ARG B 29 13.47 -26.44 -1.03
CA ARG B 29 13.91 -25.94 0.26
C ARG B 29 15.41 -26.16 0.38
N LEU B 30 16.15 -25.08 0.63
CA LEU B 30 17.61 -25.11 0.64
C LEU B 30 18.21 -24.73 1.99
N GLU B 31 17.41 -24.69 3.05
CA GLU B 31 17.92 -24.27 4.35
C GLU B 31 17.43 -25.13 5.50
N LEU B 32 16.72 -26.23 5.23
CA LEU B 32 16.19 -27.11 6.25
C LEU B 32 15.18 -26.37 7.12
N PRO B 33 14.23 -27.07 7.74
CA PRO B 33 13.20 -26.38 8.54
C PRO B 33 13.69 -25.99 9.92
N LEU B 34 14.50 -26.85 10.53
CA LEU B 34 14.91 -26.62 11.91
C LEU B 34 15.92 -25.48 12.03
N ASP B 35 16.95 -25.46 11.18
CA ASP B 35 17.97 -24.43 11.31
C ASP B 35 17.45 -23.06 10.94
N SER B 36 16.35 -22.98 10.19
CA SER B 36 15.78 -21.67 9.88
C SER B 36 15.33 -20.96 11.14
N ILE B 37 14.71 -21.70 12.07
CA ILE B 37 14.28 -21.08 13.33
C ILE B 37 15.49 -20.62 14.14
N VAL B 38 16.58 -21.38 14.11
CA VAL B 38 17.78 -20.98 14.82
C VAL B 38 18.35 -19.71 14.23
N LYS B 39 18.41 -19.63 12.91
CA LYS B 39 18.86 -18.40 12.26
C LYS B 39 17.98 -17.22 12.65
N ARG B 40 16.66 -17.41 12.58
CA ARG B 40 15.74 -16.32 12.90
C ARG B 40 15.94 -15.85 14.34
N VAL B 41 16.06 -16.79 15.28
CA VAL B 41 16.23 -16.42 16.68
C VAL B 41 17.55 -15.69 16.87
N ALA B 42 18.64 -16.26 16.37
CA ALA B 42 19.96 -15.70 16.61
C ALA B 42 20.13 -14.34 15.94
N VAL B 43 19.34 -14.06 14.91
CA VAL B 43 19.44 -12.76 14.23
C VAL B 43 18.41 -11.75 14.75
N GLY B 44 17.32 -12.21 15.37
CA GLY B 44 16.29 -11.31 15.83
C GLY B 44 16.38 -10.95 17.30
N SER B 45 16.82 -11.89 18.14
CA SER B 45 16.92 -11.61 19.57
C SER B 45 17.78 -10.40 19.86
N PRO B 46 19.03 -10.32 19.37
CA PRO B 46 19.79 -9.08 19.61
C PRO B 46 19.12 -7.85 19.06
N LEU B 47 18.45 -7.95 17.90
CA LEU B 47 17.75 -6.80 17.36
C LEU B 47 16.60 -6.37 18.27
N LEU B 48 15.84 -7.34 18.81
CA LEU B 48 14.75 -7.00 19.72
C LEU B 48 15.29 -6.35 20.99
N LEU B 49 16.39 -6.89 21.53
CA LEU B 49 16.97 -6.30 22.73
C LEU B 49 17.48 -4.89 22.46
N MET B 50 18.09 -4.67 21.29
CA MET B 50 18.53 -3.33 20.92
C MET B 50 17.36 -2.38 20.80
N SER B 51 16.25 -2.83 20.19
CA SER B 51 15.08 -1.98 20.08
C SER B 51 14.53 -1.64 21.45
N LEU B 52 14.52 -2.60 22.36
CA LEU B 52 14.06 -2.33 23.73
C LEU B 52 14.96 -1.31 24.40
N ALA B 53 16.27 -1.44 24.22
CA ALA B 53 17.21 -0.49 24.82
C ALA B 53 16.96 0.92 24.29
N PHE B 54 16.79 1.05 22.98
CA PHE B 54 16.52 2.36 22.39
C PHE B 54 15.19 2.92 22.87
N ALA B 55 14.17 2.06 22.99
CA ALA B 55 12.88 2.52 23.49
C ALA B 55 13.01 3.04 24.91
N GLN B 56 13.75 2.33 25.76
CA GLN B 56 13.96 2.81 27.13
C GLN B 56 14.72 4.13 27.12
N GLU B 57 15.74 4.25 26.28
CA GLU B 57 16.54 5.47 26.25
C GLU B 57 15.68 6.66 25.85
N PHE B 58 14.82 6.50 24.85
CA PHE B 58 13.97 7.59 24.39
C PHE B 58 12.72 7.78 25.26
N SER B 59 12.38 6.81 26.12
CA SER B 59 11.26 6.99 27.02
C SER B 59 11.68 7.69 28.30
N SER B 60 12.88 7.38 28.80
CA SER B 60 13.38 8.02 30.01
C SER B 60 13.83 9.46 29.77
N GLY B 61 13.92 9.90 28.53
CA GLY B 61 14.39 11.24 28.22
C GLY B 61 15.89 11.37 28.28
N SER B 62 16.49 10.95 29.38
CA SER B 62 17.93 10.95 29.56
C SER B 62 18.39 9.57 30.00
N PRO B 63 19.61 9.17 29.64
CA PRO B 63 20.10 7.85 30.07
C PRO B 63 20.42 7.79 31.55
N ILE B 64 20.86 8.91 32.12
CA ILE B 64 21.15 9.00 33.54
C ILE B 64 20.62 10.33 34.08
N SER B 65 20.45 10.38 35.40
CA SER B 65 20.04 11.59 36.10
C SER B 65 20.98 11.80 37.27
N CYS B 66 21.37 13.05 37.52
CA CYS B 66 22.34 13.35 38.56
C CYS B 66 21.79 14.37 39.55
N PHE B 67 22.28 14.26 40.78
CA PHE B 67 21.78 15.05 41.91
C PHE B 67 22.69 16.25 42.15
N SER B 68 22.52 17.24 41.27
CA SER B 68 23.31 18.46 41.35
C SER B 68 22.71 19.44 42.36
N PRO B 69 23.53 20.33 42.91
CA PRO B 69 23.03 21.25 43.94
C PRO B 69 21.88 22.11 43.43
N SER B 70 21.20 22.76 44.39
CA SER B 70 20.06 23.59 44.03
C SER B 70 20.49 24.86 43.32
N ASN B 71 21.72 25.32 43.55
CA ASN B 71 22.19 26.52 42.88
C ASN B 71 22.20 26.35 41.37
N PHE B 72 22.58 25.17 40.89
CA PHE B 72 22.67 24.92 39.47
C PHE B 72 21.34 25.22 38.78
N SER B 73 21.40 25.99 37.71
CA SER B 73 20.23 26.22 36.89
C SER B 73 19.89 24.95 36.11
N ILE B 74 18.88 25.03 35.26
CA ILE B 74 18.49 23.87 34.47
C ILE B 74 19.58 23.55 33.45
N ARG B 75 20.14 24.58 32.81
CA ARG B 75 21.16 24.35 31.79
C ARG B 75 22.43 23.76 32.41
N GLN B 76 22.85 24.26 33.57
CA GLN B 76 24.02 23.71 34.22
C GLN B 76 23.79 22.27 34.65
N ALA B 77 22.59 21.96 35.14
CA ALA B 77 22.28 20.58 35.52
C ALA B 77 22.30 19.66 34.31
N ALA B 78 21.75 20.11 33.18
CA ALA B 78 21.80 19.30 31.97
C ALA B 78 23.23 19.10 31.51
N TYR B 79 24.06 20.15 31.62
CA TYR B 79 25.47 20.01 31.27
C TYR B 79 26.16 18.98 32.15
N VAL B 80 25.87 18.99 33.45
CA VAL B 80 26.46 18.01 34.35
C VAL B 80 26.02 16.61 33.98
N ASP B 81 24.73 16.43 33.72
CA ASP B 81 24.22 15.13 33.32
C ASP B 81 24.95 14.63 32.07
N SER B 82 25.04 15.47 31.04
CA SER B 82 25.66 15.05 29.79
C SER B 82 27.15 14.76 29.97
N SER B 83 27.84 15.59 30.74
CA SER B 83 29.28 15.38 30.91
C SER B 83 29.58 14.15 31.75
N CYS B 84 28.71 13.82 32.71
CA CYS B 84 28.92 12.62 33.50
C CYS B 84 28.55 11.36 32.72
N TRP B 85 27.54 11.46 31.85
CA TRP B 85 27.15 10.29 31.05
C TRP B 85 28.12 10.04 29.91
N ASP B 86 28.69 11.09 29.33
CA ASP B 86 29.63 10.95 28.23
C ASP B 86 31.03 10.58 28.67
N SER B 87 31.33 10.69 29.97
CA SER B 87 32.65 10.37 30.50
C SER B 87 32.74 8.93 30.99
N LEU B 88 31.91 8.03 30.47
CA LEU B 88 32.00 6.62 30.80
C LEU B 88 33.01 5.90 29.92
N LEU B 89 32.87 6.04 28.60
CA LEU B 89 33.84 5.44 27.68
C LEU B 89 35.23 6.02 27.89
N HIS B 90 35.33 7.34 28.07
CA HIS B 90 36.63 7.99 28.16
C HIS B 90 37.32 7.69 29.48
N HIS B 91 36.58 7.74 30.58
CA HIS B 91 37.13 7.51 31.91
C HIS B 91 36.23 6.55 32.67
N LYS B 92 36.82 5.86 33.64
CA LYS B 92 36.10 4.94 34.50
C LYS B 92 35.61 5.68 35.74
N GLN B 93 34.49 5.23 36.28
CA GLN B 93 33.87 5.85 37.46
C GLN B 93 33.79 4.83 38.60
N ASP B 94 33.77 5.36 39.82
CA ASP B 94 33.87 4.55 41.03
C ASP B 94 32.59 4.68 41.85
N GLY B 95 32.02 3.53 42.23
CA GLY B 95 30.86 3.48 43.09
C GLY B 95 31.24 3.23 44.53
N PRO B 96 30.30 3.45 45.45
CA PRO B 96 30.63 3.34 46.88
C PRO B 96 30.51 1.93 47.44
N GLY B 97 30.95 0.93 46.68
CA GLY B 97 31.01 -0.43 47.19
C GLY B 97 32.14 -1.21 46.58
N GLN B 98 33.01 -0.54 45.83
CA GLN B 98 33.92 -1.18 44.90
C GLN B 98 35.36 -1.00 45.35
N ASP B 99 36.27 -1.46 44.50
CA ASP B 99 37.69 -1.28 44.71
C ASP B 99 38.08 0.13 44.29
N LYS B 100 39.38 0.39 44.11
CA LYS B 100 39.84 1.73 43.79
C LYS B 100 39.09 2.29 42.59
N MET B 101 38.76 1.46 41.60
CA MET B 101 38.10 1.96 40.41
C MET B 101 37.31 0.82 39.77
N LYS B 102 36.23 1.19 39.08
CA LYS B 102 35.42 0.23 38.33
C LYS B 102 35.07 0.84 36.98
N SER B 103 34.81 -0.05 36.01
CA SER B 103 34.55 0.33 34.63
C SER B 103 33.06 0.26 34.36
N LEU B 104 32.45 1.40 34.04
CA LEU B 104 31.03 1.48 33.74
C LEU B 104 30.76 1.68 32.25
N TRP B 105 31.75 1.42 31.40
CA TRP B 105 31.58 1.64 29.97
C TRP B 105 30.55 0.72 29.32
N PRO B 106 30.38 -0.53 29.75
CA PRO B 106 29.43 -1.40 29.03
C PRO B 106 28.02 -0.87 29.00
N HIS B 107 27.66 0.04 29.91
CA HIS B 107 26.33 0.63 29.87
C HIS B 107 26.11 1.45 28.61
N LYS B 108 27.14 2.17 28.16
CA LYS B 108 27.03 3.06 27.02
C LYS B 108 27.13 2.32 25.69
N ALA B 109 27.94 1.26 25.64
CA ALA B 109 28.19 0.53 24.40
C ALA B 109 27.27 -0.66 24.21
N LEU B 110 26.21 -0.77 25.03
CA LEU B 110 25.33 -1.93 24.93
C LEU B 110 24.66 -2.05 23.56
N PRO B 111 23.99 -1.03 23.04
CA PRO B 111 23.36 -1.19 21.72
C PRO B 111 24.35 -1.44 20.60
N TYR B 112 25.53 -0.81 20.65
CA TYR B 112 26.54 -1.06 19.63
C TYR B 112 27.05 -2.49 19.71
N SER B 113 27.24 -3.01 20.92
CA SER B 113 27.64 -4.41 21.06
C SER B 113 26.55 -5.35 20.55
N LEU B 114 25.28 -5.00 20.80
CA LEU B 114 24.19 -5.81 20.27
C LEU B 114 24.19 -5.81 18.74
N LEU B 115 24.43 -4.64 18.13
CA LEU B 115 24.53 -4.58 16.67
C LEU B 115 25.67 -5.44 16.16
N ALA B 116 26.83 -5.36 16.82
CA ALA B 116 27.96 -6.18 16.40
C ALA B 116 27.64 -7.66 16.52
N LEU B 117 26.96 -8.05 17.61
CA LEU B 117 26.59 -9.45 17.78
C LEU B 117 25.61 -9.90 16.71
N ALA B 118 24.64 -9.05 16.37
CA ALA B 118 23.69 -9.40 15.32
C ALA B 118 24.40 -9.59 13.99
N LEU B 119 25.33 -8.68 13.66
CA LEU B 119 26.08 -8.83 12.41
C LEU B 119 26.91 -10.10 12.42
N LEU B 120 27.56 -10.41 13.55
CA LEU B 120 28.34 -11.63 13.63
C LEU B 120 27.47 -12.86 13.45
N MET B 121 26.28 -12.86 14.07
CA MET B 121 25.38 -14.00 13.93
C MET B 121 24.89 -14.15 12.50
N TYR B 122 24.63 -13.04 11.82
CA TYR B 122 24.14 -13.10 10.45
C TYR B 122 25.24 -13.47 9.46
N LEU B 123 26.49 -13.19 9.80
CA LEU B 123 27.60 -13.48 8.87
C LEU B 123 27.64 -14.93 8.40
N PRO B 124 27.62 -15.94 9.28
CA PRO B 124 27.69 -17.31 8.79
C PRO B 124 26.54 -17.70 7.87
N VAL B 125 25.34 -17.14 8.09
CA VAL B 125 24.24 -17.39 7.18
C VAL B 125 24.58 -16.89 5.78
N LEU B 126 25.13 -15.68 5.70
CA LEU B 126 25.53 -15.13 4.41
C LEU B 126 26.62 -15.98 3.78
N LEU B 127 27.57 -16.45 4.59
CA LEU B 127 28.62 -17.31 4.07
C LEU B 127 28.04 -18.57 3.45
N TRP B 128 27.12 -19.23 4.16
CA TRP B 128 26.52 -20.45 3.64
C TRP B 128 25.73 -20.17 2.37
N GLN B 129 24.98 -19.08 2.36
CA GLN B 129 24.15 -18.75 1.20
C GLN B 129 25.01 -18.48 -0.03
N TYR B 130 26.10 -17.74 0.15
CA TYR B 130 26.92 -17.37 -1.00
C TYR B 130 27.90 -18.48 -1.39
N ALA B 131 28.15 -19.45 -0.51
CA ALA B 131 29.18 -20.45 -0.76
C ALA B 131 28.63 -21.84 -1.04
N ALA B 132 27.39 -22.14 -0.65
CA ALA B 132 26.89 -23.50 -0.80
C ALA B 132 25.44 -23.57 -1.27
N VAL B 133 24.86 -22.47 -1.73
CA VAL B 133 23.49 -22.50 -2.25
C VAL B 133 23.49 -22.99 -3.70
N PRO B 134 24.39 -22.52 -4.59
CA PRO B 134 24.20 -22.82 -6.01
C PRO B 134 24.50 -24.27 -6.36
N ALA B 135 25.62 -24.79 -5.86
CA ALA B 135 25.96 -26.18 -6.12
C ALA B 135 24.91 -27.11 -5.56
N LEU B 136 24.47 -26.86 -4.33
CA LEU B 136 23.44 -27.70 -3.73
C LEU B 136 22.15 -27.64 -4.54
N SER B 137 21.75 -26.44 -4.98
CA SER B 137 20.52 -26.32 -5.76
C SER B 137 20.62 -27.12 -7.05
N SER B 138 21.76 -27.00 -7.75
CA SER B 138 21.93 -27.72 -9.00
C SER B 138 21.88 -29.22 -8.77
N ASP B 139 22.60 -29.71 -7.74
CA ASP B 139 22.61 -31.14 -7.47
C ASP B 139 21.21 -31.64 -7.14
N LEU B 140 20.49 -30.90 -6.30
CA LEU B 140 19.14 -31.33 -5.91
C LEU B 140 18.22 -31.38 -7.12
N LEU B 141 18.20 -30.32 -7.93
CA LEU B 141 17.28 -30.29 -9.06
C LEU B 141 17.61 -31.40 -10.04
N PHE B 142 18.90 -31.60 -10.34
CA PHE B 142 19.26 -32.67 -11.27
C PHE B 142 18.83 -34.02 -10.72
N ILE B 143 19.09 -34.27 -9.43
CA ILE B 143 18.81 -35.58 -8.86
C ILE B 143 17.31 -35.86 -8.87
N ILE B 144 16.50 -34.87 -8.49
CA ILE B 144 15.05 -35.11 -8.46
C ILE B 144 14.51 -35.27 -9.88
N SER B 145 15.02 -34.48 -10.83
CA SER B 145 14.57 -34.60 -12.20
C SER B 145 14.86 -35.99 -12.75
N GLU B 146 16.04 -36.53 -12.47
CA GLU B 146 16.35 -37.88 -12.91
C GLU B 146 15.53 -38.91 -12.14
N LEU B 147 15.30 -38.68 -10.85
CA LEU B 147 14.66 -39.69 -10.01
C LEU B 147 13.19 -39.89 -10.36
N ASP B 148 12.48 -38.82 -10.75
CA ASP B 148 11.09 -39.00 -11.12
C ASP B 148 10.95 -39.97 -12.30
N LYS B 149 11.71 -39.73 -13.37
CA LYS B 149 11.67 -40.63 -14.52
C LYS B 149 12.25 -41.99 -14.18
N SER B 150 13.22 -42.05 -13.28
CA SER B 150 13.74 -43.35 -12.84
C SER B 150 12.65 -44.17 -12.18
N TYR B 151 11.85 -43.54 -11.31
CA TYR B 151 10.74 -44.25 -10.68
C TYR B 151 9.71 -44.68 -11.72
N ASN B 152 9.42 -43.81 -12.69
CA ASN B 152 8.46 -44.19 -13.73
C ASN B 152 8.95 -45.41 -14.51
N ARG B 153 10.22 -45.42 -14.90
CA ARG B 153 10.77 -46.56 -15.62
C ARG B 153 10.76 -47.82 -14.75
N SER B 154 11.08 -47.67 -13.46
CA SER B 154 11.09 -48.82 -12.57
C SER B 154 9.69 -49.42 -12.43
N ILE B 155 8.66 -48.56 -12.33
CA ILE B 155 7.31 -49.06 -12.15
C ILE B 155 6.69 -49.58 -13.43
N ARG B 156 7.17 -49.13 -14.60
CA ARG B 156 6.59 -49.63 -15.85
C ARG B 156 6.74 -51.15 -15.96
N LEU B 157 7.77 -51.73 -15.36
CA LEU B 157 8.04 -53.16 -15.44
C LEU B 157 7.18 -53.98 -14.47
N VAL B 158 6.50 -53.32 -13.54
CA VAL B 158 5.71 -54.04 -12.55
C VAL B 158 4.59 -54.82 -13.22
N GLN B 159 4.06 -54.32 -14.33
CA GLN B 159 2.98 -55.04 -15.03
C GLN B 159 3.47 -56.38 -15.55
N HIS B 160 4.62 -56.40 -16.22
CA HIS B 160 5.16 -57.66 -16.71
C HIS B 160 5.54 -58.57 -15.55
N MET B 161 6.09 -58.00 -14.47
CA MET B 161 6.42 -58.83 -13.31
C MET B 161 5.17 -59.48 -12.74
N LEU B 162 4.08 -58.72 -12.62
CA LEU B 162 2.83 -59.26 -12.11
C LEU B 162 2.29 -60.36 -13.02
N LYS B 163 2.37 -60.15 -14.34
CA LYS B 163 1.93 -61.19 -15.26
C LYS B 163 2.74 -62.47 -15.05
N ILE B 164 4.05 -62.34 -14.89
CA ILE B 164 4.90 -63.51 -14.68
C ILE B 164 4.54 -64.20 -13.37
N ARG B 165 4.31 -63.43 -12.32
CA ARG B 165 3.92 -64.03 -11.03
C ARG B 165 2.60 -64.78 -11.18
N GLN B 166 1.64 -64.20 -11.89
CA GLN B 166 0.36 -64.87 -12.09
C GLN B 166 0.55 -66.17 -12.86
N LYS B 167 1.39 -66.16 -13.89
CA LYS B 167 1.60 -67.37 -14.68
C LYS B 167 2.19 -68.49 -13.85
N SER B 168 3.19 -68.18 -13.03
CA SER B 168 3.85 -69.18 -12.18
C SER B 168 3.87 -68.67 -10.74
N SER B 169 3.39 -69.51 -9.82
CA SER B 169 3.23 -69.11 -8.43
C SER B 169 4.43 -69.40 -7.55
N ASP B 170 5.35 -70.26 -8.00
CA ASP B 170 6.47 -70.63 -7.15
C ASP B 170 7.37 -69.42 -6.90
N PRO B 171 8.03 -69.36 -5.74
CA PRO B 171 8.94 -68.23 -5.48
C PRO B 171 10.27 -68.33 -6.20
N TYR B 172 10.70 -69.53 -6.60
CA TYR B 172 11.98 -69.67 -7.28
C TYR B 172 11.98 -68.90 -8.60
N VAL B 173 10.92 -69.08 -9.40
CA VAL B 173 10.82 -68.35 -10.66
C VAL B 173 10.69 -66.86 -10.39
N PHE B 174 10.00 -66.48 -9.31
CA PHE B 174 9.90 -65.06 -8.96
C PHE B 174 11.27 -64.46 -8.73
N TRP B 175 12.10 -65.13 -7.93
CA TRP B 175 13.45 -64.62 -7.66
C TRP B 175 14.30 -64.61 -8.93
N ASN B 176 14.18 -65.66 -9.75
CA ASN B 176 14.95 -65.71 -10.98
C ASN B 176 14.58 -64.55 -11.90
N GLU B 177 13.28 -64.26 -12.03
CA GLU B 177 12.85 -63.17 -12.87
C GLU B 177 13.22 -61.82 -12.29
N LEU B 178 13.22 -61.70 -10.95
CA LEU B 178 13.69 -60.46 -10.34
C LEU B 178 15.16 -60.22 -10.68
N GLU B 179 15.99 -61.26 -10.57
CA GLU B 179 17.39 -61.11 -10.95
C GLU B 179 17.53 -60.79 -12.43
N LYS B 180 16.74 -61.43 -13.28
CA LYS B 180 16.80 -61.14 -14.71
C LYS B 180 16.42 -59.70 -15.00
N ALA B 181 15.37 -59.19 -14.34
CA ALA B 181 14.99 -57.79 -14.52
C ALA B 181 16.11 -56.86 -14.04
N ARG B 182 16.72 -57.18 -12.90
CA ARG B 182 17.81 -56.36 -12.41
C ARG B 182 18.97 -56.33 -13.39
N LYS B 183 19.25 -57.46 -14.05
CA LYS B 183 20.34 -57.55 -15.01
C LYS B 183 19.93 -57.10 -16.41
N GLU B 184 18.66 -56.79 -16.65
CA GLU B 184 18.21 -56.40 -17.98
C GLU B 184 18.98 -55.22 -18.55
N ARG B 185 19.54 -54.37 -17.70
CA ARG B 185 20.32 -53.21 -18.11
C ARG B 185 19.45 -52.08 -18.67
N TYR B 186 18.13 -52.17 -18.51
CA TYR B 186 17.24 -51.09 -18.93
C TYR B 186 17.16 -49.98 -17.90
N PHE B 187 17.82 -50.12 -16.76
CA PHE B 187 17.84 -49.11 -15.71
C PHE B 187 19.19 -49.21 -15.02
N GLU B 188 19.29 -48.64 -13.82
CA GLU B 188 20.48 -48.49 -12.99
C GLU B 188 21.31 -47.27 -13.41
N PHE B 189 20.92 -46.56 -14.47
CA PHE B 189 21.35 -45.18 -14.71
C PHE B 189 22.83 -44.98 -14.41
N PRO B 190 23.74 -45.48 -15.24
CA PRO B 190 25.17 -45.32 -14.93
C PRO B 190 25.57 -43.88 -14.66
N LEU B 191 24.80 -42.91 -15.14
CA LEU B 191 25.07 -41.51 -14.81
C LEU B 191 25.08 -41.29 -13.30
N LEU B 192 24.02 -41.74 -12.62
CA LEU B 192 23.93 -41.52 -11.18
C LEU B 192 24.97 -42.32 -10.42
N GLU B 193 25.32 -43.52 -10.91
CA GLU B 193 26.35 -44.30 -10.23
C GLU B 193 27.64 -43.50 -10.13
N ARG B 194 28.12 -42.98 -11.27
CA ARG B 194 29.38 -42.23 -11.26
C ARG B 194 29.21 -40.89 -10.54
N TYR B 195 28.03 -40.28 -10.65
CA TYR B 195 27.82 -39.01 -9.95
C TYR B 195 27.96 -39.19 -8.45
N LEU B 196 27.28 -40.20 -7.90
CA LEU B 196 27.39 -40.47 -6.47
C LEU B 196 28.80 -40.90 -6.09
N ALA B 197 29.46 -41.69 -6.94
CA ALA B 197 30.84 -42.07 -6.65
C ALA B 197 31.72 -40.83 -6.53
N CYS B 198 31.54 -39.85 -7.42
CA CYS B 198 32.30 -38.61 -7.35
C CYS B 198 31.94 -37.83 -6.08
N LYS B 199 30.64 -37.77 -5.75
CA LYS B 199 30.22 -36.98 -4.59
C LYS B 199 30.72 -37.58 -3.29
N GLN B 200 30.92 -38.90 -3.23
CA GLN B 200 31.44 -39.50 -2.02
C GLN B 200 32.82 -38.96 -1.65
N ARG B 201 33.53 -38.38 -2.60
CA ARG B 201 34.85 -37.81 -2.33
C ARG B 201 34.83 -36.30 -2.17
N SER B 202 33.80 -35.63 -2.69
CA SER B 202 33.67 -34.20 -2.49
C SER B 202 33.47 -33.90 -1.01
N HIS B 203 33.91 -32.70 -0.59
CA HIS B 203 33.78 -32.29 0.79
C HIS B 203 33.35 -30.84 0.94
N SER B 204 33.02 -30.14 -0.15
CA SER B 204 32.70 -28.72 -0.05
C SER B 204 31.46 -28.48 0.81
N LEU B 205 30.41 -29.27 0.60
CA LEU B 205 29.16 -29.02 1.31
C LEU B 205 29.30 -29.32 2.80
N VAL B 206 29.92 -30.46 3.14
CA VAL B 206 30.13 -30.78 4.55
C VAL B 206 31.05 -29.74 5.19
N ALA B 207 32.06 -29.29 4.45
CA ALA B 207 32.97 -28.28 4.99
C ALA B 207 32.21 -26.99 5.31
N THR B 208 31.37 -26.53 4.38
CA THR B 208 30.61 -25.31 4.63
C THR B 208 29.64 -25.48 5.78
N TYR B 209 28.96 -26.63 5.86
CA TYR B 209 28.01 -26.86 6.95
C TYR B 209 28.72 -26.85 8.30
N LEU B 210 29.81 -27.60 8.41
CA LEU B 210 30.56 -27.66 9.66
C LEU B 210 31.12 -26.29 10.02
N LEU B 211 31.62 -25.55 9.03
CA LEU B 211 32.16 -24.22 9.29
C LEU B 211 31.08 -23.29 9.80
N ARG B 212 29.88 -23.34 9.20
CA ARG B 212 28.80 -22.48 9.66
C ARG B 212 28.43 -22.80 11.10
N ASN B 213 28.27 -24.08 11.41
CA ASN B 213 27.90 -24.46 12.77
C ASN B 213 28.99 -24.07 13.77
N SER B 214 30.25 -24.27 13.39
CA SER B 214 31.36 -23.93 14.28
C SER B 214 31.44 -22.42 14.49
N LEU B 215 31.15 -21.63 13.45
CA LEU B 215 31.10 -20.19 13.62
C LEU B 215 30.00 -19.79 14.59
N LEU B 216 28.82 -20.42 14.47
CA LEU B 216 27.75 -20.15 15.42
C LEU B 216 28.20 -20.44 16.84
N LEU B 217 28.82 -21.60 17.06
CA LEU B 217 29.25 -21.97 18.40
C LEU B 217 30.32 -21.02 18.92
N ILE B 218 31.27 -20.64 18.07
CA ILE B 218 32.35 -19.75 18.49
C ILE B 218 31.78 -18.39 18.88
N PHE B 219 30.82 -17.88 18.10
CA PHE B 219 30.23 -16.59 18.42
C PHE B 219 29.41 -16.66 19.70
N THR B 220 28.73 -17.78 19.94
CA THR B 220 28.03 -17.94 21.21
C THR B 220 29.00 -17.93 22.38
N SER B 221 30.12 -18.62 22.25
CA SER B 221 31.12 -18.60 23.30
C SER B 221 31.71 -17.20 23.49
N ALA B 222 31.88 -16.46 22.40
CA ALA B 222 32.38 -15.10 22.49
C ALA B 222 31.40 -14.21 23.25
N THR B 223 30.10 -14.36 22.98
CA THR B 223 29.11 -13.60 23.74
C THR B 223 29.15 -13.98 25.21
N TYR B 224 29.32 -15.27 25.51
CA TYR B 224 29.44 -15.69 26.90
C TYR B 224 30.62 -15.01 27.58
N LEU B 225 31.77 -14.98 26.90
CA LEU B 225 32.94 -14.31 27.46
C LEU B 225 32.69 -12.82 27.65
N TYR B 226 32.06 -12.18 26.67
CA TYR B 226 31.79 -10.74 26.77
C TYR B 226 30.89 -10.43 27.95
N LEU B 227 29.83 -11.21 28.14
CA LEU B 227 28.91 -10.97 29.25
C LEU B 227 29.44 -11.48 30.58
N GLY B 228 30.49 -12.29 30.57
CA GLY B 228 31.08 -12.73 31.82
C GLY B 228 32.19 -11.82 32.30
N HIS B 229 32.85 -11.13 31.37
CA HIS B 229 33.96 -10.26 31.72
C HIS B 229 33.52 -8.82 31.96
N PHE B 230 32.63 -8.30 31.12
CA PHE B 230 32.30 -6.88 31.11
C PHE B 230 30.88 -6.59 31.58
N HIS B 231 30.19 -7.56 32.18
CA HIS B 231 28.85 -7.32 32.70
C HIS B 231 28.72 -7.75 34.15
N LEU B 232 29.37 -8.86 34.52
CA LEU B 232 29.26 -9.34 35.89
C LEU B 232 29.88 -8.38 36.89
N ASP B 233 31.01 -7.75 36.54
CA ASP B 233 31.68 -6.87 37.49
C ASP B 233 30.79 -5.70 37.89
N VAL B 234 30.07 -5.12 36.92
CA VAL B 234 29.24 -3.95 37.17
C VAL B 234 27.78 -4.31 36.94
N PHE B 235 27.40 -5.55 37.26
CA PHE B 235 26.04 -5.98 37.02
C PHE B 235 25.04 -5.11 37.77
N PHE B 236 25.32 -4.79 39.03
CA PHE B 236 24.39 -3.96 39.82
C PHE B 236 24.78 -2.49 39.75
N GLN B 237 25.93 -2.14 40.30
CA GLN B 237 26.53 -0.80 40.16
C GLN B 237 25.47 0.28 40.14
N GLU B 238 24.73 0.39 41.25
CA GLU B 238 23.60 1.31 41.32
C GLU B 238 24.02 2.73 40.94
N GLU B 239 24.90 3.33 41.73
CA GLU B 239 25.32 4.71 41.55
C GLU B 239 26.82 4.77 41.28
N PHE B 240 27.26 5.94 40.84
CA PHE B 240 28.69 6.18 40.66
C PHE B 240 28.96 7.67 40.83
N SER B 241 30.14 7.98 41.37
CA SER B 241 30.52 9.35 41.70
C SER B 241 31.28 9.96 40.53
N CYS B 242 30.63 10.87 39.82
CA CYS B 242 31.23 11.53 38.66
C CYS B 242 31.94 12.80 39.10
N SER B 243 32.68 13.39 38.16
CA SER B 243 33.44 14.60 38.41
C SER B 243 33.50 15.45 37.14
N ILE B 244 33.41 16.77 37.32
CA ILE B 244 33.46 17.70 36.19
C ILE B 244 34.69 18.61 36.25
N LYS B 245 35.37 18.70 37.39
CA LYS B 245 36.55 19.55 37.49
C LYS B 245 37.74 18.99 36.74
N THR B 246 37.67 17.74 36.27
CA THR B 246 38.82 17.14 35.58
C THR B 246 39.21 17.95 34.36
N GLY B 247 38.27 18.67 33.76
CA GLY B 247 38.56 19.47 32.59
C GLY B 247 39.27 20.76 32.96
N LEU B 248 38.99 21.83 32.21
CA LEU B 248 39.65 23.11 32.47
C LEU B 248 39.08 23.81 33.68
N LEU B 249 37.78 23.65 33.94
CA LEU B 249 37.10 24.41 35.00
C LEU B 249 37.43 23.82 36.38
N SER B 250 38.73 23.80 36.67
CA SER B 250 39.22 23.36 37.98
C SER B 250 39.33 24.51 38.96
N ASP B 251 39.33 25.75 38.49
CA ASP B 251 39.34 26.93 39.36
C ASP B 251 37.94 27.42 39.66
N GLU B 252 36.90 26.71 39.20
CA GLU B 252 35.52 27.11 39.42
C GLU B 252 35.08 26.61 40.79
N THR B 253 35.06 27.51 41.76
CA THR B 253 34.63 27.16 43.11
C THR B 253 33.12 26.97 43.20
N HIS B 254 32.36 27.51 42.25
CA HIS B 254 30.90 27.37 42.30
C HIS B 254 30.48 25.92 42.19
N VAL B 255 31.08 25.17 41.28
CA VAL B 255 30.71 23.78 41.04
C VAL B 255 31.15 22.92 42.23
N PRO B 256 30.47 21.80 42.52
CA PRO B 256 31.01 20.88 43.53
C PRO B 256 32.20 20.12 42.99
N ASN B 257 32.77 19.23 43.79
CA ASN B 257 33.96 18.48 43.39
C ASN B 257 33.65 17.11 42.83
N LEU B 258 32.72 16.38 43.45
CA LEU B 258 32.48 14.97 43.16
C LEU B 258 30.98 14.70 43.02
N ILE B 259 30.30 15.46 42.16
CA ILE B 259 28.88 15.25 41.90
C ILE B 259 28.63 13.75 41.77
N THR B 260 27.68 13.24 42.56
CA THR B 260 27.43 11.81 42.67
C THR B 260 26.07 11.50 42.10
N CYS B 261 25.99 10.51 41.22
CA CYS B 261 24.71 10.21 40.59
C CYS B 261 24.67 8.78 40.07
N ARG B 262 23.53 8.44 39.47
CA ARG B 262 23.17 7.07 39.14
C ARG B 262 22.67 7.02 37.70
N LEU B 263 22.31 5.81 37.27
CA LEU B 263 21.84 5.55 35.92
C LEU B 263 20.55 4.74 36.00
N THR B 264 19.53 5.19 35.26
CA THR B 264 18.18 4.66 35.43
C THR B 264 17.98 3.33 34.70
N SER B 265 18.68 3.11 33.59
CA SER B 265 18.45 1.94 32.75
C SER B 265 19.17 0.69 33.25
N LEU B 266 19.55 0.67 34.52
CA LEU B 266 20.29 -0.47 35.07
C LEU B 266 19.47 -1.75 34.99
N SER B 267 18.19 -1.67 35.32
CA SER B 267 17.34 -2.86 35.28
C SER B 267 17.20 -3.39 33.86
N ILE B 268 17.05 -2.49 32.88
CA ILE B 268 16.95 -2.90 31.49
C ILE B 268 18.24 -3.58 31.05
N PHE B 269 19.37 -3.03 31.48
CA PHE B 269 20.67 -3.62 31.17
C PHE B 269 20.78 -5.04 31.73
N GLN B 270 20.43 -5.19 33.00
CA GLN B 270 20.46 -6.50 33.66
C GLN B 270 19.58 -7.49 32.91
N ILE B 271 18.35 -7.08 32.60
CA ILE B 271 17.45 -7.95 31.86
C ILE B 271 18.10 -8.36 30.55
N VAL B 272 18.39 -7.40 29.68
CA VAL B 272 18.99 -7.68 28.37
C VAL B 272 20.09 -8.73 28.51
N SER B 273 21.00 -8.52 29.46
CA SER B 273 22.11 -9.46 29.61
C SER B 273 21.61 -10.87 29.94
N LEU B 274 20.74 -10.99 30.94
CA LEU B 274 20.27 -12.31 31.35
C LEU B 274 19.49 -12.99 30.23
N SER B 275 18.64 -12.22 29.54
CA SER B 275 17.83 -12.76 28.45
C SER B 275 18.71 -13.29 27.34
N SER B 276 19.74 -12.53 26.95
CA SER B 276 20.63 -12.99 25.89
C SER B 276 21.36 -14.26 26.31
N VAL B 277 21.83 -14.30 27.56
CA VAL B 277 22.52 -15.50 28.05
C VAL B 277 21.60 -16.71 27.95
N ALA B 278 20.36 -16.55 28.40
CA ALA B 278 19.42 -17.66 28.39
C ALA B 278 19.12 -18.11 26.96
N ILE B 279 18.91 -17.16 26.06
CA ILE B 279 18.57 -17.51 24.68
C ILE B 279 19.69 -18.30 24.04
N TYR B 280 20.94 -17.87 24.23
CA TYR B 280 22.03 -18.56 23.56
C TYR B 280 22.35 -19.89 24.24
N THR B 281 22.13 -20.00 25.56
CA THR B 281 22.24 -21.30 26.20
C THR B 281 21.21 -22.27 25.64
N ILE B 282 20.00 -21.78 25.38
CA ILE B 282 18.98 -22.60 24.71
C ILE B 282 19.44 -23.01 23.32
N LEU B 283 20.03 -22.09 22.56
CA LEU B 283 20.41 -22.35 21.18
C LEU B 283 21.59 -23.30 21.03
N VAL B 284 22.49 -23.35 22.00
CA VAL B 284 23.68 -24.20 21.89
C VAL B 284 23.32 -25.64 21.56
N PRO B 285 22.49 -26.31 22.36
CA PRO B 285 22.21 -27.74 22.11
C PRO B 285 21.59 -27.99 20.75
N VAL B 286 20.79 -27.05 20.24
CA VAL B 286 20.19 -27.23 18.92
C VAL B 286 21.28 -27.29 17.86
N ILE B 287 22.27 -26.40 17.97
CA ILE B 287 23.37 -26.40 16.99
C ILE B 287 24.21 -27.67 17.15
N ILE B 288 24.39 -28.13 18.39
CA ILE B 288 25.12 -29.38 18.59
C ILE B 288 24.40 -30.53 17.89
N TYR B 289 23.07 -30.57 18.01
CA TYR B 289 22.30 -31.61 17.32
C TYR B 289 22.41 -31.46 15.81
N ASN B 290 22.39 -30.23 15.32
CA ASN B 290 22.55 -30.01 13.87
C ASN B 290 23.87 -30.58 13.39
N LEU B 291 24.96 -30.34 14.14
CA LEU B 291 26.24 -30.95 13.80
C LEU B 291 26.19 -32.47 13.90
N THR B 292 25.54 -33.01 14.93
CA THR B 292 25.46 -34.46 15.08
C THR B 292 24.71 -35.10 13.93
N ARG B 293 23.78 -34.38 13.29
CA ARG B 293 23.00 -34.99 12.22
C ARG B 293 23.88 -35.58 11.13
N LEU B 294 25.06 -35.01 10.90
CA LEU B 294 25.92 -35.51 9.84
C LEU B 294 26.62 -36.81 10.22
N CYS B 295 26.95 -36.97 11.50
CA CYS B 295 27.69 -38.15 11.94
C CYS B 295 26.94 -39.44 11.64
N ARG B 296 25.61 -39.39 11.58
CA ARG B 296 24.79 -40.58 11.36
C ARG B 296 24.00 -40.41 10.07
N TRP B 297 23.81 -41.52 9.36
CA TRP B 297 23.02 -41.51 8.13
C TRP B 297 21.53 -41.54 8.46
N ASP B 298 20.74 -40.98 7.56
CA ASP B 298 19.29 -40.94 7.74
C ASP B 298 18.67 -42.29 7.40
N LYS B 299 16.85 -44.93 9.69
CA LYS B 299 17.12 -46.27 9.20
C LYS B 299 15.87 -46.87 8.55
N ARG B 300 14.70 -46.53 9.11
CA ARG B 300 13.45 -47.06 8.57
C ARG B 300 13.26 -46.61 7.12
N LEU B 301 13.56 -45.34 6.83
CA LEU B 301 13.44 -44.86 5.46
C LEU B 301 14.43 -45.57 4.54
N LEU B 302 15.63 -45.88 5.05
CA LEU B 302 16.61 -46.60 4.24
C LEU B 302 16.07 -47.98 3.84
N SER B 303 15.51 -48.72 4.81
CA SER B 303 14.95 -50.01 4.48
C SER B 303 13.72 -49.88 3.59
N VAL B 304 12.98 -48.78 3.74
CA VAL B 304 11.82 -48.55 2.89
C VAL B 304 12.25 -48.41 1.44
N TYR B 305 13.30 -47.64 1.20
CA TYR B 305 13.75 -47.35 -0.15
C TYR B 305 14.75 -48.36 -0.70
N GLU B 306 15.19 -49.32 0.13
CA GLU B 306 16.13 -50.33 -0.35
C GLU B 306 15.49 -51.26 -1.37
N MET B 307 14.17 -51.23 -1.49
CA MET B 307 13.50 -52.14 -2.42
C MET B 307 13.56 -51.62 -3.85
N LEU B 308 12.98 -50.44 -4.08
CA LEU B 308 12.87 -49.94 -5.45
C LEU B 308 14.25 -49.70 -6.05
N PRO B 309 14.52 -50.19 -7.26
CA PRO B 309 15.86 -50.00 -7.84
C PRO B 309 16.24 -48.54 -7.99
N ALA B 310 15.27 -47.64 -8.16
CA ALA B 310 15.59 -46.24 -8.35
C ALA B 310 16.32 -45.67 -7.15
N PHE B 311 15.87 -46.01 -5.94
CA PHE B 311 16.50 -45.53 -4.72
C PHE B 311 17.60 -46.46 -4.22
N ASP B 312 17.73 -47.66 -4.79
CA ASP B 312 18.77 -48.58 -4.33
C ASP B 312 20.15 -48.03 -4.61
N LEU B 313 20.34 -47.39 -5.77
CA LEU B 313 21.67 -46.95 -6.18
C LEU B 313 22.32 -46.09 -5.11
N LEU B 314 21.57 -45.13 -4.56
CA LEU B 314 22.08 -44.29 -3.49
C LEU B 314 22.00 -44.95 -2.12
N SER B 315 21.35 -46.10 -2.01
CA SER B 315 21.21 -46.80 -0.74
C SER B 315 22.38 -47.71 -0.41
N ARG B 316 23.21 -48.05 -1.39
CA ARG B 316 24.36 -48.91 -1.17
C ARG B 316 25.63 -48.13 -0.87
N LYS B 317 25.54 -46.81 -0.77
CA LYS B 317 26.69 -45.96 -0.48
C LYS B 317 26.91 -45.73 1.01
N MET B 318 26.09 -46.35 1.86
CA MET B 318 26.18 -46.12 3.30
C MET B 318 27.46 -46.68 3.91
N LEU B 319 28.16 -47.56 3.20
CA LEU B 319 29.35 -48.19 3.77
C LEU B 319 30.43 -47.16 4.10
N GLY B 320 30.51 -46.09 3.32
CA GLY B 320 31.58 -45.12 3.48
C GLY B 320 31.51 -44.34 4.79
N CYS B 321 32.39 -43.37 4.93
CA CYS B 321 32.42 -42.55 6.13
C CYS B 321 31.19 -41.64 6.18
N PRO B 322 30.61 -41.42 7.35
CA PRO B 322 29.43 -40.53 7.41
C PRO B 322 29.70 -39.13 6.90
N ILE B 323 30.93 -38.62 7.05
CA ILE B 323 31.23 -37.25 6.64
C ILE B 323 31.62 -37.24 5.18
N ASN B 324 30.63 -37.21 4.29
CA ASN B 324 30.84 -37.11 2.85
C ASN B 324 29.88 -36.07 2.31
N ASP B 325 30.23 -35.49 1.16
CA ASP B 325 29.36 -34.49 0.57
C ASP B 325 27.95 -35.03 0.35
N LEU B 326 27.83 -36.27 -0.12
CA LEU B 326 26.52 -36.86 -0.36
C LEU B 326 25.64 -36.84 0.87
N ASN B 327 26.22 -36.93 2.07
CA ASN B 327 25.42 -36.95 3.27
C ASN B 327 24.57 -35.71 3.41
N VAL B 328 25.14 -34.53 3.15
CA VAL B 328 24.36 -33.30 3.14
C VAL B 328 23.30 -33.37 2.05
N ILE B 329 23.68 -33.88 0.88
CA ILE B 329 22.72 -34.03 -0.21
C ILE B 329 21.63 -35.01 0.20
N LEU B 330 21.99 -36.08 0.92
CA LEU B 330 20.98 -37.02 1.39
C LEU B 330 20.02 -36.35 2.36
N LEU B 331 20.53 -35.50 3.25
CA LEU B 331 19.65 -34.79 4.17
C LEU B 331 18.68 -33.88 3.42
N PHE B 332 19.18 -33.16 2.42
CA PHE B 332 18.30 -32.27 1.68
C PHE B 332 17.29 -33.04 0.84
N LEU B 333 17.70 -34.18 0.27
CA LEU B 333 16.74 -35.02 -0.44
C LEU B 333 15.66 -35.53 0.50
N ARG B 334 16.03 -35.97 1.70
CA ARG B 334 15.01 -36.43 2.64
C ARG B 334 14.06 -35.29 3.01
N ALA B 335 14.62 -34.09 3.21
CA ALA B 335 13.78 -32.96 3.58
C ALA B 335 12.82 -32.59 2.46
N ASN B 336 13.28 -32.63 1.20
CA ASN B 336 12.46 -32.17 0.08
C ASN B 336 11.46 -33.22 -0.39
N ILE B 337 11.88 -34.48 -0.49
CA ILE B 337 11.00 -35.52 -1.03
C ILE B 337 9.76 -35.69 -0.17
N SER B 338 9.82 -35.27 1.11
CA SER B 338 8.65 -35.37 1.97
C SER B 338 7.47 -34.59 1.42
N GLU B 339 7.72 -33.58 0.59
CA GLU B 339 6.65 -32.77 0.01
C GLU B 339 6.66 -32.73 -1.51
N LEU B 340 7.70 -33.25 -2.17
CA LEU B 340 7.73 -33.20 -3.63
C LEU B 340 6.57 -33.96 -4.23
N ILE B 341 6.28 -35.16 -3.71
CA ILE B 341 5.15 -36.03 -4.04
C ILE B 341 5.66 -37.45 -4.22
N SER B 342 6.94 -37.59 -4.58
CA SER B 342 7.51 -38.90 -4.91
C SER B 342 7.67 -39.81 -3.69
N PHE B 343 7.29 -39.37 -2.50
CA PHE B 343 7.44 -40.18 -1.29
C PHE B 343 6.14 -40.81 -0.82
N SER B 344 4.98 -40.21 -1.14
CA SER B 344 3.73 -40.65 -0.56
C SER B 344 3.36 -42.08 -0.94
N TRP B 345 3.97 -42.64 -1.98
CA TRP B 345 3.60 -43.97 -2.47
C TRP B 345 4.45 -45.08 -1.87
N LEU B 346 5.78 -44.97 -2.00
CA LEU B 346 6.65 -46.04 -1.54
C LEU B 346 6.51 -46.26 -0.04
N SER B 347 6.20 -45.20 0.72
CA SER B 347 5.97 -45.38 2.15
C SER B 347 4.79 -46.32 2.40
N VAL B 348 3.69 -46.12 1.68
CA VAL B 348 2.53 -47.00 1.85
C VAL B 348 2.85 -48.40 1.34
N LEU B 349 3.62 -48.50 0.26
CA LEU B 349 3.98 -49.82 -0.25
C LEU B 349 4.80 -50.60 0.78
N CYS B 350 5.74 -49.92 1.44
CA CYS B 350 6.56 -50.61 2.44
C CYS B 350 5.76 -50.87 3.71
N VAL B 351 4.78 -50.02 4.03
CA VAL B 351 3.87 -50.35 5.12
C VAL B 351 3.10 -51.62 4.80
N LEU B 352 2.65 -51.76 3.55
CA LEU B 352 2.00 -52.99 3.11
C LEU B 352 2.95 -54.18 3.27
N LYS B 353 4.21 -54.01 2.87
CA LYS B 353 5.17 -55.08 3.00
C LYS B 353 5.35 -55.50 4.46
N ASP B 354 5.45 -54.52 5.35
CA ASP B 354 5.58 -54.82 6.77
C ASP B 354 4.35 -55.56 7.29
N THR B 355 3.16 -55.12 6.88
CA THR B 355 1.93 -55.77 7.34
C THR B 355 1.83 -57.20 6.81
N THR B 356 2.34 -57.45 5.61
CA THR B 356 2.24 -58.78 5.03
C THR B 356 2.96 -59.80 5.89
N THR B 357 2.38 -60.99 5.98
CA THR B 357 2.97 -62.08 6.77
C THR B 357 4.33 -62.47 6.23
N ASP B 363 0.71 -60.08 -4.06
CA ASP B 363 -0.54 -59.39 -3.75
C ASP B 363 -0.27 -57.93 -3.38
N THR B 364 0.71 -57.71 -2.50
CA THR B 364 1.09 -56.36 -2.13
C THR B 364 1.59 -55.58 -3.34
N VAL B 365 2.42 -56.22 -4.17
CA VAL B 365 2.90 -55.56 -5.38
C VAL B 365 1.74 -55.24 -6.31
N VAL B 366 0.77 -56.15 -6.41
CA VAL B 366 -0.40 -55.91 -7.26
C VAL B 366 -1.18 -54.70 -6.75
N ASP B 367 -1.39 -54.62 -5.44
CA ASP B 367 -2.10 -53.49 -4.87
C ASP B 367 -1.36 -52.19 -5.12
N PHE B 368 -0.03 -52.21 -4.95
CA PHE B 368 0.77 -51.02 -5.19
C PHE B 368 0.66 -50.58 -6.65
N MET B 369 0.73 -51.54 -7.58
CA MET B 369 0.63 -51.20 -9.00
C MET B 369 -0.75 -50.63 -9.31
N THR B 370 -1.81 -51.21 -8.75
CA THR B 370 -3.15 -50.68 -8.96
C THR B 370 -3.28 -49.27 -8.44
N LEU B 371 -2.74 -49.01 -7.24
CA LEU B 371 -2.79 -47.67 -6.68
C LEU B 371 -2.04 -46.68 -7.55
N LEU B 372 -0.85 -47.07 -8.02
CA LEU B 372 -0.07 -46.18 -8.88
C LEU B 372 -0.81 -45.88 -10.18
N ALA B 373 -1.42 -46.90 -10.78
CA ALA B 373 -2.17 -46.69 -12.01
C ALA B 373 -3.36 -45.76 -11.78
N GLY B 374 -4.07 -45.96 -10.68
CA GLY B 374 -5.21 -45.12 -10.36
C GLY B 374 -4.85 -43.66 -10.14
N ARG C 20 -8.25 -27.74 -9.36
CA ARG C 20 -9.24 -28.31 -8.46
C ARG C 20 -8.57 -29.02 -7.29
N ARG C 21 -7.61 -29.90 -7.61
CA ARG C 21 -6.92 -30.65 -6.56
C ARG C 21 -6.07 -29.72 -5.69
N GLY C 22 -5.24 -28.88 -6.32
CA GLY C 22 -4.33 -28.03 -5.60
C GLY C 22 -5.05 -27.09 -4.65
N PRO C 23 -6.09 -26.40 -5.14
CA PRO C 23 -6.90 -25.58 -4.22
C PRO C 23 -7.47 -26.37 -3.06
N ARG C 24 -7.86 -27.63 -3.30
CA ARG C 24 -8.34 -28.46 -2.21
C ARG C 24 -7.24 -28.71 -1.19
N LEU C 25 -6.03 -28.99 -1.65
CA LEU C 25 -4.92 -29.18 -0.71
C LEU C 25 -4.68 -27.92 0.10
N LYS C 26 -4.70 -26.75 -0.55
CA LYS C 26 -4.48 -25.51 0.19
C LYS C 26 -5.59 -25.27 1.20
N GLY C 27 -6.84 -25.55 0.82
CA GLY C 27 -7.97 -25.34 1.72
C GLY C 27 -8.12 -26.41 2.78
N LEU C 28 -7.33 -27.48 2.71
CA LEU C 28 -7.36 -28.50 3.76
C LEU C 28 -7.09 -27.86 5.12
N ARG C 29 -7.86 -28.27 6.12
CA ARG C 29 -7.74 -27.72 7.46
C ARG C 29 -6.88 -28.65 8.31
N LEU C 30 -5.89 -28.07 8.99
CA LEU C 30 -5.01 -28.82 9.89
C LEU C 30 -5.09 -28.28 11.32
N GLU C 31 -6.14 -27.54 11.64
CA GLU C 31 -6.35 -27.03 13.00
C GLU C 31 -7.85 -26.91 13.21
N LEU C 32 -8.36 -27.64 14.19
CA LEU C 32 -9.81 -27.69 14.38
C LEU C 32 -10.33 -26.28 14.63
N PRO C 33 -11.49 -25.92 14.07
CA PRO C 33 -11.96 -24.53 14.19
C PRO C 33 -12.01 -24.04 15.63
N LEU C 34 -12.43 -24.91 16.54
CA LEU C 34 -12.61 -24.49 17.93
C LEU C 34 -11.27 -24.16 18.58
N ASP C 35 -10.24 -24.96 18.31
CA ASP C 35 -8.93 -24.68 18.89
C ASP C 35 -8.30 -23.42 18.34
N SER C 36 -8.71 -22.98 17.14
CA SER C 36 -8.15 -21.75 16.59
C SER C 36 -8.48 -20.55 17.47
N ILE C 37 -9.72 -20.48 17.97
CA ILE C 37 -10.10 -19.37 18.83
C ILE C 37 -9.32 -19.40 20.13
N VAL C 38 -9.10 -20.60 20.68
CA VAL C 38 -8.32 -20.71 21.92
C VAL C 38 -6.89 -20.25 21.67
N LYS C 39 -6.30 -20.68 20.56
CA LYS C 39 -4.95 -20.22 20.21
C LYS C 39 -4.90 -18.70 20.13
N ARG C 40 -5.82 -18.11 19.37
CA ARG C 40 -5.81 -16.67 19.18
C ARG C 40 -5.99 -15.94 20.50
N VAL C 41 -6.93 -16.40 21.34
CA VAL C 41 -7.16 -15.73 22.62
C VAL C 41 -5.93 -15.84 23.51
N ALA C 42 -5.41 -17.05 23.68
CA ALA C 42 -4.29 -17.27 24.58
C ALA C 42 -3.01 -16.59 24.11
N VAL C 43 -2.89 -16.28 22.82
CA VAL C 43 -1.71 -15.58 22.32
C VAL C 43 -1.93 -14.06 22.21
N GLY C 44 -3.17 -13.59 22.17
CA GLY C 44 -3.43 -12.18 22.00
C GLY C 44 -3.75 -11.45 23.29
N SER C 45 -4.44 -12.11 24.21
CA SER C 45 -4.81 -11.46 25.47
C SER C 45 -3.60 -10.91 26.21
N PRO C 46 -2.55 -11.69 26.47
CA PRO C 46 -1.37 -11.09 27.11
C PRO C 46 -0.76 -9.96 26.29
N LEU C 47 -0.76 -10.08 24.96
CA LEU C 47 -0.24 -9.00 24.14
C LEU C 47 -1.07 -7.73 24.28
N LEU C 48 -2.40 -7.87 24.27
CA LEU C 48 -3.25 -6.69 24.44
C LEU C 48 -3.04 -6.06 25.82
N LEU C 49 -2.94 -6.88 26.86
CA LEU C 49 -2.71 -6.34 28.20
C LEU C 49 -1.37 -5.63 28.29
N MET C 50 -0.33 -6.19 27.66
CA MET C 50 0.97 -5.55 27.65
C MET C 50 0.92 -4.23 26.88
N SER C 51 0.20 -4.20 25.76
CA SER C 51 0.05 -2.95 25.03
C SER C 51 -0.65 -1.90 25.87
N LEU C 52 -1.68 -2.31 26.61
CA LEU C 52 -2.37 -1.37 27.51
C LEU C 52 -1.42 -0.86 28.59
N ALA C 53 -0.60 -1.75 29.15
CA ALA C 53 0.35 -1.33 30.17
C ALA C 53 1.34 -0.31 29.62
N PHE C 54 1.87 -0.57 28.42
CA PHE C 54 2.80 0.37 27.80
C PHE C 54 2.13 1.70 27.49
N ALA C 55 0.89 1.65 27.01
CA ALA C 55 0.16 2.88 26.73
C ALA C 55 -0.05 3.70 27.99
N GLN C 56 -0.40 3.04 29.11
CA GLN C 56 -0.53 3.75 30.37
C GLN C 56 0.81 4.34 30.81
N GLU C 57 1.89 3.57 30.68
CA GLU C 57 3.20 4.06 31.10
C GLU C 57 3.60 5.31 30.32
N PHE C 58 3.39 5.30 29.01
CA PHE C 58 3.75 6.45 28.19
C PHE C 58 2.73 7.58 28.26
N SER C 59 1.50 7.32 28.73
CA SER C 59 0.53 8.38 28.90
C SER C 59 0.75 9.13 30.21
N SER C 60 1.11 8.40 31.27
CA SER C 60 1.37 9.02 32.56
C SER C 60 2.70 9.75 32.61
N GLY C 61 3.57 9.54 31.63
CA GLY C 61 4.88 10.18 31.64
C GLY C 61 5.87 9.53 32.58
N SER C 62 5.49 9.41 33.85
CA SER C 62 6.31 8.76 34.86
C SER C 62 5.53 7.60 35.48
N PRO C 63 6.14 6.41 35.60
CA PRO C 63 5.41 5.30 36.22
C PRO C 63 4.98 5.59 37.66
N ILE C 64 5.77 6.36 38.40
CA ILE C 64 5.42 6.75 39.77
C ILE C 64 5.72 8.23 39.95
N SER C 65 5.10 8.81 40.97
CA SER C 65 5.31 10.20 41.35
C SER C 65 5.55 10.25 42.85
N CYS C 66 6.53 11.05 43.28
CA CYS C 66 6.91 11.12 44.68
C CYS C 66 6.82 12.53 45.22
N PHE C 67 6.56 12.62 46.52
CA PHE C 67 6.27 13.88 47.19
C PHE C 67 7.54 14.40 47.87
N SER C 68 8.45 14.91 47.03
CA SER C 68 9.70 15.43 47.52
C SER C 68 9.52 16.85 48.07
N PRO C 69 10.38 17.28 48.99
CA PRO C 69 10.20 18.61 49.61
C PRO C 69 10.24 19.72 48.56
N SER C 70 9.83 20.91 49.01
CA SER C 70 9.77 22.06 48.11
C SER C 70 11.18 22.52 47.72
N ASN C 71 12.16 22.31 48.60
CA ASN C 71 13.52 22.73 48.31
C ASN C 71 14.05 22.06 47.05
N PHE C 72 13.72 20.78 46.85
CA PHE C 72 14.22 20.06 45.70
C PHE C 72 13.83 20.76 44.41
N SER C 73 14.81 20.96 43.53
CA SER C 73 14.54 21.52 42.22
C SER C 73 13.84 20.47 41.36
N ILE C 74 13.58 20.83 40.10
CA ILE C 74 12.91 19.89 39.20
C ILE C 74 13.82 18.70 38.92
N ARG C 75 15.10 18.96 38.67
CA ARG C 75 16.02 17.87 38.37
C ARG C 75 16.21 16.94 39.57
N GLN C 76 16.31 17.50 40.76
CA GLN C 76 16.45 16.68 41.96
C GLN C 76 15.20 15.83 42.19
N ALA C 77 14.02 16.41 41.96
CA ALA C 77 12.79 15.64 42.12
C ALA C 77 12.72 14.51 41.09
N ALA C 78 13.11 14.80 39.85
CA ALA C 78 13.14 13.74 38.84
C ALA C 78 14.12 12.63 39.23
N TYR C 79 15.27 13.01 39.76
CA TYR C 79 16.24 12.02 40.22
C TYR C 79 15.65 11.16 41.33
N VAL C 80 14.95 11.78 42.27
CA VAL C 80 14.33 11.01 43.35
C VAL C 80 13.29 10.05 42.79
N ASP C 81 12.44 10.53 41.87
CA ASP C 81 11.45 9.66 41.27
C ASP C 81 12.10 8.45 40.60
N SER C 82 13.14 8.71 39.80
CA SER C 82 13.79 7.63 39.06
C SER C 82 14.47 6.65 40.01
N SER C 83 15.14 7.16 41.04
CA SER C 83 15.87 6.27 41.95
C SER C 83 14.91 5.45 42.81
N CYS C 84 13.74 6.01 43.12
CA CYS C 84 12.77 5.26 43.91
C CYS C 84 12.04 4.23 43.05
N TRP C 85 11.81 4.54 41.78
CA TRP C 85 11.13 3.59 40.90
C TRP C 85 12.07 2.48 40.45
N ASP C 86 13.35 2.78 40.27
CA ASP C 86 14.33 1.78 39.83
C ASP C 86 14.81 0.90 40.97
N SER C 87 14.54 1.27 42.22
CA SER C 87 14.96 0.50 43.38
C SER C 87 13.88 -0.46 43.86
N LEU C 88 12.98 -0.88 42.98
CA LEU C 88 11.99 -1.89 43.31
C LEU C 88 12.53 -3.30 43.11
N LEU C 89 13.11 -3.56 41.93
CA LEU C 89 13.70 -4.86 41.66
C LEU C 89 14.85 -5.17 42.60
N HIS C 90 15.47 -4.16 43.20
CA HIS C 90 16.66 -4.34 44.01
C HIS C 90 16.35 -4.48 45.49
N HIS C 91 15.60 -3.54 46.05
CA HIS C 91 15.31 -3.50 47.48
C HIS C 91 13.81 -3.37 47.70
N LYS C 92 13.35 -3.92 48.82
CA LYS C 92 11.94 -3.86 49.17
C LYS C 92 11.57 -2.45 49.64
N GLN C 93 10.27 -2.17 49.64
CA GLN C 93 9.73 -0.90 50.12
C GLN C 93 8.46 -1.18 50.90
N ASP C 94 8.31 -0.51 52.04
CA ASP C 94 7.28 -0.83 53.02
C ASP C 94 6.27 0.32 53.13
N GLY C 95 4.99 -0.02 53.05
CA GLY C 95 3.92 0.93 53.24
C GLY C 95 3.37 0.89 54.66
N PRO C 96 2.43 1.78 54.98
CA PRO C 96 1.93 1.87 56.36
C PRO C 96 0.82 0.90 56.68
N GLY C 97 0.91 -0.33 56.18
CA GLY C 97 -0.07 -1.35 56.53
C GLY C 97 0.52 -2.75 56.55
N GLN C 98 1.84 -2.84 56.41
CA GLN C 98 2.50 -4.09 56.06
C GLN C 98 3.36 -4.57 57.23
N ASP C 99 3.98 -5.72 57.02
CA ASP C 99 4.96 -6.26 57.97
C ASP C 99 6.30 -5.58 57.73
N LYS C 100 7.36 -6.17 58.29
CA LYS C 100 8.69 -5.55 58.19
C LYS C 100 9.05 -5.25 56.75
N MET C 101 8.72 -6.16 55.83
CA MET C 101 9.10 -6.01 54.43
C MET C 101 7.96 -6.43 53.52
N LYS C 102 7.91 -5.78 52.36
CA LYS C 102 7.00 -6.17 51.29
C LYS C 102 7.69 -5.90 49.96
N SER C 103 7.49 -6.81 49.00
CA SER C 103 8.17 -6.75 47.71
C SER C 103 7.23 -6.17 46.67
N LEU C 104 7.60 -5.04 46.09
CA LEU C 104 6.81 -4.37 45.05
C LEU C 104 7.38 -4.61 43.66
N TRP C 105 8.26 -5.60 43.51
CA TRP C 105 8.89 -5.87 42.22
C TRP C 105 7.89 -6.18 41.11
N PRO C 106 6.80 -6.92 41.36
CA PRO C 106 5.91 -7.27 40.23
C PRO C 106 5.38 -6.07 39.49
N HIS C 107 5.31 -4.90 40.12
CA HIS C 107 4.89 -3.70 39.40
C HIS C 107 5.83 -3.39 38.25
N LYS C 108 7.12 -3.69 38.41
CA LYS C 108 8.13 -3.37 37.40
C LYS C 108 8.24 -4.46 36.34
N ALA C 109 8.11 -5.72 36.74
CA ALA C 109 8.26 -6.85 35.84
C ALA C 109 6.93 -7.32 35.26
N LEU C 110 5.95 -6.42 35.11
CA LEU C 110 4.66 -6.83 34.57
C LEU C 110 4.72 -7.04 33.07
N PRO C 111 5.12 -6.06 32.25
CA PRO C 111 5.16 -6.32 30.80
C PRO C 111 6.11 -7.42 30.40
N TYR C 112 7.25 -7.56 31.10
CA TYR C 112 8.17 -8.65 30.79
C TYR C 112 7.53 -10.00 31.10
N SER C 113 6.81 -10.09 32.23
CA SER C 113 6.11 -11.32 32.53
C SER C 113 5.03 -11.62 31.51
N LEU C 114 4.34 -10.58 31.02
CA LEU C 114 3.34 -10.78 29.98
C LEU C 114 3.98 -11.30 28.70
N LEU C 115 5.13 -10.75 28.32
CA LEU C 115 5.84 -11.26 27.15
C LEU C 115 6.24 -12.72 27.35
N ALA C 116 6.75 -13.06 28.54
CA ALA C 116 7.12 -14.45 28.80
C ALA C 116 5.91 -15.35 28.70
N LEU C 117 4.77 -14.92 29.24
CA LEU C 117 3.55 -15.73 29.18
C LEU C 117 3.09 -15.90 27.74
N ALA C 118 3.15 -14.84 26.94
CA ALA C 118 2.76 -14.95 25.54
C ALA C 118 3.65 -15.94 24.80
N LEU C 119 4.96 -15.86 25.03
CA LEU C 119 5.87 -16.81 24.39
C LEU C 119 5.58 -18.24 24.84
N LEU C 120 5.32 -18.43 26.14
CA LEU C 120 5.00 -19.77 26.63
C LEU C 120 3.74 -20.31 25.98
N MET C 121 2.70 -19.47 25.87
CA MET C 121 1.47 -19.94 25.26
C MET C 121 1.64 -20.22 23.78
N TYR C 122 2.49 -19.45 23.10
CA TYR C 122 2.73 -19.70 21.68
C TYR C 122 3.60 -20.92 21.44
N LEU C 123 4.42 -21.30 22.42
CA LEU C 123 5.33 -22.43 22.24
C LEU C 123 4.63 -23.72 21.86
N PRO C 124 3.59 -24.18 22.58
CA PRO C 124 2.96 -25.45 22.20
C PRO C 124 2.36 -25.42 20.80
N VAL C 125 1.88 -24.27 20.34
CA VAL C 125 1.37 -24.16 18.97
C VAL C 125 2.50 -24.45 17.98
N LEU C 126 3.66 -23.83 18.21
CA LEU C 126 4.80 -24.08 17.35
C LEU C 126 5.22 -25.55 17.40
N LEU C 127 5.20 -26.14 18.60
CA LEU C 127 5.52 -27.56 18.73
C LEU C 127 4.59 -28.40 17.87
N TRP C 128 3.28 -28.15 17.97
CA TRP C 128 2.32 -28.94 17.20
C TRP C 128 2.54 -28.76 15.71
N GLN C 129 2.72 -27.52 15.27
CA GLN C 129 2.86 -27.24 13.85
C GLN C 129 4.12 -27.88 13.29
N TYR C 130 5.24 -27.80 14.01
CA TYR C 130 6.49 -28.38 13.52
C TYR C 130 6.54 -29.88 13.70
N ALA C 131 5.70 -30.46 14.57
CA ALA C 131 5.82 -31.87 14.91
C ALA C 131 4.73 -32.75 14.31
N ALA C 132 3.55 -32.19 14.01
CA ALA C 132 2.45 -33.04 13.55
C ALA C 132 1.63 -32.40 12.43
N VAL C 133 2.16 -31.40 11.73
CA VAL C 133 1.47 -30.84 10.58
C VAL C 133 1.73 -31.69 9.33
N PRO C 134 2.97 -32.12 9.06
CA PRO C 134 3.22 -32.73 7.73
C PRO C 134 2.63 -34.13 7.61
N ALA C 135 2.82 -34.97 8.63
CA ALA C 135 2.26 -36.31 8.58
C ALA C 135 0.74 -36.26 8.48
N LEU C 136 0.11 -35.39 9.27
CA LEU C 136 -1.34 -35.25 9.21
C LEU C 136 -1.79 -34.78 7.83
N SER C 137 -1.08 -33.80 7.26
CA SER C 137 -1.45 -33.31 5.94
C SER C 137 -1.37 -34.42 4.90
N SER C 138 -0.28 -35.20 4.93
CA SER C 138 -0.12 -36.28 3.97
C SER C 138 -1.22 -37.32 4.12
N ASP C 139 -1.49 -37.73 5.36
CA ASP C 139 -2.53 -38.74 5.59
C ASP C 139 -3.88 -38.24 5.12
N LEU C 140 -4.23 -37.00 5.44
CA LEU C 140 -5.52 -36.46 5.04
C LEU C 140 -5.65 -36.40 3.53
N LEU C 141 -4.64 -35.85 2.86
CA LEU C 141 -4.75 -35.72 1.40
C LEU C 141 -4.83 -37.08 0.73
N PHE C 142 -4.01 -38.04 1.18
CA PHE C 142 -4.08 -39.37 0.60
C PHE C 142 -5.46 -39.98 0.81
N ILE C 143 -6.00 -39.86 2.02
CA ILE C 143 -7.26 -40.51 2.34
C ILE C 143 -8.38 -39.91 1.50
N ILE C 144 -8.42 -38.58 1.39
CA ILE C 144 -9.51 -37.97 0.62
C ILE C 144 -9.36 -38.29 -0.87
N SER C 145 -8.11 -38.32 -1.37
CA SER C 145 -7.91 -38.66 -2.78
C SER C 145 -8.40 -40.06 -3.07
N GLU C 146 -8.11 -41.02 -2.18
CA GLU C 146 -8.63 -42.36 -2.36
C GLU C 146 -10.15 -42.39 -2.21
N LEU C 147 -10.69 -41.63 -1.26
CA LEU C 147 -12.10 -41.73 -0.92
C LEU C 147 -13.00 -41.21 -2.03
N ASP C 148 -12.57 -40.18 -2.76
CA ASP C 148 -13.41 -39.67 -3.84
C ASP C 148 -13.67 -40.77 -4.89
N LYS C 149 -12.59 -41.40 -5.36
CA LYS C 149 -12.76 -42.46 -6.36
C LYS C 149 -13.40 -43.70 -5.75
N SER C 150 -13.18 -43.95 -4.46
CA SER C 150 -13.88 -45.05 -3.81
C SER C 150 -15.38 -44.83 -3.83
N TYR C 151 -15.83 -43.61 -3.53
CA TYR C 151 -17.25 -43.30 -3.59
C TYR C 151 -17.78 -43.42 -5.01
N ASN C 152 -17.01 -42.96 -6.00
CA ASN C 152 -17.45 -43.09 -7.38
C ASN C 152 -17.63 -44.56 -7.77
N ARG C 153 -16.66 -45.40 -7.39
CA ARG C 153 -16.73 -46.83 -7.70
C ARG C 153 -17.90 -47.49 -6.98
N SER C 154 -18.15 -47.10 -5.73
CA SER C 154 -19.31 -47.64 -5.02
C SER C 154 -20.60 -47.22 -5.68
N ILE C 155 -20.67 -45.98 -6.17
CA ILE C 155 -21.91 -45.47 -6.76
C ILE C 155 -22.19 -46.15 -8.08
N ARG C 156 -21.16 -46.40 -8.89
CA ARG C 156 -21.40 -46.93 -10.23
C ARG C 156 -22.14 -48.27 -10.22
N LEU C 157 -22.09 -49.02 -9.11
CA LEU C 157 -22.80 -50.29 -9.02
C LEU C 157 -24.26 -50.12 -8.65
N VAL C 158 -24.67 -48.92 -8.22
CA VAL C 158 -26.05 -48.70 -7.82
C VAL C 158 -27.00 -48.90 -8.99
N GLN C 159 -26.55 -48.59 -10.21
CA GLN C 159 -27.42 -48.78 -11.38
C GLN C 159 -27.77 -50.25 -11.55
N HIS C 160 -26.75 -51.13 -11.52
CA HIS C 160 -27.01 -52.56 -11.63
C HIS C 160 -27.85 -53.05 -10.45
N MET C 161 -27.58 -52.52 -9.26
CA MET C 161 -28.36 -52.93 -8.10
C MET C 161 -29.83 -52.59 -8.30
N LEU C 162 -30.11 -51.39 -8.81
CA LEU C 162 -31.47 -50.96 -9.07
C LEU C 162 -32.13 -51.82 -10.13
N LYS C 163 -31.41 -52.15 -11.20
CA LYS C 163 -31.99 -53.01 -12.24
C LYS C 163 -32.35 -54.37 -11.66
N ILE C 164 -31.46 -54.94 -10.85
CA ILE C 164 -31.75 -56.25 -10.26
C ILE C 164 -32.95 -56.17 -9.33
N ARG C 165 -33.03 -55.11 -8.52
CA ARG C 165 -34.18 -54.94 -7.64
C ARG C 165 -35.47 -54.83 -8.45
N GLN C 166 -35.43 -54.08 -9.56
CA GLN C 166 -36.63 -53.93 -10.39
C GLN C 166 -37.05 -55.28 -10.98
N LYS C 167 -36.07 -56.08 -11.42
CA LYS C 167 -36.42 -57.37 -12.02
C LYS C 167 -37.11 -58.28 -11.03
N SER C 168 -36.60 -58.34 -9.79
CA SER C 168 -37.19 -59.17 -8.74
C SER C 168 -37.43 -58.32 -7.51
N SER C 169 -38.67 -58.31 -7.03
CA SER C 169 -39.07 -57.43 -5.95
C SER C 169 -38.87 -58.02 -4.56
N ASP C 170 -38.62 -59.33 -4.46
CA ASP C 170 -38.50 -59.95 -3.15
C ASP C 170 -37.26 -59.42 -2.43
N PRO C 171 -37.28 -59.36 -1.10
CA PRO C 171 -36.08 -58.90 -0.37
C PRO C 171 -34.98 -59.94 -0.27
N TYR C 172 -35.31 -61.23 -0.38
CA TYR C 172 -34.29 -62.27 -0.27
C TYR C 172 -33.26 -62.14 -1.39
N VAL C 173 -33.74 -61.96 -2.62
CA VAL C 173 -32.81 -61.79 -3.73
C VAL C 173 -32.04 -60.49 -3.58
N PHE C 174 -32.67 -59.46 -3.05
CA PHE C 174 -31.96 -58.19 -2.82
C PHE C 174 -30.79 -58.39 -1.85
N TRP C 175 -31.04 -59.08 -0.75
CA TRP C 175 -29.96 -59.33 0.22
C TRP C 175 -28.88 -60.22 -0.38
N ASN C 176 -29.27 -61.25 -1.13
CA ASN C 176 -28.30 -62.12 -1.76
C ASN C 176 -27.42 -61.35 -2.74
N GLU C 177 -28.02 -60.46 -3.54
CA GLU C 177 -27.25 -59.71 -4.51
C GLU C 177 -26.38 -58.66 -3.83
N LEU C 178 -26.85 -58.09 -2.71
CA LEU C 178 -26.01 -57.19 -1.93
C LEU C 178 -24.78 -57.92 -1.41
N GLU C 179 -24.96 -59.13 -0.87
CA GLU C 179 -23.82 -59.91 -0.41
C GLU C 179 -22.88 -60.25 -1.57
N LYS C 180 -23.45 -60.60 -2.73
CA LYS C 180 -22.62 -60.89 -3.89
C LYS C 180 -21.81 -59.68 -4.32
N ALA C 181 -22.44 -58.50 -4.34
CA ALA C 181 -21.71 -57.28 -4.67
C ALA C 181 -20.59 -57.02 -3.67
N ARG C 182 -20.89 -57.20 -2.38
CA ARG C 182 -19.85 -57.00 -1.36
C ARG C 182 -18.69 -57.96 -1.58
N LYS C 183 -18.96 -59.20 -1.96
CA LYS C 183 -17.92 -60.20 -2.18
C LYS C 183 -17.30 -60.12 -3.57
N GLU C 184 -17.81 -59.26 -4.45
CA GLU C 184 -17.29 -59.18 -5.81
C GLU C 184 -15.79 -58.90 -5.85
N ARG C 185 -15.24 -58.27 -4.82
CA ARG C 185 -13.82 -57.94 -4.73
C ARG C 185 -13.42 -56.79 -5.64
N TYR C 186 -14.39 -56.10 -6.24
CA TYR C 186 -14.09 -54.92 -7.06
C TYR C 186 -13.82 -53.68 -6.22
N PHE C 187 -13.99 -53.77 -4.90
CA PHE C 187 -13.76 -52.65 -4.02
C PHE C 187 -13.26 -53.21 -2.68
N GLU C 188 -13.34 -52.42 -1.62
CA GLU C 188 -12.84 -52.65 -0.28
C GLU C 188 -11.35 -52.31 -0.16
N PHE C 189 -10.67 -51.95 -1.27
CA PHE C 189 -9.40 -51.25 -1.24
C PHE C 189 -8.46 -51.81 -0.18
N PRO C 190 -7.87 -52.99 -0.38
CA PRO C 190 -6.96 -53.54 0.64
C PRO C 190 -5.87 -52.57 1.05
N LEU C 191 -5.58 -51.56 0.23
CA LEU C 191 -4.64 -50.51 0.64
C LEU C 191 -5.11 -49.82 1.91
N LEU C 192 -6.36 -49.36 1.92
CA LEU C 192 -6.88 -48.65 3.08
C LEU C 192 -7.04 -49.56 4.28
N GLU C 193 -7.39 -50.82 4.06
CA GLU C 193 -7.49 -51.76 5.18
C GLU C 193 -6.17 -51.83 5.93
N ARG C 194 -5.08 -52.08 5.20
CA ARG C 194 -3.77 -52.17 5.83
C ARG C 194 -3.35 -50.82 6.42
N TYR C 195 -3.65 -49.73 5.73
CA TYR C 195 -3.26 -48.41 6.22
C TYR C 195 -3.93 -48.11 7.55
N LEU C 196 -5.24 -48.37 7.67
CA LEU C 196 -5.93 -48.13 8.93
C LEU C 196 -5.47 -49.10 10.00
N ALA C 197 -5.18 -50.35 9.63
CA ALA C 197 -4.66 -51.30 10.61
C ALA C 197 -3.34 -50.78 11.19
N CYS C 198 -2.47 -50.26 10.34
CA CYS C 198 -1.21 -49.68 10.82
C CYS C 198 -1.46 -48.45 11.68
N LYS C 199 -2.38 -47.58 11.24
CA LYS C 199 -2.62 -46.33 11.98
C LYS C 199 -3.20 -46.59 13.36
N GLN C 200 -4.00 -47.65 13.49
CA GLN C 200 -4.63 -47.94 14.78
C GLN C 200 -3.60 -48.16 15.87
N ARG C 201 -2.37 -48.51 15.51
CA ARG C 201 -1.30 -48.68 16.48
C ARG C 201 -0.39 -47.46 16.60
N SER C 202 -0.37 -46.60 15.60
CA SER C 202 0.41 -45.37 15.69
C SER C 202 -0.13 -44.50 16.81
N HIS C 203 0.78 -43.78 17.47
CA HIS C 203 0.41 -42.92 18.59
C HIS C 203 1.04 -41.53 18.50
N SER C 204 1.72 -41.21 17.40
CA SER C 204 2.41 -39.93 17.31
C SER C 204 1.43 -38.76 17.38
N LEU C 205 0.34 -38.82 16.62
CA LEU C 205 -0.59 -37.70 16.56
C LEU C 205 -1.31 -37.50 17.89
N VAL C 206 -1.79 -38.59 18.50
CA VAL C 206 -2.43 -38.47 19.80
C VAL C 206 -1.43 -37.96 20.83
N ALA C 207 -0.19 -38.42 20.76
CA ALA C 207 0.82 -37.96 21.71
C ALA C 207 1.02 -36.45 21.58
N THR C 208 1.17 -35.96 20.34
CA THR C 208 1.37 -34.53 20.15
C THR C 208 0.15 -33.73 20.62
N TYR C 209 -1.06 -34.21 20.30
CA TYR C 209 -2.26 -33.50 20.71
C TYR C 209 -2.37 -33.41 22.22
N LEU C 210 -2.22 -34.56 22.89
CA LEU C 210 -2.31 -34.57 24.35
C LEU C 210 -1.21 -33.73 24.97
N LEU C 211 -0.01 -33.77 24.41
CA LEU C 211 1.08 -32.97 24.93
C LEU C 211 0.80 -31.48 24.79
N ARG C 212 0.25 -31.07 23.65
CA ARG C 212 -0.08 -29.66 23.46
C ARG C 212 -1.14 -29.21 24.47
N ASN C 213 -2.18 -30.01 24.65
CA ASN C 213 -3.24 -29.64 25.60
C ASN C 213 -2.69 -29.60 27.03
N SER C 214 -1.84 -30.58 27.39
CA SER C 214 -1.28 -30.60 28.73
C SER C 214 -0.35 -29.42 28.95
N LEU C 215 0.41 -29.02 27.92
CA LEU C 215 1.23 -27.83 28.05
C LEU C 215 0.38 -26.59 28.29
N LEU C 216 -0.74 -26.47 27.55
CA LEU C 216 -1.63 -25.34 27.77
C LEU C 216 -2.13 -25.32 29.20
N LEU C 217 -2.58 -26.47 29.71
CA LEU C 217 -3.09 -26.53 31.07
C LEU C 217 -2.00 -26.21 32.09
N ILE C 218 -0.80 -26.74 31.89
CA ILE C 218 0.29 -26.49 32.82
C ILE C 218 0.64 -25.01 32.84
N PHE C 219 0.66 -24.36 31.68
CA PHE C 219 0.98 -22.94 31.65
C PHE C 219 -0.12 -22.11 32.28
N THR C 220 -1.39 -22.51 32.11
CA THR C 220 -2.46 -21.82 32.80
C THR C 220 -2.31 -21.94 34.32
N SER C 221 -1.98 -23.14 34.80
CA SER C 221 -1.76 -23.31 36.24
C SER C 221 -0.57 -22.49 36.71
N ALA C 222 0.48 -22.39 35.88
CA ALA C 222 1.64 -21.59 36.24
C ALA C 222 1.27 -20.11 36.36
N THR C 223 0.45 -19.61 35.43
CA THR C 223 -0.01 -18.23 35.55
C THR C 223 -0.84 -18.03 36.80
N TYR C 224 -1.69 -18.99 37.14
CA TYR C 224 -2.45 -18.90 38.38
C TYR C 224 -1.52 -18.80 39.58
N LEU C 225 -0.49 -19.65 39.62
CA LEU C 225 0.47 -19.60 40.73
C LEU C 225 1.20 -18.27 40.77
N TYR C 226 1.60 -17.75 39.61
CA TYR C 226 2.30 -16.47 39.57
C TYR C 226 1.43 -15.35 40.10
N LEU C 227 0.18 -15.26 39.62
CA LEU C 227 -0.71 -14.20 40.06
C LEU C 227 -1.25 -14.42 41.46
N GLY C 228 -1.04 -15.60 42.04
CA GLY C 228 -1.45 -15.82 43.42
C GLY C 228 -0.35 -15.52 44.41
N HIS C 229 0.88 -15.92 44.08
CA HIS C 229 1.99 -15.73 45.01
C HIS C 229 2.48 -14.29 45.01
N PHE C 230 2.53 -13.64 43.85
CA PHE C 230 3.25 -12.39 43.69
C PHE C 230 2.35 -11.18 43.42
N HIS C 231 1.04 -11.38 43.25
CA HIS C 231 0.14 -10.27 42.98
C HIS C 231 -0.90 -10.06 44.08
N LEU C 232 -1.21 -11.08 44.87
CA LEU C 232 -2.18 -10.91 45.95
C LEU C 232 -1.57 -10.17 47.14
N ASP C 233 -0.29 -10.41 47.42
CA ASP C 233 0.34 -9.77 48.58
C ASP C 233 0.35 -8.25 48.42
N VAL C 234 0.65 -7.76 47.23
CA VAL C 234 0.77 -6.33 46.98
C VAL C 234 -0.32 -5.89 46.01
N PHE C 235 -1.49 -6.53 46.08
CA PHE C 235 -2.56 -6.19 45.15
C PHE C 235 -2.94 -4.72 45.27
N PHE C 236 -3.09 -4.22 46.49
CA PHE C 236 -3.47 -2.81 46.67
C PHE C 236 -2.23 -1.93 46.86
N GLN C 237 -1.49 -2.15 47.95
CA GLN C 237 -0.22 -1.47 48.18
C GLN C 237 -0.22 -0.04 47.67
N GLU C 238 -1.11 0.80 48.22
CA GLU C 238 -1.29 2.15 47.68
C GLU C 238 0.04 2.89 47.54
N GLU C 239 0.74 3.10 48.64
CA GLU C 239 1.98 3.87 48.66
C GLU C 239 3.10 3.02 49.25
N PHE C 240 4.33 3.54 49.15
CA PHE C 240 5.47 2.89 49.76
C PHE C 240 6.52 3.95 50.08
N SER C 241 7.27 3.71 51.15
CA SER C 241 8.24 4.67 51.66
C SER C 241 9.61 4.34 51.07
N CYS C 242 10.05 5.12 50.10
CA CYS C 242 11.33 4.93 49.45
C CYS C 242 12.46 5.58 50.25
N SER C 243 13.68 5.42 49.77
CA SER C 243 14.85 5.97 50.42
C SER C 243 15.97 6.12 49.41
N ILE C 244 16.75 7.20 49.54
CA ILE C 244 17.86 7.47 48.65
C ILE C 244 19.20 7.49 49.37
N LYS C 245 19.21 7.52 50.70
CA LYS C 245 20.47 7.58 51.44
C LYS C 245 21.22 6.26 51.45
N THR C 246 20.60 5.17 50.98
CA THR C 246 21.27 3.88 51.00
C THR C 246 22.57 3.91 50.22
N GLY C 247 22.66 4.77 49.20
CA GLY C 247 23.86 4.90 48.41
C GLY C 247 24.95 5.66 49.15
N LEU C 248 25.77 6.37 48.39
CA LEU C 248 26.88 7.11 49.00
C LEU C 248 26.41 8.40 49.68
N LEU C 249 25.36 9.03 49.15
CA LEU C 249 24.94 10.33 49.67
C LEU C 249 24.21 10.17 51.00
N SER C 250 24.89 9.57 51.98
CA SER C 250 24.35 9.44 53.32
C SER C 250 24.77 10.57 54.24
N ASP C 251 25.82 11.32 53.87
CA ASP C 251 26.28 12.46 54.64
C ASP C 251 25.63 13.75 54.19
N GLU C 252 24.71 13.70 53.24
CA GLU C 252 24.03 14.89 52.73
C GLU C 252 22.79 15.16 53.57
N THR C 253 22.86 16.20 54.40
CA THR C 253 21.73 16.56 55.24
C THR C 253 20.61 17.23 54.43
N HIS C 254 20.90 17.69 53.21
CA HIS C 254 19.90 18.37 52.42
C HIS C 254 18.72 17.45 52.11
N VAL C 255 19.01 16.22 51.70
CA VAL C 255 17.97 15.28 51.29
C VAL C 255 17.20 14.80 52.53
N PRO C 256 15.93 14.44 52.41
CA PRO C 256 15.25 13.80 53.53
C PRO C 256 15.72 12.37 53.70
N ASN C 257 15.25 11.70 54.75
CA ASN C 257 15.68 10.33 55.04
C ASN C 257 14.82 9.27 54.37
N LEU C 258 13.50 9.44 54.39
CA LEU C 258 12.56 8.40 54.00
C LEU C 258 11.49 8.97 53.08
N ILE C 259 11.90 9.62 51.99
CA ILE C 259 10.96 10.14 51.01
C ILE C 259 9.89 9.09 50.74
N THR C 260 8.63 9.48 50.89
CA THR C 260 7.49 8.56 50.84
C THR C 260 6.65 8.89 49.62
N CYS C 261 6.30 7.87 48.85
CA CYS C 261 5.55 8.12 47.64
C CYS C 261 4.82 6.86 47.17
N ARG C 262 4.12 7.02 46.05
CA ARG C 262 3.15 6.06 45.55
C ARG C 262 3.39 5.79 44.07
N LEU C 263 2.56 4.93 43.50
CA LEU C 263 2.64 4.53 42.11
C LEU C 263 1.27 4.64 41.47
N THR C 264 1.20 5.30 40.32
CA THR C 264 -0.07 5.69 39.74
C THR C 264 -0.76 4.55 38.98
N SER C 265 0.01 3.62 38.42
CA SER C 265 -0.55 2.56 37.58
C SER C 265 -1.11 1.38 38.38
N LEU C 266 -1.42 1.59 39.66
CA LEU C 266 -1.91 0.51 40.50
C LEU C 266 -3.22 -0.05 39.96
N SER C 267 -4.13 0.84 39.54
CA SER C 267 -5.42 0.38 39.04
C SER C 267 -5.25 -0.44 37.76
N ILE C 268 -4.35 -0.01 36.88
CA ILE C 268 -4.10 -0.75 35.64
C ILE C 268 -3.53 -2.12 35.98
N PHE C 269 -2.63 -2.18 36.95
CA PHE C 269 -2.06 -3.44 37.39
C PHE C 269 -3.14 -4.39 37.90
N GLN C 270 -3.99 -3.87 38.79
CA GLN C 270 -5.08 -4.68 39.33
C GLN C 270 -5.98 -5.21 38.22
N ILE C 271 -6.37 -4.33 37.30
CA ILE C 271 -7.21 -4.74 36.19
C ILE C 271 -6.51 -5.86 35.42
N VAL C 272 -5.34 -5.57 34.85
CA VAL C 272 -4.61 -6.57 34.07
C VAL C 272 -4.62 -7.92 34.75
N SER C 273 -4.30 -7.94 36.04
CA SER C 273 -4.25 -9.21 36.77
C SER C 273 -5.61 -9.91 36.75
N LEU C 274 -6.67 -9.18 37.15
CA LEU C 274 -7.99 -9.79 37.22
C LEU C 274 -8.47 -10.26 35.84
N SER C 275 -8.23 -9.44 34.82
CA SER C 275 -8.64 -9.78 33.46
C SER C 275 -7.96 -11.06 32.98
N SER C 276 -6.64 -11.17 33.21
CA SER C 276 -5.93 -12.37 32.79
C SER C 276 -6.46 -13.60 33.53
N VAL C 277 -6.70 -13.45 34.84
CA VAL C 277 -7.22 -14.58 35.61
C VAL C 277 -8.56 -15.03 35.03
N ALA C 278 -9.44 -14.08 34.75
CA ALA C 278 -10.76 -14.42 34.22
C ALA C 278 -10.65 -15.09 32.85
N ILE C 279 -9.78 -14.56 31.99
CA ILE C 279 -9.65 -15.10 30.64
C ILE C 279 -9.18 -16.55 30.70
N TYR C 280 -8.19 -16.84 31.53
CA TYR C 280 -7.68 -18.20 31.57
C TYR C 280 -8.61 -19.15 32.31
N THR C 281 -9.38 -18.65 33.28
CA THR C 281 -10.41 -19.48 33.87
C THR C 281 -11.47 -19.85 32.84
N ILE C 282 -11.82 -18.90 31.97
CA ILE C 282 -12.72 -19.19 30.85
C ILE C 282 -12.11 -20.24 29.92
N LEU C 283 -10.83 -20.11 29.59
CA LEU C 283 -10.17 -21.00 28.64
C LEU C 283 -9.97 -22.42 29.15
N VAL C 284 -9.84 -22.62 30.47
CA VAL C 284 -9.60 -23.95 31.02
C VAL C 284 -10.61 -24.96 30.49
N PRO C 285 -11.92 -24.76 30.73
CA PRO C 285 -12.90 -25.79 30.33
C PRO C 285 -12.89 -26.10 28.85
N VAL C 286 -12.61 -25.10 28.02
CA VAL C 286 -12.54 -25.33 26.57
C VAL C 286 -11.44 -26.32 26.25
N ILE C 287 -10.27 -26.14 26.87
CA ILE C 287 -9.16 -27.06 26.63
C ILE C 287 -9.49 -28.44 27.20
N ILE C 288 -10.20 -28.47 28.33
CA ILE C 288 -10.62 -29.77 28.87
C ILE C 288 -11.51 -30.51 27.88
N TYR C 289 -12.46 -29.80 27.28
CA TYR C 289 -13.32 -30.40 26.27
C TYR C 289 -12.53 -30.87 25.06
N ASN C 290 -11.56 -30.05 24.62
CA ASN C 290 -10.73 -30.44 23.48
C ASN C 290 -9.97 -31.72 23.77
N LEU C 291 -9.40 -31.84 24.97
CA LEU C 291 -8.74 -33.08 25.35
C LEU C 291 -9.72 -34.25 25.43
N THR C 292 -10.91 -34.02 25.98
CA THR C 292 -11.90 -35.09 26.10
C THR C 292 -12.37 -35.59 24.74
N ARG C 293 -12.33 -34.74 23.71
CA ARG C 293 -12.86 -35.15 22.40
C ARG C 293 -12.21 -36.44 21.91
N LEU C 294 -10.96 -36.70 22.28
CA LEU C 294 -10.29 -37.92 21.82
C LEU C 294 -10.84 -39.15 22.51
N CYS C 295 -11.28 -39.02 23.77
CA CYS C 295 -11.71 -40.17 24.54
C CYS C 295 -12.93 -40.86 23.93
N ARG C 296 -13.73 -40.13 23.15
CA ARG C 296 -14.96 -40.67 22.58
C ARG C 296 -14.84 -40.70 21.05
N TRP C 297 -15.18 -41.85 20.47
CA TRP C 297 -15.15 -41.97 19.02
C TRP C 297 -16.18 -41.04 18.40
N ASP C 298 -15.83 -40.47 17.25
CA ASP C 298 -16.71 -39.55 16.53
C ASP C 298 -18.06 -40.20 16.26
N LYS C 299 -22.49 -40.05 16.95
CA LYS C 299 -22.79 -41.43 16.63
C LYS C 299 -23.73 -41.51 15.42
N ARG C 300 -24.52 -40.45 15.22
CA ARG C 300 -25.42 -40.41 14.08
C ARG C 300 -24.65 -40.48 12.77
N LEU C 301 -23.52 -39.77 12.68
CA LEU C 301 -22.72 -39.80 11.47
C LEU C 301 -22.17 -41.20 11.20
N LEU C 302 -21.86 -41.95 12.27
CA LEU C 302 -21.36 -43.31 12.09
C LEU C 302 -22.41 -44.20 11.46
N SER C 303 -23.64 -44.15 11.97
CA SER C 303 -24.74 -44.90 11.36
C SER C 303 -25.04 -44.40 9.96
N VAL C 304 -24.79 -43.12 9.70
CA VAL C 304 -25.02 -42.57 8.37
C VAL C 304 -24.04 -43.18 7.38
N TYR C 305 -22.76 -43.23 7.74
CA TYR C 305 -21.72 -43.65 6.82
C TYR C 305 -21.44 -45.16 6.86
N GLU C 306 -22.06 -45.89 7.78
CA GLU C 306 -21.82 -47.33 7.83
C GLU C 306 -22.34 -48.04 6.59
N MET C 307 -23.43 -47.53 6.00
CA MET C 307 -24.06 -48.24 4.89
C MET C 307 -23.12 -48.33 3.69
N LEU C 308 -22.56 -47.20 3.26
CA LEU C 308 -21.77 -47.20 2.03
C LEU C 308 -20.49 -48.01 2.23
N PRO C 309 -20.10 -48.84 1.25
CA PRO C 309 -18.84 -49.59 1.39
C PRO C 309 -17.62 -48.69 1.53
N ALA C 310 -17.63 -47.52 0.89
CA ALA C 310 -16.46 -46.65 0.93
C ALA C 310 -16.11 -46.25 2.36
N PHE C 311 -17.11 -45.87 3.14
CA PHE C 311 -16.92 -45.55 4.55
C PHE C 311 -17.06 -46.77 5.45
N ASP C 312 -17.47 -47.91 4.91
CA ASP C 312 -17.66 -49.10 5.74
C ASP C 312 -16.34 -49.55 6.36
N LEU C 313 -15.26 -49.51 5.60
CA LEU C 313 -13.99 -50.04 6.09
C LEU C 313 -13.50 -49.29 7.32
N LEU C 314 -13.57 -47.96 7.29
CA LEU C 314 -13.06 -47.15 8.39
C LEU C 314 -14.04 -47.06 9.56
N SER C 315 -15.27 -47.54 9.39
CA SER C 315 -16.26 -47.48 10.45
C SER C 315 -16.26 -48.71 11.34
N ARG C 316 -15.48 -49.73 11.01
CA ARG C 316 -15.43 -50.96 11.78
C ARG C 316 -14.31 -50.97 12.82
N LYS C 317 -13.59 -49.87 12.96
CA LYS C 317 -12.42 -49.83 13.85
C LYS C 317 -12.74 -49.30 15.24
N MET C 318 -14.00 -48.98 15.53
CA MET C 318 -14.34 -48.40 16.83
C MET C 318 -14.19 -49.40 17.97
N LEU C 319 -14.02 -50.69 17.68
CA LEU C 319 -13.86 -51.67 18.75
C LEU C 319 -12.63 -51.37 19.59
N GLY C 320 -11.62 -50.76 18.98
CA GLY C 320 -10.36 -50.52 19.65
C GLY C 320 -10.43 -49.41 20.69
N CYS C 321 -9.32 -49.19 21.38
CA CYS C 321 -9.28 -48.15 22.39
C CYS C 321 -9.45 -46.77 21.74
N PRO C 322 -10.18 -45.85 22.38
CA PRO C 322 -10.37 -44.54 21.74
C PRO C 322 -9.07 -43.81 21.45
N ILE C 323 -8.06 -43.97 22.30
CA ILE C 323 -6.79 -43.27 22.12
C ILE C 323 -5.98 -44.00 21.04
N ASN C 324 -6.04 -43.50 19.81
CA ASN C 324 -5.27 -44.06 18.71
C ASN C 324 -5.06 -42.96 17.69
N ASP C 325 -4.01 -43.10 16.89
CA ASP C 325 -3.73 -42.10 15.87
C ASP C 325 -4.90 -41.94 14.92
N LEU C 326 -5.53 -43.05 14.53
CA LEU C 326 -6.68 -42.97 13.63
C LEU C 326 -7.77 -42.06 14.19
N ASN C 327 -7.89 -41.99 15.52
CA ASN C 327 -8.92 -41.15 16.11
C ASN C 327 -8.72 -39.69 15.74
N VAL C 328 -7.49 -39.19 15.85
CA VAL C 328 -7.21 -37.81 15.46
C VAL C 328 -7.45 -37.64 13.97
N ILE C 329 -7.03 -38.62 13.18
CA ILE C 329 -7.26 -38.58 11.74
C ILE C 329 -8.76 -38.58 11.46
N LEU C 330 -9.52 -39.33 12.25
CA LEU C 330 -10.98 -39.32 12.10
C LEU C 330 -11.54 -37.94 12.39
N LEU C 331 -11.05 -37.29 13.45
CA LEU C 331 -11.53 -35.95 13.77
C LEU C 331 -11.25 -34.98 12.63
N PHE C 332 -10.05 -35.05 12.05
CA PHE C 332 -9.73 -34.15 10.95
C PHE C 332 -10.54 -34.47 9.70
N LEU C 333 -10.80 -35.76 9.42
CA LEU C 333 -11.69 -36.08 8.31
C LEU C 333 -13.08 -35.52 8.52
N ARG C 334 -13.62 -35.64 9.74
CA ARG C 334 -14.95 -35.11 9.99
C ARG C 334 -14.95 -33.59 9.82
N ALA C 335 -13.89 -32.93 10.30
CA ALA C 335 -13.81 -31.48 10.16
C ALA C 335 -13.73 -31.05 8.70
N ASN C 336 -12.97 -31.78 7.89
CA ASN C 336 -12.77 -31.38 6.49
C ASN C 336 -13.96 -31.75 5.61
N ILE C 337 -14.37 -33.02 5.63
CA ILE C 337 -15.41 -33.51 4.75
C ILE C 337 -16.68 -32.67 4.84
N SER C 338 -16.85 -31.92 5.94
CA SER C 338 -18.00 -31.04 6.05
C SER C 338 -18.02 -29.97 4.96
N GLU C 339 -16.88 -29.69 4.33
CA GLU C 339 -16.80 -28.67 3.30
C GLU C 339 -16.12 -29.13 2.02
N LEU C 340 -15.54 -30.33 1.99
CA LEU C 340 -14.91 -30.80 0.74
C LEU C 340 -15.94 -30.91 -0.37
N ILE C 341 -17.11 -31.49 -0.08
CA ILE C 341 -18.27 -31.60 -0.97
C ILE C 341 -18.87 -32.99 -0.82
N SER C 342 -18.04 -33.97 -0.45
CA SER C 342 -18.48 -35.36 -0.42
C SER C 342 -19.50 -35.65 0.67
N PHE C 343 -19.71 -34.74 1.61
CA PHE C 343 -20.63 -34.97 2.72
C PHE C 343 -22.07 -34.63 2.38
N SER C 344 -22.29 -33.73 1.42
CA SER C 344 -23.64 -33.20 1.18
C SER C 344 -24.60 -34.27 0.66
N TRP C 345 -24.10 -35.38 0.14
CA TRP C 345 -24.95 -36.38 -0.49
C TRP C 345 -25.40 -37.46 0.49
N LEU C 346 -24.45 -38.16 1.10
CA LEU C 346 -24.78 -39.29 1.95
C LEU C 346 -25.64 -38.85 3.14
N SER C 347 -25.47 -37.62 3.61
CA SER C 347 -26.33 -37.12 4.68
C SER C 347 -27.79 -37.11 4.24
N VAL C 348 -28.07 -36.60 3.05
CA VAL C 348 -29.44 -36.58 2.55
C VAL C 348 -29.92 -37.99 2.28
N LEU C 349 -29.05 -38.87 1.78
CA LEU C 349 -29.45 -40.25 1.53
C LEU C 349 -29.87 -40.94 2.81
N CYS C 350 -29.11 -40.74 3.89
CA CYS C 350 -29.47 -41.38 5.16
C CYS C 350 -30.66 -40.70 5.82
N VAL C 351 -30.87 -39.41 5.55
CA VAL C 351 -32.12 -38.77 5.97
C VAL C 351 -33.30 -39.44 5.27
N LEU C 352 -33.15 -39.72 3.97
CA LEU C 352 -34.19 -40.46 3.26
C LEU C 352 -34.41 -41.82 3.89
N LYS C 353 -33.32 -42.53 4.22
CA LYS C 353 -33.46 -43.85 4.83
C LYS C 353 -34.20 -43.76 6.16
N ASP C 354 -33.86 -42.78 6.98
CA ASP C 354 -34.54 -42.62 8.26
C ASP C 354 -36.03 -42.31 8.07
N THR C 355 -36.35 -41.43 7.11
CA THR C 355 -37.74 -41.07 6.90
C THR C 355 -38.55 -42.23 6.32
N THR C 356 -37.92 -43.09 5.53
CA THR C 356 -38.62 -44.22 4.94
C THR C 356 -39.14 -45.16 6.02
N THR C 357 -40.33 -45.71 5.79
CA THR C 357 -40.95 -46.63 6.73
C THR C 357 -40.06 -47.85 6.95
N ASP C 363 -36.64 -47.59 -3.66
CA ASP C 363 -37.16 -46.26 -3.93
C ASP C 363 -36.17 -45.19 -3.47
N THR C 364 -35.74 -45.28 -2.20
CA THR C 364 -34.76 -44.34 -1.69
C THR C 364 -33.44 -44.44 -2.46
N VAL C 365 -33.00 -45.67 -2.74
CA VAL C 365 -31.77 -45.85 -3.50
C VAL C 365 -31.93 -45.27 -4.90
N VAL C 366 -33.10 -45.47 -5.52
CA VAL C 366 -33.35 -44.93 -6.85
C VAL C 366 -33.28 -43.41 -6.82
N ASP C 367 -33.91 -42.80 -5.82
CA ASP C 367 -33.87 -41.34 -5.71
C ASP C 367 -32.44 -40.84 -5.51
N PHE C 368 -31.67 -41.53 -4.66
CA PHE C 368 -30.28 -41.14 -4.43
C PHE C 368 -29.47 -41.24 -5.72
N MET C 369 -29.66 -42.32 -6.48
CA MET C 369 -28.95 -42.49 -7.73
C MET C 369 -29.33 -41.40 -8.72
N THR C 370 -30.62 -41.07 -8.81
CA THR C 370 -31.05 -40.00 -9.71
C THR C 370 -30.44 -38.66 -9.31
N LEU C 371 -30.40 -38.37 -8.01
CA LEU C 371 -29.81 -37.12 -7.55
C LEU C 371 -28.32 -37.08 -7.88
N LEU C 372 -27.61 -38.19 -7.66
CA LEU C 372 -26.19 -38.23 -7.98
C LEU C 372 -25.95 -38.04 -9.47
N ALA C 373 -26.76 -38.68 -10.31
CA ALA C 373 -26.61 -38.51 -11.75
C ALA C 373 -26.87 -37.07 -12.17
N GLY C 374 -27.90 -36.45 -11.60
CA GLY C 374 -28.22 -35.08 -11.92
C GLY C 374 -27.12 -34.09 -11.55
N ARG D 20 -19.73 -20.47 -12.35
CA ARG D 20 -21.08 -20.05 -12.02
C ARG D 20 -21.46 -20.49 -10.61
N ARG D 21 -21.38 -21.79 -10.36
CA ARG D 21 -21.71 -22.32 -9.03
C ARG D 21 -20.76 -21.77 -7.97
N GLY D 22 -19.47 -21.71 -8.29
CA GLY D 22 -18.49 -21.19 -7.36
C GLY D 22 -18.80 -19.78 -6.94
N PRO D 23 -18.79 -18.85 -7.90
CA PRO D 23 -19.12 -17.46 -7.56
C PRO D 23 -20.47 -17.32 -6.89
N ARG D 24 -21.45 -18.15 -7.27
CA ARG D 24 -22.76 -18.09 -6.62
C ARG D 24 -22.64 -18.43 -5.13
N LEU D 25 -21.88 -19.47 -4.80
CA LEU D 25 -21.77 -19.87 -3.39
C LEU D 25 -20.92 -18.87 -2.62
N LYS D 26 -19.99 -18.18 -3.30
CA LYS D 26 -19.30 -17.07 -2.63
C LYS D 26 -20.26 -15.92 -2.35
N GLY D 27 -21.13 -15.61 -3.30
CA GLY D 27 -22.05 -14.49 -3.17
C GLY D 27 -23.25 -14.77 -2.30
N LEU D 28 -23.49 -16.02 -1.92
CA LEU D 28 -24.58 -16.32 -1.01
C LEU D 28 -24.44 -15.52 0.27
N ARG D 29 -25.55 -14.91 0.71
CA ARG D 29 -25.58 -14.11 1.93
C ARG D 29 -26.15 -14.95 3.06
N LEU D 30 -25.54 -14.85 4.25
CA LEU D 30 -25.89 -15.68 5.39
C LEU D 30 -26.17 -14.86 6.65
N GLU D 31 -26.42 -13.56 6.53
CA GLU D 31 -26.62 -12.71 7.68
C GLU D 31 -27.75 -11.71 7.51
N LEU D 32 -28.49 -11.77 6.40
CA LEU D 32 -29.58 -10.84 6.12
C LEU D 32 -29.04 -9.42 5.98
N PRO D 33 -29.73 -8.53 5.26
CA PRO D 33 -29.24 -7.16 5.11
C PRO D 33 -29.56 -6.29 6.31
N LEU D 34 -30.74 -6.51 6.92
CA LEU D 34 -31.16 -5.64 8.01
C LEU D 34 -30.37 -5.91 9.29
N ASP D 35 -30.18 -7.18 9.65
CA ASP D 35 -29.44 -7.48 10.86
C ASP D 35 -27.97 -7.11 10.74
N SER D 36 -27.46 -6.96 9.53
CA SER D 36 -26.07 -6.52 9.37
C SER D 36 -25.88 -5.13 9.94
N ILE D 37 -26.83 -4.22 9.70
CA ILE D 37 -26.71 -2.86 10.22
C ILE D 37 -26.75 -2.87 11.75
N VAL D 38 -27.62 -3.70 12.34
CA VAL D 38 -27.69 -3.78 13.79
C VAL D 38 -26.40 -4.34 14.35
N LYS D 39 -25.85 -5.38 13.72
CA LYS D 39 -24.59 -5.94 14.17
C LYS D 39 -23.47 -4.89 14.10
N ARG D 40 -23.42 -4.13 13.01
CA ARG D 40 -22.40 -3.11 12.88
C ARG D 40 -22.57 -2.02 13.93
N VAL D 41 -23.81 -1.58 14.18
CA VAL D 41 -24.05 -0.47 15.10
C VAL D 41 -23.71 -0.90 16.53
N ALA D 42 -24.23 -2.05 16.95
CA ALA D 42 -24.05 -2.49 18.34
C ALA D 42 -22.61 -2.78 18.69
N VAL D 43 -21.73 -2.89 17.70
CA VAL D 43 -20.31 -3.12 17.95
C VAL D 43 -19.46 -1.88 17.62
N GLY D 44 -19.98 -0.94 16.84
CA GLY D 44 -19.23 0.26 16.51
C GLY D 44 -19.50 1.41 17.47
N SER D 45 -20.75 1.55 17.91
CA SER D 45 -21.08 2.65 18.80
C SER D 45 -20.24 2.63 20.08
N PRO D 46 -20.19 1.54 20.84
CA PRO D 46 -19.32 1.54 22.03
C PRO D 46 -17.86 1.79 21.69
N LEU D 47 -17.37 1.26 20.58
CA LEU D 47 -15.99 1.54 20.18
C LEU D 47 -15.79 3.00 19.86
N LEU D 48 -16.74 3.63 19.17
CA LEU D 48 -16.62 5.06 18.88
C LEU D 48 -16.61 5.86 20.17
N LEU D 49 -17.49 5.53 21.12
CA LEU D 49 -17.52 6.25 22.39
C LEU D 49 -16.22 6.05 23.15
N MET D 50 -15.66 4.84 23.13
CA MET D 50 -14.38 4.58 23.78
C MET D 50 -13.27 5.41 23.14
N SER D 51 -13.25 5.47 21.82
CA SER D 51 -12.25 6.27 21.12
C SER D 51 -12.38 7.74 21.51
N LEU D 52 -13.62 8.24 21.60
CA LEU D 52 -13.82 9.62 22.00
C LEU D 52 -13.33 9.85 23.42
N ALA D 53 -13.58 8.90 24.32
CA ALA D 53 -13.13 9.04 25.70
C ALA D 53 -11.61 9.09 25.76
N PHE D 54 -10.94 8.21 25.04
CA PHE D 54 -9.47 8.21 25.03
C PHE D 54 -8.93 9.49 24.39
N ALA D 55 -9.59 9.98 23.34
CA ALA D 55 -9.17 11.23 22.72
C ALA D 55 -9.28 12.39 23.70
N GLN D 56 -10.38 12.44 24.46
CA GLN D 56 -10.51 13.47 25.48
C GLN D 56 -9.43 13.33 26.55
N GLU D 57 -9.16 12.09 26.98
CA GLU D 57 -8.14 11.87 28.00
C GLU D 57 -6.78 12.38 27.55
N PHE D 58 -6.40 12.09 26.31
CA PHE D 58 -5.10 12.50 25.80
C PHE D 58 -5.08 13.94 25.30
N SER D 59 -6.24 14.57 25.13
CA SER D 59 -6.27 15.97 24.74
C SER D 59 -6.21 16.88 25.96
N SER D 60 -6.89 16.49 27.05
CA SER D 60 -6.88 17.27 28.27
C SER D 60 -5.56 17.19 29.03
N GLY D 61 -4.66 16.29 28.63
CA GLY D 61 -3.41 16.10 29.34
C GLY D 61 -3.55 15.31 30.61
N SER D 62 -4.49 15.70 31.47
CA SER D 62 -4.79 15.00 32.70
C SER D 62 -6.30 14.74 32.78
N PRO D 63 -6.72 13.66 33.43
CA PRO D 63 -8.16 13.39 33.54
C PRO D 63 -8.86 14.35 34.49
N ILE D 64 -8.15 14.80 35.52
CA ILE D 64 -8.69 15.75 36.49
C ILE D 64 -7.63 16.78 36.81
N SER D 65 -8.08 17.92 37.35
CA SER D 65 -7.21 18.99 37.80
C SER D 65 -7.63 19.39 39.21
N CYS D 66 -6.65 19.62 40.09
CA CYS D 66 -6.95 19.93 41.47
C CYS D 66 -6.32 21.24 41.89
N PHE D 67 -6.97 21.90 42.84
CA PHE D 67 -6.62 23.26 43.26
C PHE D 67 -5.77 23.20 44.52
N SER D 68 -4.50 22.82 44.32
CA SER D 68 -3.55 22.70 45.40
C SER D 68 -2.99 24.07 45.77
N PRO D 69 -2.53 24.25 47.01
CA PRO D 69 -2.05 25.57 47.45
C PRO D 69 -0.87 26.05 46.62
N SER D 70 -0.56 27.33 46.76
CA SER D 70 0.55 27.91 46.01
C SER D 70 1.89 27.38 46.49
N ASN D 71 1.99 26.99 47.76
CA ASN D 71 3.25 26.46 48.27
C ASN D 71 3.68 25.22 47.49
N PHE D 72 2.73 24.38 47.12
CA PHE D 72 3.05 23.15 46.40
C PHE D 72 3.80 23.47 45.12
N SER D 73 4.91 22.76 44.90
CA SER D 73 5.67 22.90 43.67
C SER D 73 4.92 22.20 42.54
N ILE D 74 5.53 22.13 41.36
CA ILE D 74 4.87 21.46 40.23
C ILE D 74 4.78 19.96 40.50
N ARG D 75 5.85 19.37 41.00
CA ARG D 75 5.85 17.92 41.23
C ARG D 75 4.87 17.53 42.32
N GLN D 76 4.79 18.30 43.40
CA GLN D 76 3.83 18.00 44.45
C GLN D 76 2.39 18.14 43.95
N ALA D 77 2.14 19.16 43.14
CA ALA D 77 0.80 19.32 42.57
C ALA D 77 0.44 18.15 41.66
N ALA D 78 1.40 17.70 40.84
CA ALA D 78 1.14 16.54 39.99
C ALA D 78 0.89 15.29 40.83
N TYR D 79 1.64 15.14 41.93
CA TYR D 79 1.40 14.02 42.83
C TYR D 79 0.01 14.06 43.41
N VAL D 80 -0.45 15.25 43.82
CA VAL D 80 -1.79 15.38 44.37
C VAL D 80 -2.82 15.01 43.31
N ASP D 81 -2.65 15.52 42.10
CA ASP D 81 -3.58 15.21 41.02
C ASP D 81 -3.66 13.70 40.81
N SER D 82 -2.51 13.04 40.69
CA SER D 82 -2.49 11.60 40.42
C SER D 82 -3.08 10.81 41.57
N SER D 83 -2.75 11.18 42.81
CA SER D 83 -3.25 10.41 43.95
C SER D 83 -4.75 10.60 44.12
N CYS D 84 -5.27 11.78 43.76
CA CYS D 84 -6.70 12.00 43.88
C CYS D 84 -7.46 11.32 42.75
N TRP D 85 -6.87 11.27 41.55
CA TRP D 85 -7.52 10.60 40.44
C TRP D 85 -7.46 9.08 40.56
N ASP D 86 -6.42 8.56 41.21
CA ASP D 86 -6.25 7.12 41.37
C ASP D 86 -6.97 6.58 42.59
N SER D 87 -7.50 7.45 43.46
CA SER D 87 -8.20 7.03 44.65
C SER D 87 -9.72 7.03 44.46
N LEU D 88 -10.18 6.91 43.22
CA LEU D 88 -11.60 6.80 42.94
C LEU D 88 -12.09 5.35 43.07
N LEU D 89 -11.42 4.43 42.37
CA LEU D 89 -11.79 3.03 42.46
C LEU D 89 -11.60 2.46 43.87
N HIS D 90 -10.78 3.11 44.69
CA HIS D 90 -10.45 2.59 46.01
C HIS D 90 -11.35 3.16 47.10
N HIS D 91 -11.47 4.48 47.16
CA HIS D 91 -12.22 5.15 48.21
C HIS D 91 -13.19 6.15 47.60
N LYS D 92 -14.30 6.38 48.30
CA LYS D 92 -15.31 7.32 47.85
C LYS D 92 -14.85 8.76 48.09
N GLN D 93 -15.48 9.69 47.37
CA GLN D 93 -15.20 11.11 47.51
C GLN D 93 -16.53 11.86 47.49
N ASP D 94 -16.66 12.87 48.35
CA ASP D 94 -17.93 13.53 48.61
C ASP D 94 -17.85 14.99 48.20
N GLY D 95 -18.85 15.43 47.42
CA GLY D 95 -18.99 16.82 47.05
C GLY D 95 -19.93 17.55 47.97
N PRO D 96 -20.06 18.87 47.78
CA PRO D 96 -20.90 19.67 48.70
C PRO D 96 -22.38 19.68 48.32
N GLY D 97 -22.91 18.53 47.91
CA GLY D 97 -24.33 18.43 47.66
C GLY D 97 -24.88 17.05 47.94
N GLN D 98 -24.06 16.18 48.52
CA GLN D 98 -24.32 14.75 48.55
C GLN D 98 -24.57 14.29 49.98
N ASP D 99 -24.85 13.00 50.13
CA ASP D 99 -24.99 12.36 51.42
C ASP D 99 -23.60 12.06 51.97
N LYS D 100 -23.53 11.22 53.01
CA LYS D 100 -22.25 10.92 53.64
C LYS D 100 -21.22 10.45 52.62
N MET D 101 -21.64 9.60 51.67
CA MET D 101 -20.71 9.03 50.70
C MET D 101 -21.33 9.02 49.31
N LYS D 102 -20.47 9.18 48.30
CA LYS D 102 -20.85 9.02 46.91
C LYS D 102 -19.68 8.39 46.17
N SER D 103 -19.98 7.46 45.27
CA SER D 103 -18.96 6.69 44.56
C SER D 103 -18.76 7.30 43.18
N LEU D 104 -17.52 7.73 42.89
CA LEU D 104 -17.17 8.32 41.61
C LEU D 104 -16.36 7.37 40.74
N TRP D 105 -16.40 6.08 41.04
CA TRP D 105 -15.61 5.10 40.28
C TRP D 105 -16.05 4.99 38.82
N PRO D 106 -17.33 5.16 38.45
CA PRO D 106 -17.69 4.99 37.04
C PRO D 106 -16.95 5.93 36.12
N HIS D 107 -16.45 7.06 36.62
CA HIS D 107 -15.64 7.95 35.79
C HIS D 107 -14.37 7.26 35.33
N LYS D 108 -13.72 6.49 36.21
CA LYS D 108 -12.47 5.82 35.90
C LYS D 108 -12.66 4.57 35.06
N ALA D 109 -13.74 3.82 35.30
CA ALA D 109 -13.99 2.56 34.62
C ALA D 109 -14.90 2.71 33.40
N LEU D 110 -14.88 3.88 32.75
CA LEU D 110 -15.74 4.08 31.59
C LEU D 110 -15.23 3.35 30.36
N PRO D 111 -14.00 3.60 29.89
CA PRO D 111 -13.54 2.89 28.69
C PRO D 111 -13.49 1.38 28.86
N TYR D 112 -13.14 0.88 30.05
CA TYR D 112 -13.14 -0.55 30.28
C TYR D 112 -14.54 -1.12 30.20
N SER D 113 -15.53 -0.42 30.76
CA SER D 113 -16.91 -0.87 30.64
C SER D 113 -17.37 -0.84 29.20
N LEU D 114 -16.95 0.17 28.44
CA LEU D 114 -17.30 0.21 27.01
C LEU D 114 -16.71 -0.97 26.26
N LEU D 115 -15.45 -1.32 26.57
CA LEU D 115 -14.84 -2.50 25.94
C LEU D 115 -15.61 -3.76 26.31
N ALA D 116 -15.98 -3.90 27.58
CA ALA D 116 -16.74 -5.08 27.99
C ALA D 116 -18.07 -5.14 27.25
N LEU D 117 -18.75 -4.01 27.12
CA LEU D 117 -20.02 -3.98 26.41
C LEU D 117 -19.85 -4.33 24.94
N ALA D 118 -18.80 -3.82 24.30
CA ALA D 118 -18.54 -4.15 22.91
C ALA D 118 -18.29 -5.65 22.74
N LEU D 119 -17.49 -6.24 23.63
CA LEU D 119 -17.25 -7.68 23.56
C LEU D 119 -18.54 -8.46 23.77
N LEU D 120 -19.37 -8.02 24.73
CA LEU D 120 -20.63 -8.71 24.98
C LEU D 120 -21.54 -8.66 23.75
N MET D 121 -21.62 -7.49 23.11
CA MET D 121 -22.47 -7.36 21.93
C MET D 121 -21.91 -8.15 20.75
N TYR D 122 -20.59 -8.26 20.63
CA TYR D 122 -20.01 -9.04 19.55
C TYR D 122 -20.13 -10.53 19.79
N LEU D 123 -20.24 -10.96 21.05
CA LEU D 123 -20.32 -12.39 21.37
C LEU D 123 -21.45 -13.11 20.64
N PRO D 124 -22.70 -12.64 20.66
CA PRO D 124 -23.77 -13.38 19.96
C PRO D 124 -23.52 -13.52 18.47
N VAL D 125 -22.90 -12.53 17.84
CA VAL D 125 -22.55 -12.65 16.43
C VAL D 125 -21.62 -13.84 16.21
N LEU D 126 -20.58 -13.94 17.05
CA LEU D 126 -19.66 -15.05 16.95
C LEU D 126 -20.37 -16.38 17.22
N LEU D 127 -21.26 -16.40 18.20
CA LEU D 127 -22.01 -17.61 18.48
C LEU D 127 -22.80 -18.06 17.26
N TRP D 128 -23.53 -17.12 16.64
CA TRP D 128 -24.34 -17.47 15.48
C TRP D 128 -23.47 -17.95 14.32
N GLN D 129 -22.36 -17.26 14.06
CA GLN D 129 -21.53 -17.60 12.91
C GLN D 129 -20.87 -18.97 13.13
N TYR D 130 -20.41 -19.26 14.34
CA TYR D 130 -19.78 -20.54 14.59
C TYR D 130 -20.79 -21.68 14.72
N ALA D 131 -22.05 -21.38 15.08
CA ALA D 131 -23.01 -22.41 15.41
C ALA D 131 -24.04 -22.69 14.34
N ALA D 132 -24.33 -21.71 13.46
CA ALA D 132 -25.40 -21.91 12.48
C ALA D 132 -25.06 -21.38 11.09
N VAL D 133 -23.79 -21.14 10.80
CA VAL D 133 -23.39 -20.74 9.45
C VAL D 133 -23.25 -21.99 8.57
N PRO D 134 -22.63 -23.08 9.02
CA PRO D 134 -22.33 -24.16 8.06
C PRO D 134 -23.55 -24.96 7.65
N ALA D 135 -24.41 -25.33 8.60
CA ALA D 135 -25.62 -26.08 8.26
C ALA D 135 -26.51 -25.25 7.35
N LEU D 136 -26.67 -23.97 7.67
CA LEU D 136 -27.50 -23.11 6.83
C LEU D 136 -26.91 -22.98 5.44
N SER D 137 -25.59 -22.82 5.34
CA SER D 137 -24.95 -22.70 4.03
C SER D 137 -25.18 -23.96 3.20
N SER D 138 -24.99 -25.12 3.82
CA SER D 138 -25.20 -26.37 3.09
C SER D 138 -26.65 -26.52 2.63
N ASP D 139 -27.59 -26.23 3.51
CA ASP D 139 -29.00 -26.36 3.16
C ASP D 139 -29.35 -25.41 2.02
N LEU D 140 -28.92 -24.16 2.11
CA LEU D 140 -29.19 -23.20 1.04
C LEU D 140 -28.61 -23.66 -0.28
N LEU D 141 -27.34 -24.09 -0.27
CA LEU D 141 -26.70 -24.50 -1.51
C LEU D 141 -27.43 -25.68 -2.13
N PHE D 142 -27.74 -26.70 -1.33
CA PHE D 142 -28.43 -27.86 -1.88
C PHE D 142 -29.79 -27.46 -2.44
N ILE D 143 -30.53 -26.64 -1.69
CA ILE D 143 -31.90 -26.30 -2.11
C ILE D 143 -31.87 -25.53 -3.42
N ILE D 144 -30.97 -24.54 -3.54
CA ILE D 144 -30.94 -23.75 -4.77
C ILE D 144 -30.45 -24.59 -5.94
N SER D 145 -29.46 -25.46 -5.69
CA SER D 145 -28.94 -26.30 -6.76
C SER D 145 -30.03 -27.22 -7.30
N GLU D 146 -30.85 -27.80 -6.42
CA GLU D 146 -31.94 -28.63 -6.90
C GLU D 146 -33.08 -27.80 -7.49
N LEU D 147 -33.30 -26.60 -6.98
CA LEU D 147 -34.43 -25.79 -7.43
C LEU D 147 -34.22 -25.27 -8.84
N ASP D 148 -32.98 -24.95 -9.22
CA ASP D 148 -32.75 -24.49 -10.59
C ASP D 148 -33.10 -25.58 -11.60
N LYS D 149 -32.66 -26.81 -11.34
CA LYS D 149 -33.01 -27.92 -12.22
C LYS D 149 -34.51 -28.18 -12.19
N SER D 150 -35.13 -28.07 -11.01
CA SER D 150 -36.57 -28.27 -10.92
C SER D 150 -37.31 -27.26 -11.80
N TYR D 151 -36.88 -26.00 -11.75
CA TYR D 151 -37.51 -24.96 -12.57
C TYR D 151 -37.31 -25.25 -14.05
N ASN D 152 -36.10 -25.68 -14.44
CA ASN D 152 -35.86 -25.99 -15.84
C ASN D 152 -36.77 -27.12 -16.31
N ARG D 153 -36.85 -28.19 -15.52
CA ARG D 153 -37.71 -29.31 -15.89
C ARG D 153 -39.17 -28.87 -15.98
N SER D 154 -39.63 -28.08 -15.02
CA SER D 154 -41.02 -27.62 -15.04
C SER D 154 -41.31 -26.77 -16.26
N ILE D 155 -40.40 -25.86 -16.62
CA ILE D 155 -40.64 -24.99 -17.76
C ILE D 155 -40.60 -25.77 -19.06
N ARG D 156 -39.83 -26.86 -19.11
CA ARG D 156 -39.73 -27.62 -20.35
C ARG D 156 -41.08 -28.17 -20.81
N LEU D 157 -42.04 -28.33 -19.90
CA LEU D 157 -43.33 -28.91 -20.25
C LEU D 157 -44.33 -27.87 -20.75
N VAL D 158 -44.01 -26.57 -20.64
CA VAL D 158 -44.95 -25.54 -21.06
C VAL D 158 -45.14 -25.58 -22.58
N GLN D 159 -44.15 -26.07 -23.32
CA GLN D 159 -44.32 -26.19 -24.76
C GLN D 159 -45.42 -27.17 -25.11
N HIS D 160 -45.39 -28.35 -24.50
CA HIS D 160 -46.46 -29.33 -24.73
C HIS D 160 -47.79 -28.80 -24.20
N MET D 161 -47.77 -28.09 -23.08
CA MET D 161 -49.00 -27.49 -22.59
C MET D 161 -49.59 -26.53 -23.61
N LEU D 162 -48.73 -25.71 -24.22
CA LEU D 162 -49.18 -24.76 -25.24
C LEU D 162 -49.76 -25.49 -26.44
N LYS D 163 -49.08 -26.54 -26.91
CA LYS D 163 -49.59 -27.28 -28.05
C LYS D 163 -50.96 -27.87 -27.76
N ILE D 164 -51.11 -28.48 -26.59
CA ILE D 164 -52.38 -29.11 -26.24
C ILE D 164 -53.48 -28.06 -26.11
N ARG D 165 -53.16 -26.91 -25.49
CA ARG D 165 -54.15 -25.86 -25.34
C ARG D 165 -54.57 -25.31 -26.70
N GLN D 166 -53.61 -25.16 -27.63
CA GLN D 166 -53.95 -24.68 -28.96
C GLN D 166 -54.84 -25.68 -29.68
N LYS D 167 -54.55 -26.97 -29.55
CA LYS D 167 -55.34 -27.98 -30.24
C LYS D 167 -56.80 -27.96 -29.78
N SER D 168 -57.02 -27.85 -28.47
CA SER D 168 -58.36 -27.82 -27.91
C SER D 168 -58.50 -26.58 -27.02
N SER D 169 -59.52 -25.77 -27.31
CA SER D 169 -59.69 -24.49 -26.63
C SER D 169 -60.50 -24.59 -25.34
N ASP D 170 -61.23 -25.69 -25.12
CA ASP D 170 -62.07 -25.78 -23.95
C ASP D 170 -61.22 -25.81 -22.68
N PRO D 171 -61.74 -25.29 -21.56
CA PRO D 171 -60.96 -25.35 -20.30
C PRO D 171 -60.99 -26.70 -19.62
N TYR D 172 -62.00 -27.53 -19.89
CA TYR D 172 -62.07 -28.84 -19.24
C TYR D 172 -60.86 -29.70 -19.61
N VAL D 173 -60.53 -29.74 -20.91
CA VAL D 173 -59.38 -30.51 -21.34
C VAL D 173 -58.09 -29.91 -20.77
N PHE D 174 -58.04 -28.59 -20.65
CA PHE D 174 -56.87 -27.95 -20.06
C PHE D 174 -56.67 -28.39 -18.62
N TRP D 175 -57.76 -28.40 -17.83
CA TRP D 175 -57.65 -28.85 -16.44
C TRP D 175 -57.27 -30.31 -16.37
N ASN D 176 -57.88 -31.16 -17.21
CA ASN D 176 -57.56 -32.58 -17.20
C ASN D 176 -56.10 -32.81 -17.55
N GLU D 177 -55.57 -32.10 -18.55
CA GLU D 177 -54.18 -32.26 -18.94
C GLU D 177 -53.24 -31.70 -17.88
N LEU D 178 -53.65 -30.63 -17.18
CA LEU D 178 -52.85 -30.13 -16.07
C LEU D 178 -52.73 -31.19 -14.97
N GLU D 179 -53.85 -31.82 -14.63
CA GLU D 179 -53.81 -32.90 -13.65
C GLU D 179 -52.95 -34.06 -14.13
N LYS D 180 -53.06 -34.41 -15.42
CA LYS D 180 -52.25 -35.48 -15.96
C LYS D 180 -50.76 -35.15 -15.88
N ALA D 181 -50.40 -33.91 -16.21
CA ALA D 181 -49.00 -33.50 -16.11
C ALA D 181 -48.53 -33.56 -14.66
N ARG D 182 -49.37 -33.10 -13.73
CA ARG D 182 -48.99 -33.17 -12.32
C ARG D 182 -48.76 -34.60 -11.87
N LYS D 183 -49.57 -35.54 -12.36
CA LYS D 183 -49.45 -36.95 -12.01
C LYS D 183 -48.42 -37.70 -12.85
N GLU D 184 -47.85 -37.06 -13.87
CA GLU D 184 -46.90 -37.73 -14.76
C GLU D 184 -45.75 -38.36 -13.98
N ARG D 185 -45.38 -37.77 -12.84
CA ARG D 185 -44.29 -38.26 -12.00
C ARG D 185 -42.92 -37.93 -12.56
N TYR D 186 -42.84 -37.08 -13.59
CA TYR D 186 -41.56 -36.64 -14.12
C TYR D 186 -40.93 -35.54 -13.27
N PHE D 187 -41.63 -35.08 -12.23
CA PHE D 187 -41.13 -34.05 -11.33
C PHE D 187 -41.71 -34.33 -9.95
N GLU D 188 -41.68 -33.33 -9.08
CA GLU D 188 -42.08 -33.35 -7.67
C GLU D 188 -40.95 -33.88 -6.79
N PHE D 189 -39.83 -34.34 -7.36
CA PHE D 189 -38.57 -34.45 -6.67
C PHE D 189 -38.73 -34.99 -5.25
N PRO D 190 -38.99 -36.29 -5.09
CA PRO D 190 -39.16 -36.82 -3.73
C PRO D 190 -38.02 -36.46 -2.79
N LEU D 191 -36.86 -36.09 -3.32
CA LEU D 191 -35.78 -35.58 -2.48
C LEU D 191 -36.24 -34.35 -1.69
N LEU D 192 -36.81 -33.37 -2.39
CA LEU D 192 -37.24 -32.14 -1.73
C LEU D 192 -38.34 -32.41 -0.72
N GLU D 193 -39.29 -33.28 -1.06
CA GLU D 193 -40.38 -33.56 -0.13
C GLU D 193 -39.85 -34.06 1.20
N ARG D 194 -38.99 -35.08 1.18
CA ARG D 194 -38.48 -35.65 2.42
C ARG D 194 -37.52 -34.68 3.11
N TYR D 195 -36.75 -33.91 2.33
CA TYR D 195 -35.87 -32.92 2.93
C TYR D 195 -36.67 -31.90 3.74
N LEU D 196 -37.74 -31.36 3.15
CA LEU D 196 -38.56 -30.40 3.86
C LEU D 196 -39.29 -31.04 5.04
N ALA D 197 -39.72 -32.29 4.88
CA ALA D 197 -40.36 -32.97 6.00
C ALA D 197 -39.40 -33.09 7.18
N CYS D 198 -38.13 -33.43 6.90
CA CYS D 198 -37.14 -33.51 7.97
C CYS D 198 -36.85 -32.13 8.56
N LYS D 199 -36.74 -31.11 7.70
CA LYS D 199 -36.43 -29.77 8.18
C LYS D 199 -37.52 -29.24 9.09
N GLN D 200 -38.78 -29.53 8.76
CA GLN D 200 -39.90 -28.98 9.54
C GLN D 200 -39.84 -29.42 10.99
N ARG D 201 -39.14 -30.50 11.31
CA ARG D 201 -39.01 -30.95 12.69
C ARG D 201 -37.72 -30.43 13.34
N SER D 202 -36.71 -30.11 12.54
CA SER D 202 -35.48 -29.57 13.09
C SER D 202 -35.76 -28.22 13.75
N HIS D 203 -35.02 -27.93 14.81
CA HIS D 203 -35.18 -26.68 15.55
C HIS D 203 -33.85 -25.98 15.83
N SER D 204 -32.74 -26.47 15.27
CA SER D 204 -31.44 -25.89 15.58
C SER D 204 -31.34 -24.44 15.12
N LEU D 205 -31.78 -24.16 13.89
CA LEU D 205 -31.61 -22.83 13.34
C LEU D 205 -32.51 -21.82 14.06
N VAL D 206 -33.77 -22.18 14.31
CA VAL D 206 -34.64 -21.29 15.06
C VAL D 206 -34.10 -21.09 16.47
N ALA D 207 -33.57 -22.15 17.07
CA ALA D 207 -33.01 -22.02 18.42
C ALA D 207 -31.86 -21.03 18.43
N THR D 208 -30.93 -21.14 17.47
CA THR D 208 -29.81 -20.22 17.43
C THR D 208 -30.27 -18.79 17.16
N TYR D 209 -31.22 -18.61 16.24
CA TYR D 209 -31.70 -17.26 15.94
C TYR D 209 -32.34 -16.62 17.17
N LEU D 210 -33.26 -17.35 17.81
CA LEU D 210 -33.93 -16.82 18.98
C LEU D 210 -32.94 -16.56 20.11
N LEU D 211 -31.95 -17.44 20.27
CA LEU D 211 -30.95 -17.24 21.31
C LEU D 211 -30.13 -16.00 21.04
N ARG D 212 -29.74 -15.77 19.79
CA ARG D 212 -28.97 -14.57 19.47
C ARG D 212 -29.78 -13.32 19.76
N ASN D 213 -31.05 -13.30 19.34
CA ASN D 213 -31.88 -12.12 19.60
C ASN D 213 -32.08 -11.91 21.08
N SER D 214 -32.31 -12.98 21.84
CA SER D 214 -32.52 -12.86 23.26
C SER D 214 -31.25 -12.39 23.97
N LEU D 215 -30.08 -12.83 23.50
CA LEU D 215 -28.83 -12.34 24.07
C LEU D 215 -28.70 -10.85 23.81
N LEU D 216 -29.04 -10.39 22.60
CA LEU D 216 -28.98 -8.96 22.32
C LEU D 216 -29.89 -8.19 23.26
N LEU D 217 -31.12 -8.67 23.45
CA LEU D 217 -32.07 -7.98 24.32
C LEU D 217 -31.57 -7.97 25.77
N ILE D 218 -31.03 -9.10 26.23
CA ILE D 218 -30.57 -9.18 27.61
C ILE D 218 -29.40 -8.23 27.84
N PHE D 219 -28.48 -8.15 26.86
CA PHE D 219 -27.34 -7.25 27.02
C PHE D 219 -27.78 -5.79 26.96
N THR D 220 -28.78 -5.47 26.14
CA THR D 220 -29.31 -4.11 26.14
C THR D 220 -29.92 -3.77 27.50
N SER D 221 -30.69 -4.70 28.08
CA SER D 221 -31.25 -4.46 29.40
C SER D 221 -30.15 -4.32 30.45
N ALA D 222 -29.09 -5.11 30.32
CA ALA D 222 -27.97 -5.01 31.26
C ALA D 222 -27.31 -3.64 31.17
N THR D 223 -27.11 -3.12 29.96
CA THR D 223 -26.56 -1.78 29.81
C THR D 223 -27.49 -0.74 30.43
N TYR D 224 -28.80 -0.91 30.23
CA TYR D 224 -29.75 0.00 30.86
C TYR D 224 -29.60 0.00 32.37
N LEU D 225 -29.50 -1.20 32.96
CA LEU D 225 -29.33 -1.29 34.41
C LEU D 225 -28.02 -0.65 34.85
N TYR D 226 -26.93 -0.91 34.12
CA TYR D 226 -25.63 -0.37 34.50
C TYR D 226 -25.64 1.15 34.45
N LEU D 227 -26.22 1.74 33.41
CA LEU D 227 -26.28 3.18 33.30
C LEU D 227 -27.34 3.80 34.20
N GLY D 228 -28.27 3.01 34.72
CA GLY D 228 -29.26 3.54 35.63
C GLY D 228 -28.82 3.49 37.08
N HIS D 229 -27.94 2.54 37.40
CA HIS D 229 -27.49 2.38 38.78
C HIS D 229 -26.22 3.17 39.06
N PHE D 230 -25.25 3.12 38.14
CA PHE D 230 -23.91 3.66 38.38
C PHE D 230 -23.61 4.91 37.59
N HIS D 231 -24.63 5.57 37.01
CA HIS D 231 -24.38 6.80 36.28
C HIS D 231 -25.34 7.91 36.71
N LEU D 232 -26.56 7.55 37.11
CA LEU D 232 -27.52 8.58 37.52
C LEU D 232 -27.13 9.20 38.85
N ASP D 233 -26.58 8.41 39.77
CA ASP D 233 -26.25 8.94 41.09
C ASP D 233 -25.19 10.05 40.99
N VAL D 234 -24.19 9.85 40.13
CA VAL D 234 -23.09 10.80 40.00
C VAL D 234 -23.11 11.40 38.59
N PHE D 235 -24.30 11.57 38.04
CA PHE D 235 -24.39 12.08 36.67
C PHE D 235 -23.73 13.46 36.56
N PHE D 236 -24.01 14.36 37.50
CA PHE D 236 -23.43 15.71 37.44
C PHE D 236 -22.14 15.78 38.27
N GLN D 237 -22.26 15.63 39.59
CA GLN D 237 -21.10 15.53 40.47
C GLN D 237 -19.93 16.40 40.01
N GLU D 238 -20.15 17.71 39.93
CA GLU D 238 -19.13 18.61 39.39
C GLU D 238 -17.77 18.36 40.03
N GLU D 239 -17.67 18.55 41.34
CA GLU D 239 -16.40 18.48 42.05
C GLU D 239 -16.51 17.47 43.19
N PHE D 240 -15.35 17.15 43.78
CA PHE D 240 -15.32 16.27 44.93
C PHE D 240 -14.10 16.61 45.78
N SER D 241 -14.20 16.30 47.06
CA SER D 241 -13.18 16.63 48.04
C SER D 241 -12.26 15.42 48.23
N CYS D 242 -11.01 15.58 47.83
CA CYS D 242 -10.01 14.52 47.92
C CYS D 242 -9.17 14.69 49.19
N SER D 243 -8.45 13.63 49.54
CA SER D 243 -7.58 13.63 50.70
C SER D 243 -6.35 12.78 50.42
N ILE D 244 -5.19 13.25 50.88
CA ILE D 244 -3.93 12.52 50.72
C ILE D 244 -3.36 12.05 52.06
N LYS D 245 -3.88 12.53 53.19
CA LYS D 245 -3.37 12.15 54.49
C LYS D 245 -3.75 10.73 54.89
N THR D 246 -4.65 10.08 54.15
CA THR D 246 -5.03 8.71 54.49
C THR D 246 -3.83 7.78 54.49
N GLY D 247 -2.83 8.06 53.66
CA GLY D 247 -1.64 7.25 53.59
C GLY D 247 -0.74 7.43 54.79
N LEU D 248 0.56 7.18 54.59
CA LEU D 248 1.50 7.28 55.69
C LEU D 248 1.83 8.71 56.05
N LEU D 249 1.69 9.66 55.11
CA LEU D 249 2.08 11.05 55.36
C LEU D 249 0.98 11.81 56.09
N SER D 250 0.54 11.21 57.20
CA SER D 250 -0.45 11.84 58.07
C SER D 250 0.17 12.81 59.06
N ASP D 251 1.50 12.79 59.22
CA ASP D 251 2.21 13.70 60.11
C ASP D 251 2.76 14.91 59.35
N GLU D 252 2.41 15.07 58.09
CA GLU D 252 2.91 16.15 57.25
C GLU D 252 1.99 17.36 57.41
N THR D 253 2.42 18.34 58.23
CA THR D 253 1.65 19.55 58.39
C THR D 253 1.72 20.45 57.15
N HIS D 254 2.70 20.22 56.28
CA HIS D 254 2.84 21.06 55.09
C HIS D 254 1.62 20.94 54.18
N VAL D 255 1.13 19.73 53.96
CA VAL D 255 0.04 19.49 53.02
C VAL D 255 -1.27 19.94 53.65
N PRO D 256 -2.30 20.28 52.86
CA PRO D 256 -3.62 20.53 53.43
C PRO D 256 -4.28 19.23 53.84
N ASN D 257 -5.51 19.30 54.36
CA ASN D 257 -6.21 18.12 54.83
C ASN D 257 -7.20 17.56 53.82
N LEU D 258 -7.96 18.43 53.15
CA LEU D 258 -9.10 18.04 52.33
C LEU D 258 -9.07 18.76 50.98
N ILE D 259 -7.95 18.67 50.28
CA ILE D 259 -7.82 19.27 48.96
C ILE D 259 -9.08 18.98 48.16
N THR D 260 -9.73 20.03 47.67
CA THR D 260 -11.00 19.92 46.94
C THR D 260 -10.75 20.16 45.47
N CYS D 261 -11.24 19.26 44.62
CA CYS D 261 -11.01 19.43 43.20
C CYS D 261 -12.06 18.70 42.38
N ARG D 262 -11.94 18.83 41.06
CA ARG D 262 -12.96 18.46 40.12
C ARG D 262 -12.36 17.62 39.01
N LEU D 263 -13.22 17.21 38.08
CA LEU D 263 -12.85 16.37 36.94
C LEU D 263 -13.40 17.00 35.68
N THR D 264 -12.56 17.10 34.65
CA THR D 264 -12.89 17.91 33.48
C THR D 264 -13.72 17.17 32.45
N SER D 265 -13.61 15.83 32.40
CA SER D 265 -14.30 15.04 31.39
C SER D 265 -15.76 14.74 31.76
N LEU D 266 -16.34 15.52 32.68
CA LEU D 266 -17.71 15.26 33.10
C LEU D 266 -18.69 15.38 31.94
N SER D 267 -18.51 16.41 31.10
CA SER D 267 -19.42 16.60 29.97
C SER D 267 -19.32 15.43 29.01
N ILE D 268 -18.10 14.96 28.74
CA ILE D 268 -17.91 13.83 27.83
C ILE D 268 -18.58 12.59 28.41
N PHE D 269 -18.44 12.39 29.72
CA PHE D 269 -19.07 11.28 30.40
C PHE D 269 -20.59 11.32 30.24
N GLN D 270 -21.18 12.48 30.52
CA GLN D 270 -22.63 12.65 30.39
C GLN D 270 -23.08 12.36 28.97
N ILE D 271 -22.37 12.92 28.00
CA ILE D 271 -22.71 12.68 26.59
C ILE D 271 -22.68 11.20 26.32
N VAL D 272 -21.50 10.58 26.47
CA VAL D 272 -21.34 9.14 26.20
C VAL D 272 -22.52 8.36 26.76
N SER D 273 -22.87 8.61 28.02
CA SER D 273 -23.96 7.87 28.64
C SER D 273 -25.28 8.08 27.89
N LEU D 274 -25.64 9.33 27.65
CA LEU D 274 -26.91 9.62 26.99
C LEU D 274 -26.94 9.05 25.58
N SER D 275 -25.84 9.19 24.85
CA SER D 275 -25.75 8.68 23.49
C SER D 275 -25.94 7.18 23.44
N SER D 276 -25.27 6.45 24.35
CA SER D 276 -25.42 5.00 24.37
C SER D 276 -26.86 4.61 24.69
N VAL D 277 -27.46 5.29 25.66
CA VAL D 277 -28.85 4.99 26.02
C VAL D 277 -29.76 5.18 24.81
N ALA D 278 -29.58 6.30 24.10
CA ALA D 278 -30.41 6.58 22.94
C ALA D 278 -30.21 5.54 21.85
N ILE D 279 -28.96 5.18 21.59
CA ILE D 279 -28.67 4.22 20.52
C ILE D 279 -29.34 2.88 20.80
N TYR D 280 -29.23 2.41 22.04
CA TYR D 280 -29.79 1.09 22.34
C TYR D 280 -31.31 1.13 22.44
N THR D 281 -31.88 2.26 22.86
CA THR D 281 -33.33 2.40 22.79
C THR D 281 -33.81 2.34 21.35
N ILE D 282 -33.06 2.95 20.43
CA ILE D 282 -33.36 2.85 19.02
C ILE D 282 -33.26 1.40 18.55
N LEU D 283 -32.23 0.68 18.96
CA LEU D 283 -31.97 -0.67 18.50
C LEU D 283 -32.98 -1.70 19.03
N VAL D 284 -33.57 -1.48 20.20
CA VAL D 284 -34.50 -2.44 20.78
C VAL D 284 -35.59 -2.83 19.78
N PRO D 285 -36.39 -1.88 19.28
CA PRO D 285 -37.50 -2.26 18.41
C PRO D 285 -37.09 -3.01 17.15
N VAL D 286 -35.90 -2.69 16.61
CA VAL D 286 -35.42 -3.41 15.43
C VAL D 286 -35.22 -4.88 15.75
N ILE D 287 -34.61 -5.16 16.91
CA ILE D 287 -34.39 -6.54 17.31
C ILE D 287 -35.71 -7.24 17.60
N ILE D 288 -36.67 -6.50 18.18
CA ILE D 288 -37.98 -7.09 18.42
C ILE D 288 -38.63 -7.49 17.10
N TYR D 289 -38.54 -6.62 16.09
CA TYR D 289 -39.07 -6.94 14.77
C TYR D 289 -38.36 -8.15 14.17
N ASN D 290 -37.04 -8.21 14.31
CA ASN D 290 -36.30 -9.36 13.79
C ASN D 290 -36.77 -10.65 14.44
N LEU D 291 -36.97 -10.63 15.75
CA LEU D 291 -37.50 -11.81 16.44
C LEU D 291 -38.91 -12.15 15.95
N THR D 292 -39.76 -11.14 15.79
CA THR D 292 -41.12 -11.38 15.32
C THR D 292 -41.16 -11.94 13.91
N ARG D 293 -40.12 -11.70 13.11
CA ARG D 293 -40.12 -12.18 11.74
C ARG D 293 -40.43 -13.67 11.66
N LEU D 294 -39.96 -14.46 12.63
CA LEU D 294 -40.19 -15.90 12.58
C LEU D 294 -41.64 -16.27 12.92
N CYS D 295 -42.34 -15.44 13.69
CA CYS D 295 -43.68 -15.78 14.13
C CYS D 295 -44.65 -15.94 12.97
N ARG D 296 -44.37 -15.33 11.83
CA ARG D 296 -45.27 -15.37 10.67
C ARG D 296 -44.52 -15.89 9.46
N TRP D 297 -45.19 -16.74 8.68
CA TRP D 297 -44.59 -17.26 7.46
C TRP D 297 -44.43 -16.15 6.43
N ASP D 298 -43.36 -16.23 5.64
CA ASP D 298 -43.09 -15.24 4.60
C ASP D 298 -44.25 -15.19 3.62
N LYS D 299 -47.27 -12.76 1.91
CA LYS D 299 -48.33 -13.62 1.40
C LYS D 299 -48.41 -13.54 -0.12
N ARG D 300 -48.17 -12.33 -0.66
CA ARG D 300 -48.22 -12.15 -2.11
C ARG D 300 -47.19 -13.03 -2.81
N LEU D 301 -45.97 -13.10 -2.27
CA LEU D 301 -44.95 -13.94 -2.86
C LEU D 301 -45.34 -15.41 -2.79
N LEU D 302 -45.99 -15.82 -1.70
CA LEU D 302 -46.45 -17.20 -1.57
C LEU D 302 -47.44 -17.55 -2.68
N SER D 303 -48.42 -16.69 -2.90
CA SER D 303 -49.37 -16.91 -3.98
C SER D 303 -48.69 -16.86 -5.34
N VAL D 304 -47.65 -16.02 -5.48
CA VAL D 304 -46.92 -15.93 -6.73
C VAL D 304 -46.25 -17.25 -7.05
N TYR D 305 -45.59 -17.84 -6.05
CA TYR D 305 -44.79 -19.04 -6.28
C TYR D 305 -45.57 -20.34 -6.09
N GLU D 306 -46.83 -20.27 -5.63
CA GLU D 306 -47.60 -21.49 -5.47
C GLU D 306 -47.87 -22.17 -6.81
N MET D 307 -47.98 -21.39 -7.89
CA MET D 307 -48.38 -21.96 -9.18
C MET D 307 -47.38 -22.99 -9.67
N LEU D 308 -46.10 -22.62 -9.71
CA LEU D 308 -45.12 -23.50 -10.32
C LEU D 308 -44.92 -24.74 -9.46
N PRO D 309 -44.81 -25.93 -10.07
CA PRO D 309 -44.56 -27.13 -9.27
C PRO D 309 -43.27 -27.07 -8.47
N ALA D 310 -42.23 -26.41 -8.99
CA ALA D 310 -40.95 -26.36 -8.29
C ALA D 310 -41.08 -25.69 -6.94
N PHE D 311 -41.68 -24.49 -6.91
CA PHE D 311 -41.92 -23.79 -5.66
C PHE D 311 -43.16 -24.29 -4.92
N ASP D 312 -44.01 -25.07 -5.58
CA ASP D 312 -45.24 -25.53 -4.93
C ASP D 312 -44.92 -26.42 -3.74
N LEU D 313 -43.93 -27.29 -3.88
CA LEU D 313 -43.67 -28.29 -2.84
C LEU D 313 -43.38 -27.63 -1.50
N LEU D 314 -42.54 -26.59 -1.50
CA LEU D 314 -42.23 -25.88 -0.27
C LEU D 314 -43.33 -24.91 0.13
N SER D 315 -44.34 -24.72 -0.71
CA SER D 315 -45.43 -23.80 -0.42
C SER D 315 -46.58 -24.44 0.34
N ARG D 316 -46.61 -25.78 0.46
CA ARG D 316 -47.68 -26.48 1.16
C ARG D 316 -47.33 -26.78 2.61
N LYS D 317 -46.17 -26.33 3.08
CA LYS D 317 -45.74 -26.57 4.45
C LYS D 317 -46.20 -25.47 5.40
N MET D 318 -46.97 -24.50 4.92
CA MET D 318 -47.38 -23.37 5.73
C MET D 318 -48.32 -23.78 6.87
N LEU D 319 -48.92 -24.96 6.80
CA LEU D 319 -49.90 -25.36 7.81
C LEU D 319 -49.25 -25.48 9.18
N GLY D 320 -48.00 -25.92 9.23
CA GLY D 320 -47.33 -26.19 10.49
C GLY D 320 -47.16 -24.96 11.38
N CYS D 321 -46.57 -25.17 12.55
CA CYS D 321 -46.33 -24.06 13.47
C CYS D 321 -45.34 -23.08 12.83
N PRO D 322 -45.52 -21.77 13.01
CA PRO D 322 -44.56 -20.83 12.41
C PRO D 322 -43.13 -21.06 12.84
N ILE D 323 -42.90 -21.47 14.08
CA ILE D 323 -41.55 -21.71 14.57
C ILE D 323 -41.12 -23.10 14.09
N ASN D 324 -40.13 -23.13 13.20
CA ASN D 324 -39.61 -24.36 12.60
C ASN D 324 -38.33 -24.01 11.86
N ASP D 325 -37.42 -24.97 11.77
CA ASP D 325 -36.17 -24.71 11.06
C ASP D 325 -36.44 -24.26 9.64
N LEU D 326 -37.40 -24.89 8.95
CA LEU D 326 -37.71 -24.51 7.59
C LEU D 326 -38.06 -23.04 7.45
N ASN D 327 -38.67 -22.45 8.48
CA ASN D 327 -39.03 -21.03 8.40
C ASN D 327 -37.79 -20.16 8.23
N VAL D 328 -36.74 -20.42 8.99
CA VAL D 328 -35.50 -19.66 8.84
C VAL D 328 -34.91 -19.88 7.46
N ILE D 329 -34.93 -21.14 7.00
CA ILE D 329 -34.44 -21.43 5.66
C ILE D 329 -35.31 -20.72 4.63
N LEU D 330 -36.61 -20.63 4.90
CA LEU D 330 -37.49 -19.91 3.99
C LEU D 330 -37.10 -18.43 3.91
N LEU D 331 -36.79 -17.83 5.05
CA LEU D 331 -36.36 -16.43 5.05
C LEU D 331 -35.08 -16.25 4.25
N PHE D 332 -34.12 -17.17 4.44
CA PHE D 332 -32.86 -17.04 3.71
C PHE D 332 -33.06 -17.27 2.21
N LEU D 333 -33.92 -18.21 1.83
CA LEU D 333 -34.24 -18.38 0.42
C LEU D 333 -34.88 -17.13 -0.16
N ARG D 334 -35.81 -16.51 0.57
CA ARG D 334 -36.43 -15.29 0.05
C ARG D 334 -35.38 -14.19 -0.12
N ALA D 335 -34.47 -14.07 0.85
CA ALA D 335 -33.43 -13.06 0.75
C ALA D 335 -32.49 -13.33 -0.42
N ASN D 336 -32.17 -14.59 -0.68
CA ASN D 336 -31.20 -14.94 -1.71
C ASN D 336 -31.79 -14.89 -3.12
N ILE D 337 -32.95 -15.51 -3.32
CA ILE D 337 -33.54 -15.58 -4.65
C ILE D 337 -33.84 -14.20 -5.22
N SER D 338 -33.97 -13.18 -4.36
CA SER D 338 -34.22 -11.84 -4.83
C SER D 338 -33.08 -11.31 -5.70
N GLU D 339 -31.91 -11.94 -5.65
CA GLU D 339 -30.78 -11.51 -6.45
C GLU D 339 -30.11 -12.64 -7.23
N LEU D 340 -30.54 -13.90 -7.05
CA LEU D 340 -29.90 -14.99 -7.77
C LEU D 340 -30.10 -14.85 -9.27
N ILE D 341 -31.35 -14.68 -9.71
CA ILE D 341 -31.78 -14.49 -11.10
C ILE D 341 -33.06 -15.29 -11.32
N SER D 342 -33.23 -16.37 -10.56
CA SER D 342 -34.36 -17.26 -10.75
C SER D 342 -35.71 -16.58 -10.51
N PHE D 343 -35.73 -15.48 -9.77
CA PHE D 343 -36.97 -14.77 -9.47
C PHE D 343 -37.35 -13.76 -10.55
N SER D 344 -36.48 -13.49 -11.52
CA SER D 344 -36.71 -12.43 -12.49
C SER D 344 -37.88 -12.70 -13.41
N TRP D 345 -38.36 -13.94 -13.48
CA TRP D 345 -39.39 -14.33 -14.44
C TRP D 345 -40.74 -14.59 -13.78
N LEU D 346 -40.78 -15.42 -12.73
CA LEU D 346 -42.05 -15.81 -12.15
C LEU D 346 -42.82 -14.61 -11.62
N SER D 347 -42.11 -13.59 -11.13
CA SER D 347 -42.80 -12.39 -10.66
C SER D 347 -43.56 -11.73 -11.81
N VAL D 348 -42.92 -11.60 -12.97
CA VAL D 348 -43.60 -11.00 -14.12
C VAL D 348 -44.73 -11.90 -14.60
N LEU D 349 -44.53 -13.21 -14.55
CA LEU D 349 -45.59 -14.13 -14.98
C LEU D 349 -46.83 -13.98 -14.10
N CYS D 350 -46.62 -13.87 -12.78
CA CYS D 350 -47.76 -13.72 -11.88
C CYS D 350 -48.37 -12.32 -11.98
N VAL D 351 -47.56 -11.31 -12.31
CA VAL D 351 -48.12 -10.00 -12.62
C VAL D 351 -49.03 -10.09 -13.84
N LEU D 352 -48.59 -10.84 -14.86
CA LEU D 352 -49.44 -11.08 -16.03
C LEU D 352 -50.73 -11.77 -15.62
N LYS D 353 -50.63 -12.78 -14.77
CA LYS D 353 -51.82 -13.50 -14.32
C LYS D 353 -52.78 -12.56 -13.61
N ASP D 354 -52.26 -11.70 -12.73
CA ASP D 354 -53.12 -10.73 -12.05
C ASP D 354 -53.78 -9.78 -13.04
N THR D 355 -53.03 -9.30 -14.02
CA THR D 355 -53.59 -8.38 -15.01
C THR D 355 -54.67 -9.05 -15.84
N THR D 356 -54.48 -10.32 -16.20
CA THR D 356 -55.44 -11.01 -17.06
C THR D 356 -56.81 -11.07 -16.39
N THR D 357 -57.85 -10.92 -17.19
CA THR D 357 -59.22 -10.95 -16.70
C THR D 357 -59.54 -12.30 -16.06
N ASP D 363 -52.78 -17.41 -23.22
CA ASP D 363 -52.12 -16.22 -23.73
C ASP D 363 -51.00 -15.77 -22.79
N THR D 364 -51.31 -15.64 -21.51
CA THR D 364 -50.29 -15.27 -20.54
C THR D 364 -49.21 -16.34 -20.45
N VAL D 365 -49.60 -17.61 -20.46
CA VAL D 365 -48.63 -18.69 -20.43
C VAL D 365 -47.78 -18.67 -21.70
N VAL D 366 -48.39 -18.36 -22.84
CA VAL D 366 -47.65 -18.29 -24.09
C VAL D 366 -46.61 -17.17 -24.02
N ASP D 367 -47.01 -16.00 -23.50
CA ASP D 367 -46.07 -14.89 -23.38
C ASP D 367 -44.93 -15.25 -22.43
N PHE D 368 -45.26 -15.90 -21.31
CA PHE D 368 -44.22 -16.31 -20.37
C PHE D 368 -43.24 -17.28 -21.00
N MET D 369 -43.75 -18.26 -21.75
CA MET D 369 -42.89 -19.22 -22.42
C MET D 369 -42.00 -18.54 -23.45
N THR D 370 -42.56 -17.61 -24.22
CA THR D 370 -41.77 -16.88 -25.20
C THR D 370 -40.66 -16.08 -24.53
N LEU D 371 -41.00 -15.40 -23.43
CA LEU D 371 -39.99 -14.63 -22.71
C LEU D 371 -38.89 -15.52 -22.17
N LEU D 372 -39.27 -16.68 -21.60
CA LEU D 372 -38.26 -17.60 -21.08
C LEU D 372 -37.36 -18.12 -22.18
N ALA D 373 -37.94 -18.46 -23.34
CA ALA D 373 -37.14 -18.93 -24.46
C ALA D 373 -36.18 -17.85 -24.94
N GLY D 374 -36.66 -16.62 -25.03
CA GLY D 374 -35.84 -15.51 -25.48
C GLY D 374 -34.66 -15.23 -24.56
N ARG E 20 -20.28 -8.77 -21.03
CA ARG E 20 -21.07 -7.65 -21.53
C ARG E 20 -22.21 -7.33 -20.57
N ARG E 21 -23.07 -8.31 -20.32
CA ARG E 21 -24.19 -8.10 -19.40
C ARG E 21 -23.69 -7.79 -17.99
N GLY E 22 -22.68 -8.52 -17.54
CA GLY E 22 -22.14 -8.32 -16.20
C GLY E 22 -21.64 -6.91 -16.01
N PRO E 23 -20.65 -6.50 -16.82
CA PRO E 23 -20.16 -5.11 -16.72
C PRO E 23 -21.27 -4.08 -16.90
N ARG E 24 -22.26 -4.37 -17.75
CA ARG E 24 -23.36 -3.44 -17.92
C ARG E 24 -24.14 -3.26 -16.63
N LEU E 25 -24.43 -4.35 -15.92
CA LEU E 25 -25.20 -4.24 -14.69
C LEU E 25 -24.36 -3.66 -13.56
N LYS E 26 -23.04 -3.83 -13.62
CA LYS E 26 -22.18 -3.08 -12.70
C LYS E 26 -22.25 -1.59 -12.98
N GLY E 27 -22.20 -1.20 -14.25
CA GLY E 27 -22.19 0.20 -14.62
C GLY E 27 -23.53 0.89 -14.59
N LEU E 28 -24.62 0.14 -14.40
CA LEU E 28 -25.93 0.75 -14.28
C LEU E 28 -25.94 1.78 -13.15
N ARG E 29 -26.52 2.94 -13.42
CA ARG E 29 -26.60 4.02 -12.45
C ARG E 29 -27.96 4.00 -11.76
N LEU E 30 -27.95 4.06 -10.43
CA LEU E 30 -29.18 4.00 -9.64
C LEU E 30 -29.32 5.19 -8.70
N GLU E 31 -28.48 6.22 -8.84
CA GLU E 31 -28.56 7.42 -8.01
C GLU E 31 -28.95 8.65 -8.82
N LEU E 32 -28.17 8.99 -9.85
CA LEU E 32 -28.30 10.13 -10.76
C LEU E 32 -26.99 10.91 -10.74
N PRO E 33 -26.72 11.73 -11.76
CA PRO E 33 -25.47 12.50 -11.76
C PRO E 33 -25.57 13.76 -10.91
N LEU E 34 -26.77 14.31 -10.79
CA LEU E 34 -26.95 15.57 -10.08
C LEU E 34 -27.13 15.35 -8.59
N ASP E 35 -28.06 14.48 -8.20
CA ASP E 35 -28.29 14.24 -6.78
C ASP E 35 -27.07 13.63 -6.09
N SER E 36 -26.16 13.03 -6.85
CA SER E 36 -24.93 12.52 -6.24
C SER E 36 -24.11 13.65 -5.63
N ILE E 37 -24.02 14.79 -6.32
CA ILE E 37 -23.25 15.91 -5.80
C ILE E 37 -23.91 16.46 -4.53
N VAL E 38 -25.24 16.53 -4.50
CA VAL E 38 -25.93 16.99 -3.30
C VAL E 38 -25.71 16.02 -2.15
N LYS E 39 -25.79 14.72 -2.43
CA LYS E 39 -25.53 13.72 -1.41
C LYS E 39 -24.12 13.88 -0.85
N ARG E 40 -23.14 14.07 -1.72
CA ARG E 40 -21.76 14.23 -1.26
C ARG E 40 -21.60 15.50 -0.44
N VAL E 41 -22.18 16.60 -0.90
CA VAL E 41 -21.97 17.89 -0.24
C VAL E 41 -22.63 17.91 1.13
N ALA E 42 -23.87 17.44 1.21
CA ALA E 42 -24.63 17.55 2.45
C ALA E 42 -23.98 16.75 3.58
N VAL E 43 -23.06 15.84 3.27
CA VAL E 43 -22.37 15.07 4.29
C VAL E 43 -20.96 15.59 4.47
N GLY E 44 -20.32 16.00 3.37
CA GLY E 44 -18.95 16.49 3.47
C GLY E 44 -18.85 17.82 4.19
N SER E 45 -19.80 18.72 3.95
CA SER E 45 -19.72 20.05 4.56
C SER E 45 -19.70 19.98 6.08
N PRO E 46 -20.66 19.33 6.74
CA PRO E 46 -20.57 19.23 8.21
C PRO E 46 -19.31 18.53 8.67
N LEU E 47 -18.88 17.48 7.97
CA LEU E 47 -17.65 16.78 8.36
C LEU E 47 -16.43 17.69 8.23
N LEU E 48 -16.35 18.45 7.13
CA LEU E 48 -15.22 19.36 6.96
C LEU E 48 -15.22 20.43 8.03
N LEU E 49 -16.40 20.99 8.33
CA LEU E 49 -16.47 22.01 9.37
C LEU E 49 -16.08 21.44 10.74
N MET E 50 -16.52 20.22 11.04
CA MET E 50 -16.14 19.59 12.30
C MET E 50 -14.64 19.34 12.35
N SER E 51 -14.05 18.90 11.24
CA SER E 51 -12.61 18.70 11.21
C SER E 51 -11.88 20.01 11.45
N LEU E 52 -12.36 21.11 10.86
CA LEU E 52 -11.77 22.41 11.09
C LEU E 52 -11.88 22.81 12.56
N ALA E 53 -13.04 22.56 13.16
CA ALA E 53 -13.22 22.89 14.57
C ALA E 53 -12.26 22.11 15.45
N PHE E 54 -12.11 20.81 15.19
CA PHE E 54 -11.18 20.00 15.96
C PHE E 54 -9.74 20.45 15.76
N ALA E 55 -9.38 20.81 14.52
CA ALA E 55 -8.04 21.32 14.27
C ALA E 55 -7.78 22.59 15.03
N GLN E 56 -8.76 23.51 15.06
CA GLN E 56 -8.60 24.73 15.85
C GLN E 56 -8.46 24.42 17.33
N GLU E 57 -9.27 23.47 17.83
CA GLU E 57 -9.22 23.13 19.24
C GLU E 57 -7.85 22.58 19.62
N PHE E 58 -7.29 21.71 18.79
CA PHE E 58 -5.98 21.12 19.09
C PHE E 58 -4.82 22.04 18.74
N SER E 59 -5.04 23.08 17.94
CA SER E 59 -3.98 24.05 17.66
C SER E 59 -3.90 25.10 18.75
N SER E 60 -5.05 25.59 19.22
CA SER E 60 -5.06 26.57 20.29
C SER E 60 -4.61 25.97 21.63
N GLY E 61 -4.67 24.65 21.77
CA GLY E 61 -4.32 24.01 23.04
C GLY E 61 -5.39 24.15 24.10
N SER E 62 -5.79 25.38 24.40
CA SER E 62 -6.85 25.65 25.35
C SER E 62 -8.05 26.24 24.63
N PRO E 63 -9.23 25.62 24.68
CA PRO E 63 -10.39 26.22 23.98
C PRO E 63 -10.70 27.63 24.47
N ILE E 64 -10.44 27.93 25.74
CA ILE E 64 -10.59 29.29 26.27
C ILE E 64 -9.37 29.60 27.12
N SER E 65 -9.15 30.90 27.32
CA SER E 65 -8.06 31.40 28.16
C SER E 65 -8.64 32.43 29.11
N CYS E 66 -8.25 32.34 30.40
CA CYS E 66 -8.81 33.21 31.41
C CYS E 66 -7.73 34.02 32.11
N PHE E 67 -8.12 35.20 32.58
CA PHE E 67 -7.20 36.19 33.12
C PHE E 67 -7.21 36.13 34.64
N SER E 68 -6.55 35.10 35.16
CA SER E 68 -6.49 34.86 36.59
C SER E 68 -5.38 35.69 37.23
N PRO E 69 -5.50 35.99 38.53
CA PRO E 69 -4.53 36.87 39.17
C PRO E 69 -3.11 36.31 39.10
N SER E 70 -2.15 37.19 39.36
CA SER E 70 -0.74 36.78 39.31
C SER E 70 -0.39 35.79 40.41
N ASN E 71 -1.11 35.84 41.54
CA ASN E 71 -0.84 34.91 42.62
C ASN E 71 -1.04 33.47 42.20
N PHE E 72 -2.06 33.21 41.37
CA PHE E 72 -2.36 31.85 40.94
C PHE E 72 -1.14 31.24 40.27
N SER E 73 -0.79 30.03 40.69
CA SER E 73 0.27 29.29 40.03
C SER E 73 -0.22 28.79 38.68
N ILE E 74 0.64 28.05 37.98
CA ILE E 74 0.26 27.52 36.68
C ILE E 74 -0.86 26.49 36.83
N ARG E 75 -0.74 25.61 37.83
CA ARG E 75 -1.75 24.57 38.02
C ARG E 75 -3.10 25.16 38.40
N GLN E 76 -3.11 26.17 39.29
CA GLN E 76 -4.37 26.80 39.66
C GLN E 76 -4.98 27.53 38.48
N ALA E 77 -4.17 28.17 37.66
CA ALA E 77 -4.70 28.84 36.47
C ALA E 77 -5.30 27.84 35.49
N ALA E 78 -4.63 26.70 35.29
CA ALA E 78 -5.19 25.66 34.43
C ALA E 78 -6.49 25.13 35.00
N TYR E 79 -6.56 24.95 36.32
CA TYR E 79 -7.80 24.52 36.95
C TYR E 79 -8.92 25.52 36.70
N VAL E 80 -8.62 26.82 36.82
CA VAL E 80 -9.63 27.83 36.57
C VAL E 80 -10.10 27.77 35.12
N ASP E 81 -9.16 27.66 34.19
CA ASP E 81 -9.53 27.57 32.78
C ASP E 81 -10.47 26.39 32.55
N SER E 82 -10.09 25.22 33.06
CA SER E 82 -10.89 24.02 32.84
C SER E 82 -12.27 24.13 33.49
N SER E 83 -12.32 24.66 34.72
CA SER E 83 -13.61 24.75 35.41
C SER E 83 -14.53 25.76 34.77
N CYS E 84 -13.97 26.83 34.20
CA CYS E 84 -14.80 27.83 33.53
C CYS E 84 -15.27 27.33 32.17
N TRP E 85 -14.43 26.56 31.47
CA TRP E 85 -14.82 26.03 30.17
C TRP E 85 -15.81 24.89 30.30
N ASP E 86 -15.70 24.08 31.35
CA ASP E 86 -16.57 22.94 31.55
C ASP E 86 -17.91 23.34 32.18
N SER E 87 -18.04 24.56 32.69
CA SER E 87 -19.27 25.03 33.28
C SER E 87 -20.17 25.75 32.29
N LEU E 88 -19.92 25.59 30.99
CA LEU E 88 -20.80 26.17 29.98
C LEU E 88 -22.04 25.32 29.78
N LEU E 89 -21.85 24.03 29.47
CA LEU E 89 -22.97 23.13 29.23
C LEU E 89 -23.82 22.93 30.47
N HIS E 90 -23.27 23.15 31.66
CA HIS E 90 -24.00 22.96 32.90
C HIS E 90 -24.67 24.24 33.38
N HIS E 91 -23.97 25.37 33.35
CA HIS E 91 -24.51 26.64 33.79
C HIS E 91 -24.31 27.68 32.69
N LYS E 92 -25.16 28.70 32.72
CA LYS E 92 -25.11 29.80 31.76
C LYS E 92 -24.23 30.92 32.32
N GLN E 93 -23.41 31.51 31.46
CA GLN E 93 -22.50 32.58 31.86
C GLN E 93 -22.92 33.89 31.23
N ASP E 94 -22.64 34.99 31.93
CA ASP E 94 -23.15 36.30 31.57
C ASP E 94 -22.01 37.19 31.08
N GLY E 95 -22.20 37.76 29.89
CA GLY E 95 -21.25 38.70 29.34
C GLY E 95 -21.59 40.13 29.69
N PRO E 96 -20.63 41.04 29.52
CA PRO E 96 -20.85 42.43 29.95
C PRO E 96 -21.53 43.31 28.92
N GLY E 97 -22.53 42.77 28.22
CA GLY E 97 -23.33 43.57 27.32
C GLY E 97 -24.76 43.07 27.22
N GLN E 98 -25.11 42.11 28.07
CA GLN E 98 -26.27 41.27 27.87
C GLN E 98 -27.32 41.56 28.94
N ASP E 99 -28.37 40.74 28.92
CA ASP E 99 -29.41 40.78 29.94
C ASP E 99 -28.91 40.04 31.18
N LYS E 100 -29.84 39.70 32.09
CA LYS E 100 -29.45 39.05 33.33
C LYS E 100 -28.56 37.84 33.09
N MET E 101 -28.84 37.07 32.04
CA MET E 101 -28.11 35.83 31.81
C MET E 101 -28.14 35.49 30.33
N LYS E 102 -27.07 34.86 29.85
CA LYS E 102 -26.98 34.38 28.48
C LYS E 102 -26.39 32.98 28.47
N SER E 103 -26.76 32.23 27.44
CA SER E 103 -26.38 30.82 27.30
C SER E 103 -25.23 30.71 26.31
N LEU E 104 -24.09 30.17 26.78
CA LEU E 104 -22.91 29.99 25.95
C LEU E 104 -22.64 28.52 25.65
N TRP E 105 -23.63 27.66 25.82
CA TRP E 105 -23.43 26.23 25.61
C TRP E 105 -23.16 25.87 24.15
N PRO E 106 -23.71 26.56 23.15
CA PRO E 106 -23.47 26.12 21.76
C PRO E 106 -22.01 26.13 21.38
N HIS E 107 -21.16 26.89 22.08
CA HIS E 107 -19.73 26.84 21.82
C HIS E 107 -19.16 25.46 22.11
N LYS E 108 -19.60 24.83 23.20
CA LYS E 108 -19.09 23.53 23.59
C LYS E 108 -19.69 22.39 22.77
N ALA E 109 -20.97 22.49 22.41
CA ALA E 109 -21.68 21.44 21.69
C ALA E 109 -21.66 21.63 20.19
N LEU E 110 -20.63 22.31 19.65
CA LEU E 110 -20.60 22.55 18.20
C LEU E 110 -20.23 21.27 17.44
N PRO E 111 -19.08 20.64 17.69
CA PRO E 111 -18.74 19.44 16.92
C PRO E 111 -19.75 18.32 17.08
N TYR E 112 -20.33 18.15 18.27
CA TYR E 112 -21.35 17.13 18.45
C TYR E 112 -22.59 17.43 17.62
N SER E 113 -22.99 18.70 17.57
CA SER E 113 -24.11 19.08 16.72
C SER E 113 -23.79 18.84 15.25
N LEU E 114 -22.55 19.11 14.84
CA LEU E 114 -22.15 18.84 13.47
C LEU E 114 -22.23 17.35 13.16
N LEU E 115 -21.78 16.50 14.08
CA LEU E 115 -21.90 15.06 13.90
C LEU E 115 -23.35 14.63 13.77
N ALA E 116 -24.22 15.18 14.63
CA ALA E 116 -25.63 14.85 14.54
C ALA E 116 -26.21 15.28 13.21
N LEU E 117 -25.83 16.47 12.73
CA LEU E 117 -26.32 16.94 11.44
C LEU E 117 -25.84 16.07 10.30
N ALA E 118 -24.57 15.63 10.35
CA ALA E 118 -24.06 14.75 9.31
C ALA E 118 -24.82 13.43 9.31
N LEU E 119 -25.07 12.87 10.48
CA LEU E 119 -25.84 11.62 10.55
C LEU E 119 -27.25 11.82 10.00
N LEU E 120 -27.89 12.93 10.35
CA LEU E 120 -29.22 13.21 9.84
C LEU E 120 -29.22 13.33 8.32
N MET E 121 -28.21 14.02 7.77
CA MET E 121 -28.13 14.14 6.32
C MET E 121 -27.91 12.80 5.65
N TYR E 122 -27.09 11.93 6.26
CA TYR E 122 -26.79 10.64 5.67
C TYR E 122 -27.97 9.67 5.80
N LEU E 123 -28.84 9.88 6.79
CA LEU E 123 -29.95 8.95 7.02
C LEU E 123 -30.85 8.78 5.81
N PRO E 124 -31.37 9.84 5.17
CA PRO E 124 -32.25 9.62 4.01
C PRO E 124 -31.56 8.89 2.88
N VAL E 125 -30.25 9.11 2.68
CA VAL E 125 -29.53 8.38 1.65
C VAL E 125 -29.57 6.88 1.93
N LEU E 126 -29.30 6.50 3.19
CA LEU E 126 -29.37 5.10 3.57
C LEU E 126 -30.78 4.55 3.40
N LEU E 127 -31.79 5.34 3.77
CA LEU E 127 -33.17 4.92 3.58
C LEU E 127 -33.45 4.60 2.12
N TRP E 128 -33.05 5.50 1.22
CA TRP E 128 -33.31 5.30 -0.19
C TRP E 128 -32.57 4.05 -0.70
N GLN E 129 -31.31 3.90 -0.32
CA GLN E 129 -30.52 2.79 -0.83
C GLN E 129 -31.07 1.45 -0.33
N TYR E 130 -31.47 1.39 0.95
CA TYR E 130 -32.00 0.14 1.49
C TYR E 130 -33.44 -0.12 1.07
N ALA E 131 -34.17 0.91 0.65
CA ALA E 131 -35.60 0.76 0.42
C ALA E 131 -36.00 0.73 -1.05
N ALA E 132 -35.20 1.35 -1.95
CA ALA E 132 -35.61 1.44 -3.35
C ALA E 132 -34.47 1.20 -4.32
N VAL E 133 -33.37 0.60 -3.89
CA VAL E 133 -32.30 0.23 -4.82
C VAL E 133 -32.63 -1.09 -5.51
N PRO E 134 -33.13 -2.12 -4.81
CA PRO E 134 -33.22 -3.44 -5.48
C PRO E 134 -34.34 -3.51 -6.49
N ALA E 135 -35.53 -3.00 -6.16
CA ALA E 135 -36.63 -3.03 -7.10
C ALA E 135 -36.28 -2.22 -8.35
N LEU E 136 -35.71 -1.04 -8.16
CA LEU E 136 -35.32 -0.22 -9.30
C LEU E 136 -34.27 -0.93 -10.15
N SER E 137 -33.28 -1.56 -9.50
CA SER E 137 -32.25 -2.25 -10.26
C SER E 137 -32.84 -3.37 -11.10
N SER E 138 -33.71 -4.18 -10.50
CA SER E 138 -34.33 -5.28 -11.24
C SER E 138 -35.17 -4.76 -12.40
N ASP E 139 -35.97 -3.72 -12.15
CA ASP E 139 -36.82 -3.19 -13.21
C ASP E 139 -35.99 -2.65 -14.37
N LEU E 140 -34.94 -1.89 -14.06
CA LEU E 140 -34.08 -1.36 -15.10
C LEU E 140 -33.42 -2.48 -15.89
N LEU E 141 -32.92 -3.51 -15.19
CA LEU E 141 -32.24 -4.60 -15.88
C LEU E 141 -33.19 -5.30 -16.83
N PHE E 142 -34.38 -5.66 -16.34
CA PHE E 142 -35.33 -6.35 -17.22
C PHE E 142 -35.70 -5.48 -18.40
N ILE E 143 -35.95 -4.19 -18.16
CA ILE E 143 -36.42 -3.32 -19.23
C ILE E 143 -35.36 -3.18 -20.32
N ILE E 144 -34.11 -2.97 -19.92
CA ILE E 144 -33.06 -2.79 -20.93
C ILE E 144 -32.81 -4.11 -21.66
N SER E 145 -32.84 -5.23 -20.93
CA SER E 145 -32.60 -6.52 -21.56
C SER E 145 -33.65 -6.80 -22.62
N GLU E 146 -34.91 -6.50 -22.33
CA GLU E 146 -35.95 -6.69 -23.34
C GLU E 146 -35.89 -5.64 -24.44
N LEU E 147 -35.48 -4.41 -24.11
CA LEU E 147 -35.50 -3.34 -25.09
C LEU E 147 -34.43 -3.54 -26.16
N ASP E 148 -33.27 -4.09 -25.81
CA ASP E 148 -32.26 -4.33 -26.83
C ASP E 148 -32.78 -5.32 -27.89
N LYS E 149 -33.39 -6.42 -27.44
CA LYS E 149 -33.97 -7.37 -28.38
C LYS E 149 -35.11 -6.72 -29.17
N SER E 150 -35.92 -5.90 -28.50
CA SER E 150 -37.01 -5.22 -29.19
C SER E 150 -36.48 -4.34 -30.31
N TYR E 151 -35.40 -3.60 -30.04
CA TYR E 151 -34.80 -2.76 -31.07
C TYR E 151 -34.26 -3.60 -32.21
N ASN E 152 -33.60 -4.71 -31.90
CA ASN E 152 -33.08 -5.57 -32.97
C ASN E 152 -34.22 -6.09 -33.85
N ARG E 153 -35.30 -6.57 -33.22
CA ARG E 153 -36.44 -7.07 -33.99
C ARG E 153 -37.06 -5.96 -34.84
N SER E 154 -37.19 -4.76 -34.26
CA SER E 154 -37.78 -3.66 -35.02
C SER E 154 -36.93 -3.30 -36.24
N ILE E 155 -35.60 -3.25 -36.06
CA ILE E 155 -34.74 -2.87 -37.18
C ILE E 155 -34.71 -3.98 -38.23
N ARG E 156 -34.90 -5.23 -37.83
CA ARG E 156 -34.85 -6.33 -38.80
C ARG E 156 -35.87 -6.15 -39.92
N LEU E 157 -36.98 -5.47 -39.65
CA LEU E 157 -38.05 -5.29 -40.64
C LEU E 157 -37.80 -4.10 -41.57
N VAL E 158 -36.81 -3.25 -41.26
CA VAL E 158 -36.54 -2.09 -42.09
C VAL E 158 -36.11 -2.51 -43.49
N GLN E 159 -35.45 -3.67 -43.62
CA GLN E 159 -35.04 -4.12 -44.94
C GLN E 159 -36.24 -4.39 -45.83
N HIS E 160 -37.23 -5.14 -45.32
CA HIS E 160 -38.42 -5.41 -46.09
C HIS E 160 -39.20 -4.14 -46.37
N MET E 161 -39.26 -3.23 -45.39
CA MET E 161 -39.93 -1.95 -45.63
C MET E 161 -39.24 -1.18 -46.76
N LEU E 162 -37.91 -1.18 -46.78
CA LEU E 162 -37.18 -0.51 -47.84
C LEU E 162 -37.46 -1.15 -49.19
N LYS E 163 -37.47 -2.48 -49.25
CA LYS E 163 -37.77 -3.15 -50.52
C LYS E 163 -39.16 -2.77 -51.03
N ILE E 164 -40.15 -2.77 -50.13
CA ILE E 164 -41.51 -2.45 -50.54
C ILE E 164 -41.60 -1.00 -50.99
N ARG E 165 -40.93 -0.10 -50.27
CA ARG E 165 -40.94 1.31 -50.67
C ARG E 165 -40.29 1.50 -52.04
N GLN E 166 -39.19 0.79 -52.29
CA GLN E 166 -38.53 0.89 -53.59
C GLN E 166 -39.44 0.38 -54.70
N LYS E 167 -40.14 -0.73 -54.45
CA LYS E 167 -41.00 -1.30 -55.49
C LYS E 167 -42.11 -0.33 -55.88
N SER E 168 -42.74 0.32 -54.90
CA SER E 168 -43.81 1.27 -55.16
C SER E 168 -43.48 2.58 -54.45
N SER E 169 -43.45 3.67 -55.21
CA SER E 169 -43.02 4.96 -54.68
C SER E 169 -44.14 5.77 -54.03
N ASP E 170 -45.40 5.42 -54.28
CA ASP E 170 -46.49 6.22 -53.75
C ASP E 170 -46.51 6.15 -52.22
N PRO E 171 -46.97 7.22 -51.55
CA PRO E 171 -47.03 7.16 -50.08
C PRO E 171 -48.21 6.36 -49.54
N TYR E 172 -49.27 6.17 -50.32
CA TYR E 172 -50.42 5.42 -49.83
C TYR E 172 -50.03 3.98 -49.51
N VAL E 173 -49.31 3.33 -50.42
CA VAL E 173 -48.86 1.96 -50.17
C VAL E 173 -47.87 1.93 -49.01
N PHE E 174 -47.04 2.97 -48.89
CA PHE E 174 -46.09 3.02 -47.77
C PHE E 174 -46.84 3.04 -46.44
N TRP E 175 -47.87 3.88 -46.33
CA TRP E 175 -48.64 3.94 -45.10
C TRP E 175 -49.39 2.62 -44.85
N ASN E 176 -49.94 2.04 -45.91
CA ASN E 176 -50.65 0.77 -45.76
C ASN E 176 -49.71 -0.31 -45.25
N GLU E 177 -48.49 -0.38 -45.80
CA GLU E 177 -47.53 -1.39 -45.35
C GLU E 177 -47.04 -1.09 -43.95
N LEU E 178 -46.94 0.18 -43.58
CA LEU E 178 -46.58 0.52 -42.21
C LEU E 178 -47.64 0.00 -41.23
N GLU E 179 -48.91 0.22 -41.56
CA GLU E 179 -49.99 -0.30 -40.73
C GLU E 179 -49.97 -1.82 -40.68
N LYS E 180 -49.72 -2.46 -41.83
CA LYS E 180 -49.66 -3.92 -41.87
C LYS E 180 -48.53 -4.44 -41.00
N ALA E 181 -47.36 -3.81 -41.06
CA ALA E 181 -46.25 -4.22 -40.20
C ALA E 181 -46.60 -4.02 -38.73
N ARG E 182 -47.24 -2.90 -38.40
CA ARG E 182 -47.64 -2.67 -37.01
C ARG E 182 -48.61 -3.74 -36.53
N LYS E 183 -49.51 -4.19 -37.40
CA LYS E 183 -50.49 -5.20 -37.05
C LYS E 183 -49.98 -6.63 -37.22
N GLU E 184 -48.76 -6.81 -37.74
CA GLU E 184 -48.23 -8.14 -37.98
C GLU E 184 -48.21 -9.00 -36.73
N ARG E 185 -48.14 -8.39 -35.54
CA ARG E 185 -48.13 -9.08 -34.26
C ARG E 185 -46.81 -9.77 -33.97
N TYR E 186 -45.77 -9.50 -34.77
CA TYR E 186 -44.44 -10.04 -34.51
C TYR E 186 -43.69 -9.25 -33.45
N PHE E 187 -44.27 -8.16 -32.96
CA PHE E 187 -43.65 -7.34 -31.92
C PHE E 187 -44.78 -6.76 -31.07
N GLU E 188 -44.49 -5.70 -30.33
CA GLU E 188 -45.33 -5.04 -29.34
C GLU E 188 -45.31 -5.76 -27.99
N PHE E 189 -44.62 -6.90 -27.88
CA PHE E 189 -44.16 -7.43 -26.60
C PHE E 189 -45.20 -7.30 -25.50
N PRO E 190 -46.26 -8.11 -25.51
CA PRO E 190 -47.29 -7.97 -24.47
C PRO E 190 -46.75 -7.98 -23.06
N LEU E 191 -45.56 -8.56 -22.86
CA LEU E 191 -44.91 -8.48 -21.54
C LEU E 191 -44.71 -7.03 -21.12
N LEU E 192 -44.13 -6.22 -21.99
CA LEU E 192 -43.86 -4.83 -21.66
C LEU E 192 -45.16 -4.05 -21.44
N GLU E 193 -46.18 -4.32 -22.28
CA GLU E 193 -47.44 -3.61 -22.12
C GLU E 193 -48.02 -3.82 -20.72
N ARG E 194 -48.14 -5.09 -20.30
CA ARG E 194 -48.70 -5.37 -18.98
C ARG E 194 -47.78 -4.87 -17.87
N TYR E 195 -46.46 -4.97 -18.07
CA TYR E 195 -45.55 -4.51 -17.04
C TYR E 195 -45.70 -3.01 -16.81
N LEU E 196 -45.77 -2.23 -17.88
CA LEU E 196 -45.96 -0.79 -17.74
C LEU E 196 -47.33 -0.47 -17.18
N ALA E 197 -48.36 -1.22 -17.58
CA ALA E 197 -49.69 -0.99 -17.02
C ALA E 197 -49.68 -1.20 -15.51
N CYS E 198 -49.01 -2.25 -15.04
CA CYS E 198 -48.90 -2.49 -13.61
C CYS E 198 -48.08 -1.39 -12.93
N LYS E 199 -46.98 -0.97 -13.56
CA LYS E 199 -46.12 0.03 -12.96
C LYS E 199 -46.83 1.37 -12.80
N GLN E 200 -47.66 1.73 -13.77
CA GLN E 200 -48.32 3.03 -13.72
C GLN E 200 -49.17 3.19 -12.46
N ARG E 201 -49.57 2.09 -11.83
CA ARG E 201 -50.31 2.15 -10.58
C ARG E 201 -49.41 2.04 -9.36
N SER E 202 -48.21 1.51 -9.51
CA SER E 202 -47.29 1.41 -8.38
C SER E 202 -46.87 2.80 -7.92
N HIS E 203 -46.57 2.92 -6.64
CA HIS E 203 -46.16 4.21 -6.07
C HIS E 203 -44.98 4.09 -5.12
N SER E 204 -44.36 2.91 -4.99
CA SER E 204 -43.29 2.75 -4.01
C SER E 204 -42.09 3.64 -4.34
N LEU E 205 -41.70 3.68 -5.61
CA LEU E 205 -40.49 4.43 -5.97
C LEU E 205 -40.70 5.93 -5.83
N VAL E 206 -41.85 6.44 -6.29
CA VAL E 206 -42.14 7.85 -6.12
C VAL E 206 -42.26 8.19 -4.65
N ALA E 207 -42.86 7.31 -3.86
CA ALA E 207 -42.98 7.55 -2.43
C ALA E 207 -41.61 7.67 -1.78
N THR E 208 -40.70 6.74 -2.10
CA THR E 208 -39.36 6.81 -1.52
C THR E 208 -38.61 8.06 -1.97
N TYR E 209 -38.71 8.42 -3.25
CA TYR E 209 -38.02 9.60 -3.74
C TYR E 209 -38.53 10.86 -3.05
N LEU E 210 -39.85 11.03 -3.01
CA LEU E 210 -40.43 12.21 -2.38
C LEU E 210 -40.10 12.24 -0.90
N LEU E 211 -40.13 11.09 -0.23
CA LEU E 211 -39.79 11.05 1.19
C LEU E 211 -38.35 11.44 1.42
N ARG E 212 -37.43 10.97 0.59
CA ARG E 212 -36.02 11.33 0.76
C ARG E 212 -35.82 12.83 0.59
N ASN E 213 -36.41 13.40 -0.47
CA ASN E 213 -36.26 14.83 -0.70
C ASN E 213 -36.90 15.64 0.42
N SER E 214 -38.07 15.21 0.89
CA SER E 214 -38.74 15.93 1.97
C SER E 214 -37.94 15.84 3.26
N LEU E 215 -37.31 14.70 3.53
CA LEU E 215 -36.43 14.60 4.69
C LEU E 215 -35.26 15.56 4.58
N LEU E 216 -34.66 15.65 3.38
CA LEU E 216 -33.59 16.61 3.18
C LEU E 216 -34.06 18.03 3.49
N LEU E 217 -35.22 18.40 2.97
CA LEU E 217 -35.73 19.76 3.19
C LEU E 217 -36.03 20.00 4.67
N ILE E 218 -36.64 19.01 5.33
CA ILE E 218 -36.99 19.17 6.74
C ILE E 218 -35.73 19.32 7.58
N PHE E 219 -34.69 18.55 7.27
CA PHE E 219 -33.45 18.67 8.04
C PHE E 219 -32.76 19.99 7.78
N THR E 220 -32.84 20.50 6.54
CA THR E 220 -32.30 21.83 6.27
C THR E 220 -33.02 22.89 7.08
N SER E 221 -34.36 22.80 7.14
CA SER E 221 -35.11 23.75 7.95
C SER E 221 -34.76 23.61 9.43
N ALA E 222 -34.53 22.38 9.90
CA ALA E 222 -34.14 22.17 11.28
C ALA E 222 -32.80 22.82 11.58
N THR E 223 -31.84 22.70 10.66
CA THR E 223 -30.55 23.36 10.84
C THR E 223 -30.73 24.88 10.87
N TYR E 224 -31.60 25.41 10.00
CA TYR E 224 -31.87 26.84 10.02
C TYR E 224 -32.41 27.26 11.38
N LEU E 225 -33.36 26.50 11.92
CA LEU E 225 -33.91 26.84 13.24
C LEU E 225 -32.84 26.75 14.31
N TYR E 226 -32.01 25.72 14.28
CA TYR E 226 -30.96 25.56 15.28
C TYR E 226 -29.98 26.73 15.25
N LEU E 227 -29.54 27.14 14.06
CA LEU E 227 -28.59 28.24 13.95
C LEU E 227 -29.26 29.60 14.12
N GLY E 228 -30.58 29.67 14.08
CA GLY E 228 -31.25 30.93 14.32
C GLY E 228 -31.61 31.15 15.77
N HIS E 229 -31.81 30.05 16.51
CA HIS E 229 -32.19 30.13 17.91
C HIS E 229 -31.00 30.13 18.85
N PHE E 230 -30.01 29.28 18.58
CA PHE E 230 -28.91 29.04 19.51
C PHE E 230 -27.58 29.57 19.02
N HIS E 231 -27.55 30.41 17.99
CA HIS E 231 -26.30 30.97 17.51
C HIS E 231 -26.37 32.48 17.37
N LEU E 232 -27.56 33.01 17.05
CA LEU E 232 -27.68 34.45 16.87
C LEU E 232 -27.58 35.19 18.20
N ASP E 233 -28.13 34.61 19.26
CA ASP E 233 -28.13 35.29 20.56
C ASP E 233 -26.71 35.53 21.05
N VAL E 234 -25.83 34.53 20.88
CA VAL E 234 -24.46 34.61 21.37
C VAL E 234 -23.50 34.57 20.20
N PHE E 235 -23.90 35.17 19.08
CA PHE E 235 -23.05 35.13 17.89
C PHE E 235 -21.71 35.78 18.16
N PHE E 236 -21.68 36.93 18.83
CA PHE E 236 -20.43 37.62 19.11
C PHE E 236 -19.89 37.23 20.49
N GLN E 237 -20.61 37.60 21.54
CA GLN E 237 -20.31 37.17 22.91
C GLN E 237 -18.81 37.04 23.15
N GLU E 238 -18.11 38.17 23.02
CA GLU E 238 -16.66 38.17 23.12
C GLU E 238 -16.19 37.47 24.40
N GLU E 239 -16.55 38.01 25.56
CA GLU E 239 -16.09 37.52 26.85
C GLU E 239 -17.29 37.14 27.71
N PHE E 240 -17.00 36.42 28.79
CA PHE E 240 -18.02 36.08 29.77
C PHE E 240 -17.37 35.95 31.14
N SER E 241 -18.12 36.33 32.17
CA SER E 241 -17.63 36.36 33.54
C SER E 241 -17.94 35.03 34.20
N CYS E 242 -16.90 34.23 34.43
CA CYS E 242 -17.04 32.91 35.05
C CYS E 242 -16.91 33.02 36.57
N SER E 243 -17.19 31.91 37.24
CA SER E 243 -17.12 31.84 38.70
C SER E 243 -16.75 30.44 39.12
N ILE E 244 -15.96 30.33 40.19
CA ILE E 244 -15.54 29.03 40.72
C ILE E 244 -16.01 28.79 42.14
N LYS E 245 -16.50 29.82 42.85
CA LYS E 245 -16.88 29.66 44.25
C LYS E 245 -18.15 28.84 44.42
N THR E 246 -18.87 28.53 43.33
CA THR E 246 -20.10 27.75 43.46
C THR E 246 -19.85 26.38 44.06
N GLY E 247 -18.63 25.84 43.93
CA GLY E 247 -18.31 24.54 44.47
C GLY E 247 -18.10 24.57 45.97
N LEU E 248 -17.17 23.77 46.46
CA LEU E 248 -16.89 23.70 47.89
C LEU E 248 -15.71 24.56 48.32
N LEU E 249 -15.10 25.29 47.40
CA LEU E 249 -14.12 26.32 47.78
C LEU E 249 -14.77 27.69 47.87
N SER E 250 -15.88 27.77 48.62
CA SER E 250 -16.57 29.02 48.82
C SER E 250 -16.05 29.80 50.02
N ASP E 251 -15.29 29.16 50.91
CA ASP E 251 -14.68 29.83 52.05
C ASP E 251 -13.23 30.18 51.80
N GLU E 252 -12.75 30.01 50.56
CA GLU E 252 -11.36 30.30 50.22
C GLU E 252 -11.26 31.75 49.78
N THR E 253 -10.71 32.60 50.65
CA THR E 253 -10.54 34.01 50.31
C THR E 253 -9.44 34.22 49.28
N HIS E 254 -8.56 33.24 49.07
CA HIS E 254 -7.46 33.40 48.13
C HIS E 254 -7.98 33.62 46.71
N VAL E 255 -8.97 32.83 46.29
CA VAL E 255 -9.48 32.90 44.92
C VAL E 255 -10.29 34.19 44.75
N PRO E 256 -10.36 34.75 43.54
CA PRO E 256 -11.28 35.88 43.32
C PRO E 256 -12.71 35.39 43.26
N ASN E 257 -13.66 36.32 43.18
CA ASN E 257 -15.08 35.97 43.17
C ASN E 257 -15.63 35.71 41.77
N LEU E 258 -15.26 36.53 40.79
CA LEU E 258 -15.89 36.54 39.48
C LEU E 258 -14.83 36.59 38.38
N ILE E 259 -13.90 35.65 38.40
CA ILE E 259 -12.88 35.57 37.36
C ILE E 259 -13.54 35.72 36.01
N THR E 260 -13.07 36.69 35.21
CA THR E 260 -13.70 37.06 33.96
C THR E 260 -12.78 36.71 32.81
N CYS E 261 -13.31 36.04 31.79
CA CYS E 261 -12.46 35.60 30.70
C CYS E 261 -13.28 35.37 29.43
N ARG E 262 -12.57 34.94 28.38
CA ARG E 262 -13.07 34.91 27.03
C ARG E 262 -12.76 33.56 26.40
N LEU E 263 -13.18 33.41 25.14
CA LEU E 263 -13.00 32.18 24.38
C LEU E 263 -12.42 32.53 23.02
N THR E 264 -11.40 31.79 22.60
CA THR E 264 -10.59 32.19 21.45
C THR E 264 -11.18 31.71 20.12
N SER E 265 -11.93 30.61 20.12
CA SER E 265 -12.46 30.05 18.89
C SER E 265 -13.74 30.72 18.42
N LEU E 266 -14.00 31.94 18.89
CA LEU E 266 -15.25 32.62 18.54
C LEU E 266 -15.33 32.87 17.04
N SER E 267 -14.22 33.30 16.43
CA SER E 267 -14.24 33.58 14.99
C SER E 267 -14.48 32.31 14.19
N ILE E 268 -13.87 31.19 14.62
CA ILE E 268 -14.10 29.91 13.94
C ILE E 268 -15.55 29.51 14.06
N PHE E 269 -16.14 29.72 15.24
CA PHE E 269 -17.55 29.42 15.45
C PHE E 269 -18.43 30.23 14.51
N GLN E 270 -18.17 31.54 14.44
CA GLN E 270 -18.93 32.43 13.56
C GLN E 270 -18.84 31.98 12.11
N ILE E 271 -17.61 31.70 11.66
CA ILE E 271 -17.40 31.22 10.30
C ILE E 271 -18.23 29.97 10.08
N VAL E 272 -17.95 28.91 10.83
CA VAL E 272 -18.65 27.63 10.68
C VAL E 272 -20.14 27.86 10.51
N SER E 273 -20.73 28.69 11.39
CA SER E 273 -22.17 28.92 11.33
C SER E 273 -22.57 29.55 9.99
N LEU E 274 -21.89 30.63 9.61
CA LEU E 274 -22.24 31.32 8.37
C LEU E 274 -22.06 30.42 7.15
N SER E 275 -20.95 29.68 7.13
CA SER E 275 -20.66 28.79 6.01
C SER E 275 -21.72 27.71 5.86
N SER E 276 -22.12 27.10 6.98
CA SER E 276 -23.16 26.08 6.90
C SER E 276 -24.48 26.67 6.42
N VAL E 277 -24.84 27.85 6.92
CA VAL E 277 -26.07 28.49 6.48
C VAL E 277 -26.04 28.72 4.98
N ALA E 278 -24.93 29.25 4.48
CA ALA E 278 -24.81 29.53 3.05
C ALA E 278 -24.90 28.25 2.23
N ILE E 279 -24.19 27.20 2.68
CA ILE E 279 -24.17 25.96 1.91
C ILE E 279 -25.57 25.38 1.79
N TYR E 280 -26.32 25.36 2.89
CA TYR E 280 -27.65 24.77 2.82
C TYR E 280 -28.64 25.67 2.08
N THR E 281 -28.44 26.99 2.13
CA THR E 281 -29.25 27.86 1.29
C THR E 281 -29.01 27.57 -0.18
N ILE E 282 -27.76 27.33 -0.56
CA ILE E 282 -27.46 26.90 -1.93
C ILE E 282 -28.12 25.57 -2.25
N LEU E 283 -28.08 24.62 -1.33
CA LEU E 283 -28.60 23.28 -1.57
C LEU E 283 -30.12 23.22 -1.69
N VAL E 284 -30.85 24.11 -1.02
CA VAL E 284 -32.31 24.07 -1.05
C VAL E 284 -32.86 24.05 -2.47
N PRO E 285 -32.54 25.05 -3.31
CA PRO E 285 -33.15 25.10 -4.65
C PRO E 285 -32.86 23.87 -5.50
N VAL E 286 -31.68 23.26 -5.32
CA VAL E 286 -31.36 22.05 -6.07
C VAL E 286 -32.33 20.95 -5.72
N ILE E 287 -32.62 20.79 -4.43
CA ILE E 287 -33.57 19.75 -4.00
C ILE E 287 -34.98 20.09 -4.49
N ILE E 288 -35.33 21.37 -4.49
CA ILE E 288 -36.64 21.75 -5.01
C ILE E 288 -36.75 21.38 -6.48
N TYR E 289 -35.70 21.62 -7.26
CA TYR E 289 -35.70 21.23 -8.66
C TYR E 289 -35.77 19.71 -8.82
N ASN E 290 -35.08 18.98 -7.96
CA ASN E 290 -35.14 17.52 -8.01
C ASN E 290 -36.56 17.03 -7.79
N LEU E 291 -37.27 17.61 -6.82
CA LEU E 291 -38.69 17.28 -6.65
C LEU E 291 -39.51 17.70 -7.86
N THR E 292 -39.25 18.87 -8.43
CA THR E 292 -40.01 19.31 -9.60
C THR E 292 -39.83 18.37 -10.78
N ARG E 293 -38.68 17.68 -10.87
CA ARG E 293 -38.43 16.84 -12.02
C ARG E 293 -39.48 15.75 -12.19
N LEU E 294 -40.21 15.38 -11.13
CA LEU E 294 -41.21 14.32 -11.25
C LEU E 294 -42.54 14.84 -11.78
N CYS E 295 -42.86 16.11 -11.53
CA CYS E 295 -44.16 16.64 -11.93
C CYS E 295 -44.35 16.68 -13.45
N ARG E 296 -43.27 16.63 -14.22
CA ARG E 296 -43.33 16.73 -15.67
C ARG E 296 -42.66 15.52 -16.31
N TRP E 297 -43.27 15.02 -17.38
CA TRP E 297 -42.67 13.91 -18.13
C TRP E 297 -41.48 14.40 -18.93
N ASP E 298 -40.46 13.55 -19.02
CA ASP E 298 -39.23 13.90 -19.73
C ASP E 298 -39.48 14.05 -21.23
N LYS E 299 -39.37 16.78 -23.94
CA LYS E 299 -40.39 16.55 -24.96
C LYS E 299 -39.75 16.13 -26.28
N ARG E 300 -38.60 16.73 -26.59
CA ARG E 300 -37.91 16.41 -27.84
C ARG E 300 -37.53 14.93 -27.88
N LEU E 301 -37.05 14.38 -26.76
CA LEU E 301 -36.68 12.97 -26.74
C LEU E 301 -37.89 12.07 -26.95
N LEU E 302 -39.06 12.49 -26.45
CA LEU E 302 -40.28 11.71 -26.65
C LEU E 302 -40.66 11.68 -28.13
N SER E 303 -40.62 12.83 -28.80
CA SER E 303 -40.89 12.86 -30.23
C SER E 303 -39.83 12.07 -30.99
N VAL E 304 -38.62 12.00 -30.45
CA VAL E 304 -37.55 11.22 -31.09
C VAL E 304 -37.87 9.74 -31.03
N TYR E 305 -38.26 9.27 -29.84
CA TYR E 305 -38.43 7.84 -29.59
C TYR E 305 -39.83 7.33 -29.90
N GLU E 306 -40.78 8.21 -30.22
CA GLU E 306 -42.13 7.74 -30.51
C GLU E 306 -42.18 6.86 -31.76
N MET E 307 -41.39 7.19 -32.78
CA MET E 307 -41.50 6.50 -34.05
C MET E 307 -41.23 5.01 -33.91
N LEU E 308 -40.14 4.65 -33.22
CA LEU E 308 -39.75 3.25 -33.14
C LEU E 308 -40.80 2.46 -32.37
N PRO E 309 -41.31 1.35 -32.91
CA PRO E 309 -42.36 0.60 -32.19
C PRO E 309 -41.95 0.18 -30.79
N ALA E 310 -40.72 -0.30 -30.61
CA ALA E 310 -40.29 -0.74 -29.29
C ALA E 310 -40.37 0.40 -28.28
N PHE E 311 -39.88 1.58 -28.66
CA PHE E 311 -40.01 2.75 -27.80
C PHE E 311 -41.40 3.35 -27.85
N ASP E 312 -42.21 3.00 -28.84
CA ASP E 312 -43.54 3.57 -28.96
C ASP E 312 -44.42 3.19 -27.78
N LEU E 313 -44.35 1.94 -27.34
CA LEU E 313 -45.27 1.46 -26.30
C LEU E 313 -45.17 2.29 -25.03
N LEU E 314 -43.95 2.56 -24.56
CA LEU E 314 -43.77 3.30 -23.32
C LEU E 314 -44.02 4.79 -23.46
N SER E 315 -44.20 5.29 -24.67
CA SER E 315 -44.41 6.72 -24.89
C SER E 315 -45.87 7.13 -24.88
N ARG E 316 -46.80 6.17 -24.77
CA ARG E 316 -48.23 6.47 -24.79
C ARG E 316 -48.83 6.56 -23.40
N LYS E 317 -48.02 6.50 -22.35
CA LYS E 317 -48.53 6.42 -20.99
C LYS E 317 -48.61 7.77 -20.29
N MET E 318 -48.28 8.87 -20.98
CA MET E 318 -48.29 10.18 -20.35
C MET E 318 -49.69 10.76 -20.20
N LEU E 319 -50.71 10.10 -20.74
CA LEU E 319 -52.08 10.57 -20.50
C LEU E 319 -52.41 10.60 -19.01
N GLY E 320 -51.75 9.76 -18.22
CA GLY E 320 -52.02 9.69 -16.80
C GLY E 320 -51.31 10.77 -15.99
N CYS E 321 -51.47 10.72 -14.68
CA CYS E 321 -50.84 11.71 -13.81
C CYS E 321 -49.32 11.55 -13.85
N PRO E 322 -48.57 12.65 -13.82
CA PRO E 322 -47.10 12.51 -13.83
C PRO E 322 -46.54 11.76 -12.64
N ILE E 323 -47.25 11.74 -11.51
CA ILE E 323 -46.76 11.10 -10.30
C ILE E 323 -47.15 9.62 -10.37
N ASN E 324 -46.25 8.81 -10.89
CA ASN E 324 -46.43 7.37 -10.95
C ASN E 324 -45.06 6.70 -10.85
N ASP E 325 -45.05 5.44 -10.43
CA ASP E 325 -43.78 4.73 -10.32
C ASP E 325 -43.04 4.73 -11.65
N LEU E 326 -43.76 4.55 -12.76
CA LEU E 326 -43.11 4.55 -14.06
C LEU E 326 -42.32 5.83 -14.32
N ASN E 327 -42.75 6.95 -13.74
CA ASN E 327 -42.04 8.21 -13.97
C ASN E 327 -40.60 8.13 -13.48
N VAL E 328 -40.39 7.60 -12.27
CA VAL E 328 -39.03 7.46 -11.75
C VAL E 328 -38.23 6.51 -12.64
N ILE E 329 -38.84 5.40 -13.04
CA ILE E 329 -38.16 4.45 -13.91
C ILE E 329 -37.85 5.10 -15.25
N LEU E 330 -38.74 5.98 -15.71
CA LEU E 330 -38.46 6.70 -16.95
C LEU E 330 -37.25 7.62 -16.78
N LEU E 331 -37.17 8.30 -15.64
CA LEU E 331 -36.01 9.15 -15.37
C LEU E 331 -34.72 8.34 -15.38
N PHE E 332 -34.74 7.18 -14.73
CA PHE E 332 -33.52 6.37 -14.70
C PHE E 332 -33.20 5.77 -16.06
N LEU E 333 -34.21 5.42 -16.85
CA LEU E 333 -33.95 4.98 -18.22
C LEU E 333 -33.29 6.08 -19.02
N ARG E 334 -33.78 7.31 -18.92
CA ARG E 334 -33.16 8.40 -19.66
C ARG E 334 -31.72 8.62 -19.19
N ALA E 335 -31.50 8.52 -17.88
CA ALA E 335 -30.15 8.71 -17.35
C ALA E 335 -29.20 7.64 -17.86
N ASN E 336 -29.64 6.38 -17.90
CA ASN E 336 -28.77 5.27 -18.26
C ASN E 336 -28.54 5.16 -19.77
N ILE E 337 -29.63 5.20 -20.54
CA ILE E 337 -29.54 4.99 -21.99
C ILE E 337 -28.58 5.98 -22.64
N SER E 338 -28.32 7.12 -21.99
CA SER E 338 -27.39 8.09 -22.55
C SER E 338 -25.99 7.50 -22.73
N GLU E 339 -25.66 6.44 -22.00
CA GLU E 339 -24.35 5.82 -22.10
C GLU E 339 -24.40 4.32 -22.39
N LEU E 340 -25.57 3.68 -22.35
CA LEU E 340 -25.62 2.25 -22.62
C LEU E 340 -25.12 1.93 -24.02
N ILE E 341 -25.62 2.66 -25.03
CA ILE E 341 -25.23 2.59 -26.43
C ILE E 341 -26.48 2.66 -27.29
N SER E 342 -27.62 2.23 -26.75
CA SER E 342 -28.84 2.09 -27.53
C SER E 342 -29.47 3.43 -27.90
N PHE E 343 -28.85 4.56 -27.57
CA PHE E 343 -29.40 5.87 -27.88
C PHE E 343 -28.65 6.62 -28.96
N SER E 344 -27.37 6.32 -29.18
CA SER E 344 -26.56 7.10 -30.10
C SER E 344 -27.06 7.05 -31.54
N TRP E 345 -27.91 6.07 -31.87
CA TRP E 345 -28.38 5.90 -33.24
C TRP E 345 -29.69 6.64 -33.49
N LEU E 346 -30.70 6.41 -32.65
CA LEU E 346 -32.01 7.02 -32.88
C LEU E 346 -31.94 8.54 -32.85
N SER E 347 -31.02 9.11 -32.07
CA SER E 347 -30.84 10.56 -32.08
C SER E 347 -30.46 11.03 -33.48
N VAL E 348 -29.49 10.37 -34.10
CA VAL E 348 -29.07 10.75 -35.44
C VAL E 348 -30.18 10.50 -36.45
N LEU E 349 -30.93 9.40 -36.28
CA LEU E 349 -32.02 9.12 -37.21
C LEU E 349 -33.08 10.21 -37.14
N CYS E 350 -33.43 10.67 -35.94
CA CYS E 350 -34.44 11.71 -35.82
C CYS E 350 -33.90 13.07 -36.24
N VAL E 351 -32.59 13.29 -36.09
CA VAL E 351 -31.97 14.48 -36.67
C VAL E 351 -32.12 14.45 -38.19
N LEU E 352 -31.91 13.28 -38.80
CA LEU E 352 -32.14 13.13 -40.24
C LEU E 352 -33.59 13.45 -40.58
N LYS E 353 -34.52 12.92 -39.78
CA LYS E 353 -35.93 13.18 -40.04
C LYS E 353 -36.25 14.66 -39.97
N ASP E 354 -35.70 15.36 -38.96
CA ASP E 354 -35.91 16.79 -38.86
C ASP E 354 -35.33 17.53 -40.06
N THR E 355 -34.13 17.14 -40.48
CA THR E 355 -33.49 17.81 -41.61
C THR E 355 -34.25 17.56 -42.91
N THR E 356 -34.91 16.41 -43.03
CA THR E 356 -35.64 16.09 -44.25
C THR E 356 -36.76 17.10 -44.47
N THR E 357 -36.97 17.46 -45.73
CA THR E 357 -38.01 18.42 -46.10
C THR E 357 -39.39 17.87 -45.75
N ASP E 363 -35.35 7.73 -48.16
CA ASP E 363 -33.93 8.05 -48.27
C ASP E 363 -33.29 8.11 -46.89
N THR E 364 -33.90 8.89 -45.99
CA THR E 364 -33.40 8.97 -44.63
C THR E 364 -33.45 7.61 -43.93
N VAL E 365 -34.56 6.88 -44.12
CA VAL E 365 -34.68 5.55 -43.53
C VAL E 365 -33.63 4.62 -44.12
N VAL E 366 -33.37 4.73 -45.43
CA VAL E 366 -32.37 3.89 -46.07
C VAL E 366 -30.99 4.19 -45.49
N ASP E 367 -30.66 5.47 -45.32
CA ASP E 367 -29.37 5.83 -44.74
C ASP E 367 -29.25 5.31 -43.31
N PHE E 368 -30.32 5.43 -42.53
CA PHE E 368 -30.29 4.93 -41.16
C PHE E 368 -30.08 3.43 -41.13
N MET E 369 -30.76 2.69 -42.00
CA MET E 369 -30.60 1.25 -42.06
C MET E 369 -29.18 0.87 -42.46
N THR E 370 -28.62 1.58 -43.44
CA THR E 370 -27.25 1.30 -43.86
C THR E 370 -26.27 1.57 -42.72
N LEU E 371 -26.46 2.67 -42.00
CA LEU E 371 -25.58 2.97 -40.88
C LEU E 371 -25.69 1.91 -39.79
N LEU E 372 -26.91 1.48 -39.48
CA LEU E 372 -27.09 0.45 -38.47
C LEU E 372 -26.43 -0.86 -38.89
N ALA E 373 -26.58 -1.25 -40.16
CA ALA E 373 -25.96 -2.47 -40.65
C ALA E 373 -24.44 -2.37 -40.57
N GLY E 374 -23.89 -1.22 -40.95
CA GLY E 374 -22.45 -1.03 -40.91
C GLY E 374 -21.87 -1.09 -39.52
N ARG F 20 -10.16 -3.11 -28.78
CA ARG F 20 -9.57 -2.03 -29.55
C ARG F 20 -10.43 -0.77 -29.47
N ARG F 21 -11.74 -0.94 -29.66
CA ARG F 21 -12.63 0.22 -29.62
C ARG F 21 -12.72 0.80 -28.22
N GLY F 22 -12.95 -0.04 -27.22
CA GLY F 22 -13.12 0.41 -25.86
C GLY F 22 -11.93 1.18 -25.33
N PRO F 23 -10.73 0.61 -25.51
CA PRO F 23 -9.53 1.37 -25.13
C PRO F 23 -9.42 2.71 -25.83
N ARG F 24 -9.85 2.79 -27.10
CA ARG F 24 -9.86 4.07 -27.79
C ARG F 24 -10.81 5.04 -27.12
N LEU F 25 -12.01 4.57 -26.74
CA LEU F 25 -12.95 5.44 -26.04
C LEU F 25 -12.37 5.96 -24.73
N LYS F 26 -11.72 5.08 -23.96
CA LYS F 26 -11.14 5.52 -22.71
C LYS F 26 -10.00 6.51 -22.95
N GLY F 27 -9.18 6.27 -23.97
CA GLY F 27 -8.06 7.14 -24.26
C GLY F 27 -8.43 8.44 -24.95
N LEU F 28 -9.68 8.58 -25.39
CA LEU F 28 -10.12 9.83 -25.97
C LEU F 28 -9.88 10.99 -25.00
N ARG F 29 -9.36 12.10 -25.52
CA ARG F 29 -9.08 13.29 -24.72
C ARG F 29 -10.27 14.24 -24.83
N LEU F 30 -10.77 14.69 -23.69
CA LEU F 30 -11.96 15.55 -23.63
C LEU F 30 -11.69 16.89 -22.97
N GLU F 31 -10.41 17.25 -22.73
CA GLU F 31 -10.10 18.50 -22.05
C GLU F 31 -8.94 19.24 -22.69
N LEU F 32 -8.41 18.76 -23.82
CA LEU F 32 -7.28 19.39 -24.51
C LEU F 32 -6.04 19.36 -23.62
N PRO F 33 -4.84 19.48 -24.21
CA PRO F 33 -3.62 19.36 -23.41
C PRO F 33 -3.20 20.67 -22.75
N LEU F 34 -3.57 21.81 -23.36
CA LEU F 34 -3.10 23.09 -22.86
C LEU F 34 -3.95 23.58 -21.70
N ASP F 35 -5.28 23.59 -21.87
CA ASP F 35 -6.14 24.04 -20.78
C ASP F 35 -6.03 23.15 -19.55
N SER F 36 -5.51 21.94 -19.70
CA SER F 36 -5.30 21.09 -18.53
C SER F 36 -4.30 21.73 -17.57
N ILE F 37 -3.24 22.33 -18.11
CA ILE F 37 -2.25 22.98 -17.25
C ILE F 37 -2.86 24.17 -16.52
N VAL F 38 -3.70 24.94 -17.21
CA VAL F 38 -4.34 26.09 -16.57
C VAL F 38 -5.30 25.61 -15.47
N LYS F 39 -6.08 24.57 -15.76
CA LYS F 39 -6.94 23.98 -14.74
C LYS F 39 -6.12 23.57 -13.52
N ARG F 40 -5.03 22.85 -13.74
CA ARG F 40 -4.22 22.36 -12.62
C ARG F 40 -3.63 23.52 -11.83
N VAL F 41 -3.10 24.53 -12.52
CA VAL F 41 -2.41 25.63 -11.84
C VAL F 41 -3.40 26.47 -11.04
N ALA F 42 -4.53 26.82 -11.65
CA ALA F 42 -5.48 27.72 -11.00
C ALA F 42 -6.05 27.13 -9.72
N VAL F 43 -5.91 25.83 -9.50
CA VAL F 43 -6.41 25.19 -8.29
C VAL F 43 -5.24 24.88 -7.36
N GLY F 44 -4.10 24.47 -7.93
CA GLY F 44 -2.95 24.14 -7.10
C GLY F 44 -2.35 25.35 -6.42
N SER F 45 -2.25 26.47 -7.13
CA SER F 45 -1.58 27.64 -6.56
C SER F 45 -2.24 28.11 -5.27
N PRO F 46 -3.56 28.37 -5.23
CA PRO F 46 -4.16 28.74 -3.95
C PRO F 46 -4.00 27.67 -2.89
N LEU F 47 -4.11 26.39 -3.25
CA LEU F 47 -3.93 25.32 -2.28
C LEU F 47 -2.50 25.30 -1.73
N LEU F 48 -1.51 25.46 -2.60
CA LEU F 48 -0.12 25.49 -2.12
C LEU F 48 0.12 26.68 -1.21
N LEU F 49 -0.41 27.85 -1.58
CA LEU F 49 -0.24 29.02 -0.74
C LEU F 49 -0.92 28.84 0.61
N MET F 50 -2.10 28.22 0.62
CA MET F 50 -2.79 27.94 1.88
C MET F 50 -1.99 26.96 2.74
N SER F 51 -1.41 25.94 2.11
CA SER F 51 -0.59 24.99 2.86
C SER F 51 0.61 25.70 3.46
N LEU F 52 1.24 26.60 2.70
CA LEU F 52 2.36 27.37 3.24
C LEU F 52 1.91 28.23 4.42
N ALA F 53 0.75 28.87 4.30
CA ALA F 53 0.25 29.71 5.40
C ALA F 53 0.02 28.87 6.65
N PHE F 54 -0.60 27.70 6.50
CA PHE F 54 -0.83 26.83 7.65
C PHE F 54 0.47 26.34 8.25
N ALA F 55 1.45 26.00 7.39
CA ALA F 55 2.74 25.57 7.90
C ALA F 55 3.41 26.67 8.71
N GLN F 56 3.35 27.91 8.20
CA GLN F 56 3.90 29.03 8.97
C GLN F 56 3.17 29.21 10.28
N GLU F 57 1.84 29.11 10.27
CA GLU F 57 1.06 29.29 11.49
C GLU F 57 1.44 28.25 12.53
N PHE F 58 1.58 26.99 12.13
CA PHE F 58 1.91 25.93 13.06
C PHE F 58 3.40 25.86 13.41
N SER F 59 4.25 26.52 12.63
CA SER F 59 5.67 26.60 12.97
C SER F 59 5.96 27.73 13.94
N SER F 60 5.35 28.90 13.72
CA SER F 60 5.53 30.01 14.64
C SER F 60 4.93 29.73 16.00
N GLY F 61 3.90 28.89 16.07
CA GLY F 61 3.24 28.60 17.33
C GLY F 61 2.18 29.63 17.67
N SER F 62 2.52 30.90 17.53
CA SER F 62 1.60 32.01 17.80
C SER F 62 1.53 32.87 16.54
N PRO F 63 0.33 33.09 15.97
CA PRO F 63 0.26 33.98 14.81
C PRO F 63 0.79 35.37 15.07
N ILE F 64 0.63 35.89 16.29
CA ILE F 64 1.19 37.17 16.69
C ILE F 64 1.83 37.02 18.06
N SER F 65 2.74 37.93 18.35
CA SER F 65 3.41 38.00 19.64
C SER F 65 3.30 39.42 20.17
N CYS F 66 3.00 39.57 21.46
CA CYS F 66 2.78 40.89 22.03
C CYS F 66 3.70 41.15 23.20
N PHE F 67 4.04 42.43 23.39
CA PHE F 67 5.05 42.87 24.34
C PHE F 67 4.33 43.35 25.61
N SER F 68 3.89 42.38 26.41
CA SER F 68 3.17 42.68 27.64
C SER F 68 4.15 42.92 28.78
N PRO F 69 3.73 43.66 29.81
CA PRO F 69 4.65 44.01 30.90
C PRO F 69 5.20 42.77 31.59
N SER F 70 6.28 42.99 32.36
CA SER F 70 6.91 41.88 33.06
C SER F 70 6.04 41.32 34.17
N ASN F 71 5.15 42.14 34.73
CA ASN F 71 4.27 41.68 35.79
C ASN F 71 3.39 40.53 35.30
N PHE F 72 2.90 40.62 34.07
CA PHE F 72 2.01 39.59 33.54
C PHE F 72 2.68 38.22 33.61
N SER F 73 1.96 37.25 34.14
CA SER F 73 2.44 35.88 34.15
C SER F 73 2.37 35.31 32.73
N ILE F 74 2.73 34.04 32.60
CA ILE F 74 2.69 33.41 31.29
C ILE F 74 1.24 33.26 30.81
N ARG F 75 0.34 32.87 31.71
CA ARG F 75 -1.05 32.71 31.33
C ARG F 75 -1.69 34.03 30.94
N GLN F 76 -1.42 35.09 31.69
CA GLN F 76 -1.98 36.40 31.34
C GLN F 76 -1.42 36.89 30.01
N ALA F 77 -0.13 36.67 29.77
CA ALA F 77 0.47 37.07 28.50
C ALA F 77 -0.16 36.30 27.33
N ALA F 78 -0.39 34.99 27.51
CA ALA F 78 -1.05 34.22 26.47
C ALA F 78 -2.47 34.71 26.23
N TYR F 79 -3.17 35.06 27.31
CA TYR F 79 -4.51 35.63 27.17
C TYR F 79 -4.47 36.92 26.36
N VAL F 80 -3.49 37.78 26.65
CA VAL F 80 -3.39 39.04 25.90
C VAL F 80 -3.11 38.75 24.43
N ASP F 81 -2.20 37.82 24.16
CA ASP F 81 -1.90 37.46 22.77
C ASP F 81 -3.16 37.00 22.05
N SER F 82 -3.89 36.07 22.67
CA SER F 82 -5.08 35.51 22.02
C SER F 82 -6.16 36.55 21.83
N SER F 83 -6.37 37.42 22.84
CA SER F 83 -7.43 38.41 22.73
C SER F 83 -7.09 39.50 21.72
N CYS F 84 -5.81 39.81 21.56
CA CYS F 84 -5.42 40.81 20.56
C CYS F 84 -5.45 40.22 19.15
N TRP F 85 -5.13 38.93 19.00
CA TRP F 85 -5.17 38.30 17.70
C TRP F 85 -6.59 38.00 17.25
N ASP F 86 -7.48 37.68 18.19
CA ASP F 86 -8.86 37.35 17.87
C ASP F 86 -9.74 38.57 17.70
N SER F 87 -9.25 39.75 18.07
CA SER F 87 -10.00 41.00 17.94
C SER F 87 -9.64 41.75 16.65
N LEU F 88 -9.16 41.03 15.63
CA LEU F 88 -8.90 41.63 14.34
C LEU F 88 -10.15 41.67 13.48
N LEU F 89 -10.83 40.53 13.35
CA LEU F 89 -12.06 40.47 12.57
C LEU F 89 -13.18 41.30 13.18
N HIS F 90 -13.04 41.70 14.44
CA HIS F 90 -14.11 42.40 15.16
C HIS F 90 -13.90 43.92 15.19
N HIS F 91 -12.74 44.37 15.65
CA HIS F 91 -12.45 45.79 15.80
C HIS F 91 -11.15 46.13 15.10
N LYS F 92 -11.07 47.38 14.63
CA LYS F 92 -9.87 47.86 13.97
C LYS F 92 -8.75 48.08 14.97
N GLN F 93 -7.51 48.03 14.47
CA GLN F 93 -6.32 48.28 15.26
C GLN F 93 -5.42 49.23 14.50
N ASP F 94 -4.88 50.23 15.21
CA ASP F 94 -4.19 51.35 14.57
C ASP F 94 -2.70 51.30 14.88
N GLY F 95 -1.88 51.40 13.84
CA GLY F 95 -0.45 51.46 13.98
C GLY F 95 0.05 52.90 13.94
N PRO F 96 1.35 53.09 14.18
CA PRO F 96 1.88 54.46 14.27
C PRO F 96 2.28 55.07 12.93
N GLY F 97 1.48 54.84 11.89
CA GLY F 97 1.73 55.47 10.61
C GLY F 97 0.45 55.73 9.84
N GLN F 98 -0.69 55.50 10.47
CA GLN F 98 -1.96 55.36 9.77
C GLN F 98 -2.88 56.52 10.12
N ASP F 99 -4.07 56.50 9.51
CA ASP F 99 -5.12 57.44 9.82
C ASP F 99 -5.83 56.98 11.10
N LYS F 100 -7.00 57.56 11.37
CA LYS F 100 -7.73 57.24 12.60
C LYS F 100 -7.90 55.74 12.77
N MET F 101 -8.18 55.03 11.67
CA MET F 101 -8.47 53.60 11.74
C MET F 101 -7.83 52.88 10.57
N LYS F 102 -7.48 51.62 10.81
CA LYS F 102 -7.03 50.70 9.76
C LYS F 102 -7.49 49.30 10.12
N SER F 103 -7.88 48.54 9.11
CA SER F 103 -8.45 47.21 9.30
C SER F 103 -7.38 46.16 8.97
N LEU F 104 -7.07 45.32 9.95
CA LEU F 104 -6.08 44.26 9.79
C LEU F 104 -6.73 42.89 9.64
N TRP F 105 -8.02 42.83 9.33
CA TRP F 105 -8.72 41.57 9.20
C TRP F 105 -8.12 40.66 8.13
N PRO F 106 -7.68 41.16 6.97
CA PRO F 106 -7.20 40.24 5.92
C PRO F 106 -6.10 39.31 6.40
N HIS F 107 -5.38 39.67 7.45
CA HIS F 107 -4.38 38.77 8.01
C HIS F 107 -5.04 37.50 8.56
N LYS F 108 -6.20 37.64 9.19
CA LYS F 108 -6.90 36.51 9.79
C LYS F 108 -7.66 35.69 8.76
N ALA F 109 -8.26 36.34 7.75
CA ALA F 109 -9.08 35.67 6.76
C ALA F 109 -8.31 35.30 5.50
N LEU F 110 -6.99 35.06 5.62
CA LEU F 110 -6.20 34.72 4.43
C LEU F 110 -6.45 33.29 3.98
N PRO F 111 -6.25 32.27 4.82
CA PRO F 111 -6.49 30.90 4.34
C PRO F 111 -7.93 30.65 3.92
N TYR F 112 -8.89 31.26 4.61
CA TYR F 112 -10.29 31.10 4.20
C TYR F 112 -10.53 31.71 2.83
N SER F 113 -9.95 32.89 2.58
CA SER F 113 -10.08 33.50 1.26
C SER F 113 -9.40 32.64 0.20
N LEU F 114 -8.27 32.02 0.54
CA LEU F 114 -7.62 31.12 -0.42
C LEU F 114 -8.50 29.92 -0.73
N LEU F 115 -9.15 29.35 0.28
CA LEU F 115 -10.08 28.25 0.05
C LEU F 115 -11.23 28.69 -0.84
N ALA F 116 -11.78 29.88 -0.58
CA ALA F 116 -12.87 30.37 -1.40
C ALA F 116 -12.42 30.55 -2.85
N LEU F 117 -11.21 31.09 -3.04
CA LEU F 117 -10.69 31.27 -4.40
C LEU F 117 -10.47 29.94 -5.10
N ALA F 118 -9.94 28.96 -4.38
CA ALA F 118 -9.75 27.64 -4.98
C ALA F 118 -11.08 27.03 -5.40
N LEU F 119 -12.10 27.12 -4.54
CA LEU F 119 -13.41 26.61 -4.90
C LEU F 119 -13.98 27.34 -6.10
N LEU F 120 -13.81 28.67 -6.15
CA LEU F 120 -14.32 29.43 -7.28
C LEU F 120 -13.63 29.02 -8.57
N MET F 121 -12.31 28.82 -8.54
CA MET F 121 -11.59 28.43 -9.74
C MET F 121 -11.96 27.01 -10.16
N TYR F 122 -12.26 26.13 -9.19
CA TYR F 122 -12.65 24.77 -9.53
C TYR F 122 -14.08 24.71 -10.08
N LEU F 123 -14.93 25.66 -9.70
CA LEU F 123 -16.33 25.62 -10.11
C LEU F 123 -16.52 25.58 -11.62
N PRO F 124 -15.91 26.45 -12.43
CA PRO F 124 -16.14 26.38 -13.88
C PRO F 124 -15.70 25.08 -14.49
N VAL F 125 -14.65 24.45 -13.96
CA VAL F 125 -14.25 23.13 -14.46
C VAL F 125 -15.36 22.12 -14.24
N LEU F 126 -15.95 22.14 -13.04
CA LEU F 126 -17.06 21.22 -12.75
C LEU F 126 -18.24 21.52 -13.66
N LEU F 127 -18.53 22.80 -13.89
CA LEU F 127 -19.61 23.16 -14.82
C LEU F 127 -19.36 22.56 -16.18
N TRP F 128 -18.15 22.73 -16.71
CA TRP F 128 -17.84 22.22 -18.04
C TRP F 128 -17.97 20.70 -18.09
N GLN F 129 -17.43 20.02 -17.08
CA GLN F 129 -17.44 18.56 -17.07
C GLN F 129 -18.87 18.03 -16.99
N TYR F 130 -19.69 18.61 -16.11
CA TYR F 130 -21.06 18.12 -15.96
C TYR F 130 -21.97 18.56 -17.09
N ALA F 131 -21.62 19.61 -17.83
CA ALA F 131 -22.51 20.20 -18.82
C ALA F 131 -22.11 19.92 -20.25
N ALA F 132 -20.85 19.60 -20.52
CA ALA F 132 -20.41 19.45 -21.90
C ALA F 132 -19.46 18.28 -22.12
N VAL F 133 -19.35 17.35 -21.17
CA VAL F 133 -18.52 16.16 -21.38
C VAL F 133 -19.31 15.10 -22.16
N PRO F 134 -20.58 14.83 -21.84
CA PRO F 134 -21.22 13.65 -22.46
C PRO F 134 -21.56 13.85 -23.92
N ALA F 135 -22.15 15.00 -24.26
CA ALA F 135 -22.48 15.26 -25.66
C ALA F 135 -21.22 15.29 -26.51
N LEU F 136 -20.17 15.94 -26.02
CA LEU F 136 -18.92 15.99 -26.77
C LEU F 136 -18.34 14.59 -26.95
N SER F 137 -18.37 13.78 -25.89
CA SER F 137 -17.83 12.43 -26.01
C SER F 137 -18.60 11.62 -27.05
N SER F 138 -19.94 11.71 -27.01
CA SER F 138 -20.74 10.95 -27.96
C SER F 138 -20.46 11.40 -29.39
N ASP F 139 -20.42 12.72 -29.62
CA ASP F 139 -20.16 13.22 -30.96
C ASP F 139 -18.78 12.79 -31.45
N LEU F 140 -17.77 12.89 -30.58
CA LEU F 140 -16.43 12.50 -30.98
C LEU F 140 -16.37 11.03 -31.35
N LEU F 141 -16.90 10.15 -30.49
CA LEU F 141 -16.82 8.72 -30.77
C LEU F 141 -17.57 8.36 -32.04
N PHE F 142 -18.78 8.93 -32.22
CA PHE F 142 -19.52 8.63 -33.44
C PHE F 142 -18.74 9.09 -34.67
N ILE F 143 -18.19 10.31 -34.62
CA ILE F 143 -17.53 10.86 -35.79
C ILE F 143 -16.30 10.04 -36.15
N ILE F 144 -15.50 9.66 -35.15
CA ILE F 144 -14.30 8.89 -35.46
C ILE F 144 -14.66 7.49 -35.95
N SER F 145 -15.69 6.88 -35.37
CA SER F 145 -16.12 5.56 -35.81
C SER F 145 -16.55 5.60 -37.27
N GLU F 146 -17.31 6.63 -37.65
CA GLU F 146 -17.70 6.75 -39.05
C GLU F 146 -16.51 7.11 -39.94
N LEU F 147 -15.57 7.92 -39.43
CA LEU F 147 -14.49 8.41 -40.27
C LEU F 147 -13.49 7.33 -40.61
N ASP F 148 -13.23 6.39 -39.70
CA ASP F 148 -12.30 5.31 -40.05
C ASP F 148 -12.84 4.49 -41.22
N LYS F 149 -14.13 4.15 -41.16
CA LYS F 149 -14.74 3.42 -42.27
C LYS F 149 -14.77 4.24 -43.53
N SER F 150 -15.03 5.55 -43.41
CA SER F 150 -15.02 6.42 -44.58
C SER F 150 -13.65 6.43 -45.24
N TYR F 151 -12.59 6.51 -44.43
CA TYR F 151 -11.24 6.49 -44.99
C TYR F 151 -10.94 5.16 -45.66
N ASN F 152 -11.36 4.05 -45.04
CA ASN F 152 -11.12 2.74 -45.66
C ASN F 152 -11.82 2.65 -47.02
N ARG F 153 -13.09 3.07 -47.07
CA ARG F 153 -13.82 3.04 -48.33
C ARG F 153 -13.16 3.94 -49.38
N SER F 154 -12.72 5.13 -48.97
CA SER F 154 -12.10 6.05 -49.90
C SER F 154 -10.80 5.46 -50.46
N ILE F 155 -9.99 4.86 -49.61
CA ILE F 155 -8.72 4.31 -50.09
C ILE F 155 -8.94 3.09 -50.97
N ARG F 156 -10.02 2.34 -50.74
CA ARG F 156 -10.26 1.15 -51.56
C ARG F 156 -10.38 1.46 -53.04
N LEU F 157 -10.73 2.69 -53.42
CA LEU F 157 -10.88 3.05 -54.83
C LEU F 157 -9.56 3.49 -55.47
N VAL F 158 -8.51 3.69 -54.66
CA VAL F 158 -7.23 4.13 -55.21
C VAL F 158 -6.66 3.07 -56.14
N GLN F 159 -6.96 1.79 -55.90
CA GLN F 159 -6.46 0.74 -56.79
C GLN F 159 -7.02 0.90 -58.19
N HIS F 160 -8.34 1.09 -58.31
CA HIS F 160 -8.93 1.30 -59.63
C HIS F 160 -8.43 2.60 -60.25
N MET F 161 -8.26 3.64 -59.43
CA MET F 161 -7.73 4.89 -59.96
C MET F 161 -6.34 4.68 -60.55
N LEU F 162 -5.48 3.95 -59.85
CA LEU F 162 -4.15 3.65 -60.36
C LEU F 162 -4.22 2.83 -61.64
N LYS F 163 -5.10 1.83 -61.68
CA LYS F 163 -5.21 1.02 -62.88
C LYS F 163 -5.60 1.86 -64.09
N ILE F 164 -6.61 2.72 -63.93
CA ILE F 164 -7.04 3.54 -65.07
C ILE F 164 -5.96 4.55 -65.44
N ARG F 165 -5.26 5.11 -64.45
CA ARG F 165 -4.19 6.05 -64.75
C ARG F 165 -3.08 5.37 -65.54
N GLN F 166 -2.73 4.14 -65.17
CA GLN F 166 -1.73 3.39 -65.91
C GLN F 166 -2.21 3.11 -67.33
N LYS F 167 -3.48 2.74 -67.48
CA LYS F 167 -4.00 2.44 -68.81
C LYS F 167 -3.96 3.66 -69.72
N SER F 168 -4.34 4.82 -69.20
CA SER F 168 -4.34 6.07 -69.98
C SER F 168 -3.56 7.13 -69.21
N SER F 169 -2.56 7.71 -69.86
CA SER F 169 -1.66 8.65 -69.20
C SER F 169 -2.14 10.09 -69.27
N ASP F 170 -3.08 10.42 -70.13
CA ASP F 170 -3.51 11.80 -70.27
C ASP F 170 -4.17 12.27 -68.98
N PRO F 171 -4.05 13.56 -68.63
CA PRO F 171 -4.72 14.05 -67.42
C PRO F 171 -6.21 14.28 -67.60
N TYR F 172 -6.69 14.46 -68.83
CA TYR F 172 -8.12 14.71 -69.04
C TYR F 172 -8.94 13.51 -68.59
N VAL F 173 -8.54 12.31 -69.00
CA VAL F 173 -9.25 11.11 -68.56
C VAL F 173 -9.11 10.92 -67.06
N PHE F 174 -7.96 11.28 -66.49
CA PHE F 174 -7.79 11.17 -65.05
C PHE F 174 -8.81 12.05 -64.32
N TRP F 175 -8.96 13.31 -64.75
CA TRP F 175 -9.93 14.19 -64.13
C TRP F 175 -11.35 13.70 -64.34
N ASN F 176 -11.65 13.21 -65.55
CA ASN F 176 -12.99 12.69 -65.81
C ASN F 176 -13.31 11.52 -64.90
N GLU F 177 -12.36 10.60 -64.71
CA GLU F 177 -12.59 9.46 -63.84
C GLU F 177 -12.67 9.89 -62.38
N LEU F 178 -11.92 10.92 -62.00
CA LEU F 178 -12.04 11.45 -60.64
C LEU F 178 -13.45 11.98 -60.39
N GLU F 179 -13.99 12.74 -61.35
CA GLU F 179 -15.36 13.22 -61.22
C GLU F 179 -16.36 12.07 -61.20
N LYS F 180 -16.13 11.05 -62.05
CA LYS F 180 -17.03 9.90 -62.07
C LYS F 180 -17.01 9.18 -60.73
N ALA F 181 -15.83 8.99 -60.14
CA ALA F 181 -15.75 8.36 -58.83
C ALA F 181 -16.46 9.21 -57.77
N ARG F 182 -16.25 10.52 -57.81
CA ARG F 182 -16.93 11.39 -56.86
C ARG F 182 -18.45 11.28 -56.98
N LYS F 183 -18.95 11.12 -58.20
CA LYS F 183 -20.39 11.01 -58.44
C LYS F 183 -20.90 9.58 -58.31
N GLU F 184 -20.02 8.60 -58.13
CA GLU F 184 -20.45 7.20 -58.06
C GLU F 184 -21.51 6.98 -56.99
N ARG F 185 -21.49 7.78 -55.93
CA ARG F 185 -22.44 7.68 -54.82
C ARG F 185 -22.14 6.51 -53.89
N TYR F 186 -20.99 5.86 -54.05
CA TYR F 186 -20.59 4.80 -53.14
C TYR F 186 -20.03 5.34 -51.83
N PHE F 187 -19.90 6.65 -51.71
CA PHE F 187 -19.39 7.29 -50.50
C PHE F 187 -20.10 8.65 -50.38
N GLU F 188 -19.51 9.56 -49.60
CA GLU F 188 -20.02 10.88 -49.23
C GLU F 188 -21.03 10.81 -48.10
N PHE F 189 -21.40 9.62 -47.62
CA PHE F 189 -21.97 9.41 -46.30
C PHE F 189 -23.00 10.49 -45.94
N PRO F 190 -24.20 10.45 -46.51
CA PRO F 190 -25.18 11.50 -46.20
C PRO F 190 -25.42 11.68 -44.71
N LEU F 191 -25.17 10.64 -43.91
CA LEU F 191 -25.26 10.79 -42.46
C LEU F 191 -24.36 11.93 -41.98
N LEU F 192 -23.10 11.93 -42.40
CA LEU F 192 -22.18 12.96 -41.96
C LEU F 192 -22.62 14.34 -42.44
N GLU F 193 -23.11 14.43 -43.67
CA GLU F 193 -23.55 15.73 -44.20
C GLU F 193 -24.64 16.32 -43.32
N ARG F 194 -25.69 15.56 -43.04
CA ARG F 194 -26.80 16.07 -42.24
C ARG F 194 -26.35 16.33 -40.81
N TYR F 195 -25.49 15.48 -40.26
CA TYR F 195 -25.00 15.70 -38.90
C TYR F 195 -24.25 17.02 -38.80
N LEU F 196 -23.34 17.28 -39.73
CA LEU F 196 -22.60 18.54 -39.71
C LEU F 196 -23.53 19.71 -39.95
N ALA F 197 -24.50 19.57 -40.84
CA ALA F 197 -25.44 20.66 -41.07
C ALA F 197 -26.21 21.00 -39.80
N CYS F 198 -26.64 19.98 -39.06
CA CYS F 198 -27.32 20.21 -37.79
C CYS F 198 -26.38 20.87 -36.78
N LYS F 199 -25.12 20.41 -36.73
CA LYS F 199 -24.19 20.94 -35.75
C LYS F 199 -23.87 22.40 -36.01
N GLN F 200 -23.78 22.79 -37.29
CA GLN F 200 -23.47 24.18 -37.61
C GLN F 200 -24.42 25.17 -36.94
N ARG F 201 -25.59 24.73 -36.50
CA ARG F 201 -26.54 25.60 -35.83
C ARG F 201 -26.54 25.41 -34.32
N SER F 202 -26.07 24.27 -33.83
CA SER F 202 -25.96 24.07 -32.40
C SER F 202 -24.97 25.06 -31.80
N HIS F 203 -25.26 25.51 -30.57
CA HIS F 203 -24.39 26.46 -29.89
C HIS F 203 -24.08 26.04 -28.46
N SER F 204 -24.48 24.85 -28.02
CA SER F 204 -24.28 24.46 -26.63
C SER F 204 -22.81 24.39 -26.28
N LEU F 205 -22.00 23.77 -27.14
CA LEU F 205 -20.60 23.55 -26.81
C LEU F 205 -19.83 24.88 -26.79
N VAL F 206 -20.04 25.73 -27.79
CA VAL F 206 -19.39 27.03 -27.78
C VAL F 206 -19.85 27.85 -26.59
N ALA F 207 -21.14 27.76 -26.26
CA ALA F 207 -21.65 28.49 -25.11
C ALA F 207 -20.95 28.06 -23.84
N THR F 208 -20.82 26.76 -23.61
CA THR F 208 -20.17 26.28 -22.41
C THR F 208 -18.69 26.67 -22.40
N TYR F 209 -18.00 26.55 -23.53
CA TYR F 209 -16.59 26.91 -23.58
C TYR F 209 -16.39 28.39 -23.26
N LEU F 210 -17.14 29.26 -23.93
CA LEU F 210 -17.00 30.69 -23.69
C LEU F 210 -17.39 31.05 -22.26
N LEU F 211 -18.43 30.39 -21.72
CA LEU F 211 -18.83 30.66 -20.35
C LEU F 211 -17.74 30.27 -19.36
N ARG F 212 -17.10 29.11 -19.59
CA ARG F 212 -16.03 28.68 -18.69
C ARG F 212 -14.87 29.66 -18.74
N ASN F 213 -14.47 30.08 -19.95
CA ASN F 213 -13.37 31.04 -20.05
C ASN F 213 -13.71 32.37 -19.41
N SER F 214 -14.95 32.84 -19.62
CA SER F 214 -15.36 34.11 -19.03
C SER F 214 -15.43 34.02 -17.52
N LEU F 215 -15.86 32.87 -16.98
CA LEU F 215 -15.84 32.70 -15.53
C LEU F 215 -14.41 32.75 -15.00
N LEU F 216 -13.48 32.10 -15.69
CA LEU F 216 -12.09 32.17 -15.27
C LEU F 216 -11.60 33.62 -15.24
N LEU F 217 -11.88 34.37 -16.31
CA LEU F 217 -11.42 35.76 -16.37
C LEU F 217 -12.07 36.60 -15.28
N ILE F 218 -13.38 36.39 -15.05
CA ILE F 218 -14.08 37.17 -14.03
C ILE F 218 -13.51 36.88 -12.65
N PHE F 219 -13.21 35.62 -12.37
CA PHE F 219 -12.65 35.28 -11.06
C PHE F 219 -11.23 35.83 -10.90
N THR F 220 -10.45 35.85 -11.99
CA THR F 220 -9.14 36.48 -11.91
C THR F 220 -9.27 37.97 -11.60
N SER F 221 -10.20 38.65 -12.26
CA SER F 221 -10.42 40.07 -11.97
C SER F 221 -10.90 40.27 -10.54
N ALA F 222 -11.74 39.35 -10.05
CA ALA F 222 -12.20 39.44 -8.66
C ALA F 222 -11.04 39.31 -7.68
N THR F 223 -10.12 38.38 -7.94
CA THR F 223 -8.94 38.26 -7.09
C THR F 223 -8.10 39.53 -7.14
N TYR F 224 -7.96 40.11 -8.34
CA TYR F 224 -7.23 41.37 -8.45
C TYR F 224 -7.87 42.45 -7.59
N LEU F 225 -9.20 42.57 -7.66
CA LEU F 225 -9.89 43.57 -6.85
C LEU F 225 -9.72 43.29 -5.36
N TYR F 226 -9.82 42.02 -4.96
CA TYR F 226 -9.69 41.67 -3.55
C TYR F 226 -8.30 42.01 -3.03
N LEU F 227 -7.27 41.70 -3.79
CA LEU F 227 -5.90 41.99 -3.35
C LEU F 227 -5.52 43.44 -3.55
N GLY F 228 -6.31 44.21 -4.29
CA GLY F 228 -6.02 45.63 -4.43
C GLY F 228 -6.73 46.47 -3.39
N HIS F 229 -7.89 46.03 -2.95
CA HIS F 229 -8.66 46.80 -1.98
C HIS F 229 -8.27 46.46 -0.55
N PHE F 230 -8.07 45.17 -0.25
CA PHE F 230 -7.93 44.71 1.12
C PHE F 230 -6.53 44.23 1.47
N HIS F 231 -5.53 44.43 0.59
CA HIS F 231 -4.17 44.05 0.90
C HIS F 231 -3.16 45.16 0.73
N LEU F 232 -3.39 46.09 -0.21
CA LEU F 232 -2.44 47.19 -0.39
C LEU F 232 -2.47 48.15 0.79
N ASP F 233 -3.65 48.38 1.37
CA ASP F 233 -3.76 49.34 2.46
C ASP F 233 -2.93 48.92 3.67
N VAL F 234 -2.94 47.63 3.98
CA VAL F 234 -2.23 47.10 5.15
C VAL F 234 -1.14 46.15 4.68
N PHE F 235 -0.54 46.45 3.53
CA PHE F 235 0.47 45.55 2.99
C PHE F 235 1.64 45.40 3.96
N PHE F 236 2.12 46.51 4.54
CA PHE F 236 3.27 46.45 5.46
C PHE F 236 2.78 46.34 6.90
N GLN F 237 2.12 47.39 7.41
CA GLN F 237 1.49 47.36 8.72
C GLN F 237 2.29 46.55 9.73
N GLU F 238 3.52 46.96 10.02
CA GLU F 238 4.40 46.19 10.90
C GLU F 238 3.70 45.82 12.20
N GLU F 239 3.33 46.83 13.00
CA GLU F 239 2.77 46.63 14.32
C GLU F 239 1.37 47.25 14.40
N PHE F 240 0.67 46.94 15.48
CA PHE F 240 -0.62 47.57 15.75
C PHE F 240 -0.85 47.59 17.25
N SER F 241 -1.51 48.64 17.72
CA SER F 241 -1.74 48.87 19.13
C SER F 241 -3.08 48.25 19.53
N CYS F 242 -3.02 47.12 20.22
CA CYS F 242 -4.22 46.42 20.66
C CYS F 242 -4.70 46.96 22.00
N SER F 243 -5.84 46.44 22.45
CA SER F 243 -6.43 46.86 23.71
C SER F 243 -7.31 45.76 24.25
N ILE F 244 -7.25 45.55 25.57
CA ILE F 244 -8.06 44.54 26.24
C ILE F 244 -9.09 45.14 27.19
N LYS F 245 -8.96 46.42 27.55
CA LYS F 245 -9.89 47.06 28.46
C LYS F 245 -11.25 47.32 27.84
N THR F 246 -11.40 47.14 26.52
CA THR F 246 -12.69 47.38 25.89
C THR F 246 -13.77 46.48 26.48
N GLY F 247 -13.40 45.32 26.98
CA GLY F 247 -14.35 44.39 27.58
C GLY F 247 -14.80 44.86 28.93
N LEU F 248 -15.10 43.88 29.80
CA LEU F 248 -15.58 44.23 31.14
C LEU F 248 -14.44 44.70 32.04
N LEU F 249 -13.25 44.15 31.87
CA LEU F 249 -12.17 44.46 32.80
C LEU F 249 -11.60 45.84 32.54
N SER F 250 -12.46 46.86 32.61
CA SER F 250 -12.04 48.25 32.50
C SER F 250 -11.64 48.85 33.84
N ASP F 251 -12.00 48.21 34.94
CA ASP F 251 -11.61 48.64 36.28
C ASP F 251 -10.32 47.99 36.74
N GLU F 252 -9.69 47.18 35.89
CA GLU F 252 -8.44 46.50 36.23
C GLU F 252 -7.29 47.47 36.02
N THR F 253 -6.83 48.10 37.11
CA THR F 253 -5.66 48.96 37.01
C THR F 253 -4.38 48.16 36.76
N HIS F 254 -4.42 46.84 36.96
CA HIS F 254 -3.23 46.03 36.78
C HIS F 254 -2.76 46.04 35.33
N VAL F 255 -3.68 45.86 34.39
CA VAL F 255 -3.32 45.71 32.98
C VAL F 255 -2.99 47.07 32.39
N PRO F 256 -2.17 47.14 31.34
CA PRO F 256 -1.98 48.43 30.65
C PRO F 256 -3.18 48.77 29.79
N ASN F 257 -3.26 50.02 29.35
CA ASN F 257 -4.41 50.49 28.58
C ASN F 257 -4.34 50.11 27.11
N LEU F 258 -3.17 50.20 26.49
CA LEU F 258 -3.01 50.09 25.04
C LEU F 258 -1.85 49.16 24.69
N ILE F 259 -1.85 47.95 25.22
CA ILE F 259 -0.82 46.97 24.89
C ILE F 259 -0.57 47.00 23.39
N THR F 260 0.69 47.16 23.00
CA THR F 260 1.08 47.39 21.62
C THR F 260 1.90 46.20 21.14
N CYS F 261 1.56 45.66 19.97
CA CYS F 261 2.27 44.49 19.49
C CYS F 261 2.13 44.34 17.99
N ARG F 262 2.75 43.27 17.48
CA ARG F 262 2.96 43.07 16.05
C ARG F 262 2.54 41.66 15.68
N LEU F 263 2.70 41.34 14.40
CA LEU F 263 2.33 40.04 13.84
C LEU F 263 3.50 39.53 13.01
N THR F 264 3.84 38.25 13.20
CA THR F 264 5.09 37.72 12.67
C THR F 264 4.96 37.23 11.23
N SER F 265 3.77 36.81 10.82
CA SER F 265 3.56 36.24 9.49
C SER F 265 3.39 37.31 8.40
N LEU F 266 3.82 38.54 8.66
CA LEU F 266 3.62 39.61 7.70
C LEU F 266 4.35 39.32 6.39
N SER F 267 5.58 38.82 6.48
CA SER F 267 6.34 38.52 5.27
C SER F 267 5.68 37.42 4.46
N ILE F 268 5.17 36.38 5.13
CA ILE F 268 4.48 35.30 4.44
C ILE F 268 3.24 35.85 3.74
N PHE F 269 2.51 36.73 4.43
CA PHE F 269 1.33 37.36 3.85
C PHE F 269 1.69 38.14 2.58
N GLN F 270 2.72 38.97 2.68
CA GLN F 270 3.18 39.76 1.54
C GLN F 270 3.54 38.86 0.36
N ILE F 271 4.33 37.82 0.65
CA ILE F 271 4.70 36.87 -0.40
C ILE F 271 3.46 36.29 -1.03
N VAL F 272 2.64 35.58 -0.25
CA VAL F 272 1.43 34.94 -0.77
C VAL F 272 0.70 35.89 -1.71
N SER F 273 0.49 37.13 -1.28
CA SER F 273 -0.25 38.07 -2.12
C SER F 273 0.46 38.31 -3.45
N LEU F 274 1.75 38.65 -3.40
CA LEU F 274 2.48 38.96 -4.62
C LEU F 274 2.54 37.74 -5.55
N SER F 275 2.78 36.57 -4.99
CA SER F 275 2.86 35.35 -5.77
C SER F 275 1.54 35.06 -6.48
N SER F 276 0.42 35.20 -5.77
CA SER F 276 -0.88 34.96 -6.40
C SER F 276 -1.12 35.95 -7.53
N VAL F 277 -0.81 37.23 -7.29
CA VAL F 277 -1.00 38.23 -8.33
C VAL F 277 -0.19 37.88 -9.57
N ALA F 278 1.08 37.51 -9.36
CA ALA F 278 1.93 37.18 -10.50
C ALA F 278 1.41 35.95 -11.25
N ILE F 279 0.98 34.93 -10.51
CA ILE F 279 0.52 33.70 -11.15
C ILE F 279 -0.71 33.98 -12.02
N TYR F 280 -1.65 34.76 -11.49
CA TYR F 280 -2.87 35.00 -12.27
C TYR F 280 -2.63 35.97 -13.41
N THR F 281 -1.68 36.91 -13.26
CA THR F 281 -1.30 37.74 -14.40
C THR F 281 -0.69 36.88 -15.49
N ILE F 282 0.11 35.88 -15.13
CA ILE F 282 0.62 34.93 -16.11
C ILE F 282 -0.51 34.17 -16.77
N LEU F 283 -1.49 33.71 -16.00
CA LEU F 283 -2.57 32.89 -16.52
C LEU F 283 -3.54 33.65 -17.42
N VAL F 284 -3.70 34.95 -17.24
CA VAL F 284 -4.65 35.72 -18.05
C VAL F 284 -4.43 35.50 -19.54
N PRO F 285 -3.23 35.78 -20.08
CA PRO F 285 -3.04 35.67 -21.54
C PRO F 285 -3.30 34.29 -22.09
N VAL F 286 -3.00 33.25 -21.30
CA VAL F 286 -3.25 31.89 -21.77
C VAL F 286 -4.74 31.68 -21.97
N ILE F 287 -5.56 32.16 -21.02
CA ILE F 287 -7.00 32.03 -21.16
C ILE F 287 -7.51 32.87 -22.32
N ILE F 288 -6.90 34.04 -22.53
CA ILE F 288 -7.29 34.85 -23.68
C ILE F 288 -7.03 34.10 -24.98
N TYR F 289 -5.88 33.45 -25.08
CA TYR F 289 -5.57 32.66 -26.27
C TYR F 289 -6.54 31.50 -26.42
N ASN F 290 -6.88 30.83 -25.32
CA ASN F 290 -7.84 29.73 -25.38
C ASN F 290 -9.18 30.22 -25.92
N LEU F 291 -9.64 31.37 -25.44
CA LEU F 291 -10.89 31.93 -25.95
C LEU F 291 -10.76 32.29 -27.44
N THR F 292 -9.64 32.89 -27.83
CA THR F 292 -9.44 33.29 -29.22
C THR F 292 -9.36 32.10 -30.16
N ARG F 293 -9.00 30.91 -29.66
CA ARG F 293 -8.87 29.76 -30.54
C ARG F 293 -10.14 29.50 -31.34
N LEU F 294 -11.30 29.86 -30.79
CA LEU F 294 -12.56 29.58 -31.47
C LEU F 294 -12.82 30.54 -32.63
N CYS F 295 -12.29 31.77 -32.56
CA CYS F 295 -12.58 32.76 -33.59
C CYS F 295 -12.05 32.37 -34.96
N ARG F 296 -11.09 31.47 -35.04
CA ARG F 296 -10.47 31.09 -36.31
C ARG F 296 -10.58 29.60 -36.52
N TRP F 297 -10.88 29.20 -37.76
CA TRP F 297 -10.91 27.79 -38.10
C TRP F 297 -9.50 27.22 -38.12
N ASP F 298 -9.34 26.00 -37.62
CA ASP F 298 -8.03 25.36 -37.54
C ASP F 298 -7.42 25.14 -38.92
N LYS F 299 -4.44 26.14 -41.23
CA LYS F 299 -4.82 26.16 -42.64
C LYS F 299 -4.14 25.05 -43.41
N ARG F 300 -2.89 24.77 -43.05
CA ARG F 300 -2.14 23.71 -43.73
C ARG F 300 -2.83 22.37 -43.56
N LEU F 301 -3.34 22.08 -42.35
CA LEU F 301 -4.04 20.83 -42.13
C LEU F 301 -5.32 20.75 -42.95
N LEU F 302 -5.99 21.89 -43.16
CA LEU F 302 -7.19 21.89 -43.99
C LEU F 302 -6.83 21.59 -45.45
N SER F 303 -5.76 22.18 -45.96
CA SER F 303 -5.32 21.85 -47.31
C SER F 303 -4.88 20.40 -47.40
N VAL F 304 -4.37 19.84 -46.30
CA VAL F 304 -4.00 18.44 -46.28
C VAL F 304 -5.24 17.55 -46.40
N TYR F 305 -6.26 17.85 -45.61
CA TYR F 305 -7.42 16.97 -45.50
C TYR F 305 -8.51 17.26 -46.52
N GLU F 306 -8.39 18.33 -47.30
CA GLU F 306 -9.40 18.63 -48.31
C GLU F 306 -9.45 17.54 -49.38
N MET F 307 -8.28 17.04 -49.80
CA MET F 307 -8.24 16.09 -50.90
C MET F 307 -8.99 14.81 -50.57
N LEU F 308 -8.82 14.30 -49.35
CA LEU F 308 -9.42 13.02 -49.00
C LEU F 308 -10.94 13.15 -49.00
N PRO F 309 -11.67 12.27 -49.70
CA PRO F 309 -13.14 12.40 -49.69
C PRO F 309 -13.74 12.26 -48.30
N ALA F 310 -13.17 11.41 -47.44
CA ALA F 310 -13.72 11.24 -46.11
C ALA F 310 -13.63 12.54 -45.31
N PHE F 311 -12.49 13.23 -45.38
CA PHE F 311 -12.33 14.52 -44.71
C PHE F 311 -12.83 15.68 -45.55
N ASP F 312 -13.14 15.46 -46.82
CA ASP F 312 -13.59 16.55 -47.68
C ASP F 312 -14.91 17.13 -47.18
N LEU F 313 -15.81 16.27 -46.70
CA LEU F 313 -17.15 16.73 -46.35
C LEU F 313 -17.11 17.82 -45.28
N LEU F 314 -16.32 17.62 -44.24
CA LEU F 314 -16.21 18.60 -43.16
C LEU F 314 -15.30 19.77 -43.50
N SER F 315 -14.53 19.67 -44.59
CA SER F 315 -13.63 20.75 -44.95
C SER F 315 -14.36 21.94 -45.56
N ARG F 316 -15.52 21.70 -46.18
CA ARG F 316 -16.25 22.75 -46.89
C ARG F 316 -17.22 23.51 -45.97
N LYS F 317 -16.99 23.47 -44.67
CA LYS F 317 -17.94 24.02 -43.70
C LYS F 317 -17.45 25.31 -43.06
N MET F 318 -16.34 25.88 -43.55
CA MET F 318 -15.80 27.10 -42.94
C MET F 318 -16.33 28.37 -43.59
N LEU F 319 -17.26 28.26 -44.54
CA LEU F 319 -17.88 29.46 -45.10
C LEU F 319 -18.65 30.23 -44.04
N GLY F 320 -19.18 29.53 -43.04
CA GLY F 320 -19.99 30.16 -42.02
C GLY F 320 -19.20 30.88 -40.96
N CYS F 321 -19.91 31.39 -39.95
CA CYS F 321 -19.25 32.10 -38.87
C CYS F 321 -18.38 31.14 -38.06
N PRO F 322 -17.18 31.55 -37.63
CA PRO F 322 -16.33 30.63 -36.87
C PRO F 322 -16.94 30.17 -35.56
N ILE F 323 -17.89 30.92 -34.99
CA ILE F 323 -18.50 30.57 -33.70
C ILE F 323 -19.66 29.63 -33.99
N ASN F 324 -19.37 28.33 -34.00
CA ASN F 324 -20.39 27.31 -34.18
C ASN F 324 -19.97 26.09 -33.38
N ASP F 325 -20.94 25.24 -33.07
CA ASP F 325 -20.63 24.05 -32.27
C ASP F 325 -19.55 23.21 -32.94
N LEU F 326 -19.65 23.01 -34.25
CA LEU F 326 -18.67 22.19 -34.96
C LEU F 326 -17.25 22.69 -34.76
N ASN F 327 -17.05 24.00 -34.58
CA ASN F 327 -15.71 24.52 -34.37
C ASN F 327 -15.05 23.86 -33.17
N VAL F 328 -15.78 23.76 -32.05
CA VAL F 328 -15.26 23.06 -30.88
C VAL F 328 -15.03 21.60 -31.22
N ILE F 329 -15.98 20.98 -31.93
CA ILE F 329 -15.82 19.59 -32.33
C ILE F 329 -14.61 19.46 -33.24
N LEU F 330 -14.38 20.45 -34.10
CA LEU F 330 -13.20 20.42 -34.95
C LEU F 330 -11.92 20.48 -34.11
N LEU F 331 -11.91 21.31 -33.08
CA LEU F 331 -10.73 21.41 -32.22
C LEU F 331 -10.44 20.07 -31.54
N PHE F 332 -11.47 19.43 -30.99
CA PHE F 332 -11.24 18.13 -30.35
C PHE F 332 -10.89 17.04 -31.36
N LEU F 333 -11.44 17.09 -32.56
CA LEU F 333 -11.01 16.14 -33.59
C LEU F 333 -9.53 16.32 -33.91
N ARG F 334 -9.08 17.56 -34.07
CA ARG F 334 -7.66 17.79 -34.36
C ARG F 334 -6.81 17.30 -33.20
N ALA F 335 -7.25 17.55 -31.97
CA ALA F 335 -6.49 17.12 -30.80
C ALA F 335 -6.38 15.60 -30.73
N ASN F 336 -7.48 14.89 -31.00
CA ASN F 336 -7.50 13.44 -30.86
C ASN F 336 -6.81 12.72 -32.02
N ILE F 337 -7.14 13.12 -33.25
CA ILE F 337 -6.60 12.43 -34.42
C ILE F 337 -5.09 12.45 -34.45
N SER F 338 -4.46 13.41 -33.77
CA SER F 338 -3.01 13.45 -33.71
C SER F 338 -2.41 12.19 -33.11
N GLU F 339 -3.18 11.47 -32.29
CA GLU F 339 -2.70 10.24 -31.67
C GLU F 339 -3.57 9.02 -31.94
N LEU F 340 -4.73 9.17 -32.57
CA LEU F 340 -5.58 8.02 -32.83
C LEU F 340 -4.87 7.00 -33.72
N ILE F 341 -4.29 7.48 -34.83
CA ILE F 341 -3.51 6.71 -35.80
C ILE F 341 -3.87 7.17 -37.21
N SER F 342 -5.08 7.70 -37.37
CA SER F 342 -5.60 8.05 -38.69
C SER F 342 -4.95 9.31 -39.27
N PHE F 343 -3.92 9.85 -38.64
CA PHE F 343 -3.26 11.08 -39.12
C PHE F 343 -1.88 10.83 -39.69
N SER F 344 -1.17 9.79 -39.24
CA SER F 344 0.23 9.63 -39.58
C SER F 344 0.46 9.37 -41.06
N TRP F 345 -0.57 8.94 -41.79
CA TRP F 345 -0.42 8.57 -43.21
C TRP F 345 -0.70 9.74 -44.14
N LEU F 346 -1.87 10.36 -44.00
CA LEU F 346 -2.25 11.44 -44.91
C LEU F 346 -1.28 12.61 -44.84
N SER F 347 -0.67 12.84 -43.68
CA SER F 347 0.34 13.88 -43.59
C SER F 347 1.51 13.59 -44.52
N VAL F 348 1.99 12.36 -44.53
CA VAL F 348 3.09 11.99 -45.41
C VAL F 348 2.64 12.04 -46.87
N LEU F 349 1.41 11.61 -47.14
CA LEU F 349 0.92 11.66 -48.52
C LEU F 349 0.88 13.09 -49.05
N CYS F 350 0.41 14.03 -48.22
CA CYS F 350 0.34 15.41 -48.66
C CYS F 350 1.73 16.07 -48.68
N VAL F 351 2.65 15.61 -47.83
CA VAL F 351 4.04 16.04 -47.98
C VAL F 351 4.58 15.60 -49.34
N LEU F 352 4.27 14.36 -49.73
CA LEU F 352 4.65 13.90 -51.06
C LEU F 352 4.04 14.78 -52.14
N LYS F 353 2.76 15.12 -51.99
CA LYS F 353 2.10 15.97 -52.97
C LYS F 353 2.79 17.33 -53.07
N ASP F 354 3.13 17.92 -51.93
CA ASP F 354 3.81 19.21 -51.93
C ASP F 354 5.18 19.10 -52.60
N THR F 355 5.92 18.04 -52.30
CA THR F 355 7.25 17.88 -52.89
C THR F 355 7.17 17.65 -54.40
N THR F 356 6.12 16.98 -54.86
CA THR F 356 5.99 16.70 -56.28
C THR F 356 5.91 18.00 -57.08
N THR F 357 6.56 18.00 -58.24
CA THR F 357 6.59 19.17 -59.10
C THR F 357 5.17 19.53 -59.56
N ASP F 363 2.34 8.78 -59.54
CA ASP F 363 3.51 8.22 -58.86
C ASP F 363 3.39 8.39 -57.36
N THR F 364 3.11 9.62 -56.92
CA THR F 364 2.92 9.88 -55.50
C THR F 364 1.72 9.10 -54.97
N VAL F 365 0.62 9.08 -55.72
CA VAL F 365 -0.55 8.31 -55.30
C VAL F 365 -0.23 6.84 -55.23
N VAL F 366 0.56 6.34 -56.20
CA VAL F 366 0.94 4.93 -56.20
C VAL F 366 1.76 4.62 -54.96
N ASP F 367 2.73 5.47 -54.63
CA ASP F 367 3.54 5.25 -53.43
C ASP F 367 2.68 5.27 -52.18
N PHE F 368 1.74 6.23 -52.10
CA PHE F 368 0.86 6.29 -50.94
C PHE F 368 0.02 5.03 -50.81
N MET F 369 -0.53 4.54 -51.92
CA MET F 369 -1.33 3.33 -51.89
C MET F 369 -0.48 2.12 -51.46
N THR F 370 0.74 2.02 -51.99
CA THR F 370 1.62 0.93 -51.59
C THR F 370 1.93 0.99 -50.10
N LEU F 371 2.23 2.18 -49.59
CA LEU F 371 2.52 2.31 -48.17
C LEU F 371 1.31 1.93 -47.33
N LEU F 372 0.12 2.38 -47.73
CA LEU F 372 -1.10 2.03 -46.99
C LEU F 372 -1.33 0.53 -46.99
N ALA F 373 -1.15 -0.12 -48.15
CA ALA F 373 -1.34 -1.56 -48.23
C ALA F 373 -0.33 -2.30 -47.35
N GLY F 374 0.93 -1.84 -47.35
CA GLY F 374 1.96 -2.45 -46.54
C GLY F 374 1.70 -2.35 -45.05
N ARG G 20 3.54 -6.69 -29.73
CA ARG G 20 4.93 -6.44 -30.06
C ARG G 20 5.15 -4.97 -30.43
N ARG G 21 4.30 -4.45 -31.31
CA ARG G 21 4.43 -3.07 -31.74
C ARG G 21 4.15 -2.10 -30.60
N GLY G 22 3.03 -2.29 -29.90
CA GLY G 22 2.61 -1.38 -28.86
C GLY G 22 3.63 -1.25 -27.75
N PRO G 23 4.12 -2.40 -27.25
CA PRO G 23 5.21 -2.33 -26.26
C PRO G 23 6.43 -1.60 -26.77
N ARG G 24 6.75 -1.74 -28.05
CA ARG G 24 7.87 -0.98 -28.61
C ARG G 24 7.59 0.52 -28.57
N LEU G 25 6.36 0.93 -28.90
CA LEU G 25 6.02 2.35 -28.82
C LEU G 25 6.14 2.86 -27.39
N LYS G 26 5.67 2.07 -26.42
CA LYS G 26 5.79 2.50 -25.02
C LYS G 26 7.25 2.59 -24.60
N GLY G 27 8.08 1.64 -25.04
CA GLY G 27 9.48 1.62 -24.67
C GLY G 27 10.35 2.58 -25.44
N LEU G 28 9.81 3.25 -26.45
CA LEU G 28 10.57 4.25 -27.18
C LEU G 28 11.12 5.30 -26.21
N ARG G 29 12.39 5.65 -26.39
CA ARG G 29 13.05 6.67 -25.57
C ARG G 29 12.94 8.01 -26.28
N LEU G 30 12.46 9.02 -25.56
CA LEU G 30 12.21 10.34 -26.13
C LEU G 30 12.98 11.45 -25.42
N GLU G 31 13.92 11.10 -24.53
CA GLU G 31 14.66 12.12 -23.78
C GLU G 31 16.15 11.82 -23.69
N LEU G 32 16.65 10.80 -24.38
CA LEU G 32 18.06 10.44 -24.34
C LEU G 32 18.45 10.00 -22.94
N PRO G 33 19.54 9.25 -22.79
CA PRO G 33 19.91 8.74 -21.46
C PRO G 33 20.73 9.74 -20.66
N LEU G 34 21.46 10.63 -21.34
CA LEU G 34 22.36 11.55 -20.67
C LEU G 34 21.64 12.79 -20.16
N ASP G 35 20.86 13.46 -21.01
CA ASP G 35 20.15 14.65 -20.56
C ASP G 35 19.16 14.35 -19.46
N SER G 36 18.74 13.09 -19.32
CA SER G 36 17.85 12.74 -18.22
C SER G 36 18.53 12.97 -16.88
N ILE G 37 19.81 12.62 -16.76
CA ILE G 37 20.52 12.82 -15.50
C ILE G 37 20.68 14.31 -15.22
N VAL G 38 20.93 15.11 -16.26
CA VAL G 38 21.05 16.56 -16.07
C VAL G 38 19.73 17.13 -15.59
N LYS G 39 18.62 16.70 -16.21
CA LYS G 39 17.30 17.13 -15.77
C LYS G 39 17.09 16.78 -14.30
N ARG G 40 17.37 15.53 -13.94
CA ARG G 40 17.14 15.08 -12.57
C ARG G 40 17.97 15.89 -11.58
N VAL G 41 19.24 16.11 -11.91
CA VAL G 41 20.12 16.85 -11.00
C VAL G 41 19.63 18.29 -10.86
N ALA G 42 19.40 18.97 -11.99
CA ALA G 42 19.04 20.38 -11.96
C ALA G 42 17.68 20.61 -11.31
N VAL G 43 16.82 19.59 -11.29
CA VAL G 43 15.51 19.75 -10.66
C VAL G 43 15.48 19.26 -9.21
N GLY G 44 16.42 18.38 -8.83
CA GLY G 44 16.40 17.82 -7.49
C GLY G 44 17.34 18.50 -6.52
N SER G 45 18.49 18.97 -7.01
CA SER G 45 19.44 19.63 -6.12
C SER G 45 18.84 20.80 -5.39
N PRO G 46 18.20 21.78 -6.05
CA PRO G 46 17.53 22.84 -5.29
C PRO G 46 16.48 22.32 -4.33
N LEU G 47 15.74 21.28 -4.71
CA LEU G 47 14.75 20.72 -3.80
C LEU G 47 15.41 20.11 -2.56
N LEU G 48 16.53 19.39 -2.75
CA LEU G 48 17.23 18.83 -1.61
C LEU G 48 17.77 19.92 -0.70
N LEU G 49 18.34 20.97 -1.28
CA LEU G 49 18.85 22.08 -0.47
C LEU G 49 17.71 22.77 0.29
N MET G 50 16.56 22.94 -0.36
CA MET G 50 15.42 23.54 0.33
C MET G 50 14.95 22.65 1.47
N SER G 51 14.91 21.34 1.26
CA SER G 51 14.52 20.43 2.32
C SER G 51 15.49 20.51 3.48
N LEU G 52 16.78 20.61 3.19
CA LEU G 52 17.78 20.76 4.26
C LEU G 52 17.56 22.06 5.02
N ALA G 53 17.27 23.15 4.30
CA ALA G 53 17.03 24.43 4.95
C ALA G 53 15.81 24.35 5.87
N PHE G 54 14.73 23.73 5.40
CA PHE G 54 13.53 23.59 6.22
C PHE G 54 13.80 22.71 7.44
N ALA G 55 14.57 21.63 7.25
CA ALA G 55 14.92 20.77 8.37
C ALA G 55 15.72 21.54 9.42
N GLN G 56 16.68 22.36 8.97
CA GLN G 56 17.42 23.19 9.91
C GLN G 56 16.51 24.17 10.63
N GLU G 57 15.57 24.79 9.88
CA GLU G 57 14.65 25.74 10.50
C GLU G 57 13.83 25.07 11.60
N PHE G 58 13.30 23.89 11.33
CA PHE G 58 12.45 23.20 12.28
C PHE G 58 13.23 22.46 13.36
N SER G 59 14.53 22.26 13.18
CA SER G 59 15.36 21.66 14.22
C SER G 59 15.90 22.70 15.19
N SER G 60 16.31 23.86 14.69
CA SER G 60 16.80 24.93 15.54
C SER G 60 15.69 25.58 16.36
N GLY G 61 14.43 25.35 16.00
CA GLY G 61 13.32 25.99 16.70
C GLY G 61 13.16 27.45 16.37
N SER G 62 14.20 28.24 16.57
CA SER G 62 14.21 29.66 16.24
C SER G 62 15.25 29.91 15.17
N PRO G 63 14.88 30.52 14.02
CA PRO G 63 15.91 30.79 13.00
C PRO G 63 17.05 31.65 13.51
N ILE G 64 16.79 32.57 14.44
CA ILE G 64 17.82 33.37 15.07
C ILE G 64 17.57 33.41 16.56
N SER G 65 18.62 33.71 17.31
CA SER G 65 18.56 33.85 18.76
C SER G 65 19.20 35.18 19.13
N CYS G 66 18.57 35.90 20.07
CA CYS G 66 19.05 37.23 20.43
C CYS G 66 19.33 37.32 21.93
N PHE G 67 20.30 38.18 22.26
CA PHE G 67 20.81 38.31 23.61
C PHE G 67 20.13 39.49 24.31
N SER G 68 18.88 39.25 24.71
CA SER G 68 18.08 40.27 25.37
C SER G 68 18.41 40.32 26.86
N PRO G 69 18.18 41.47 27.50
CA PRO G 69 18.56 41.60 28.91
C PRO G 69 17.83 40.60 29.80
N SER G 70 18.31 40.48 31.03
CA SER G 70 17.73 39.52 31.96
C SER G 70 16.34 39.96 32.42
N ASN G 71 16.07 41.27 32.43
CA ASN G 71 14.76 41.74 32.85
C ASN G 71 13.66 41.18 31.96
N PHE G 72 13.94 41.06 30.66
CA PHE G 72 12.93 40.57 29.73
C PHE G 72 12.44 39.20 30.15
N SER G 73 11.12 39.04 30.19
CA SER G 73 10.53 37.73 30.44
C SER G 73 10.71 36.85 29.21
N ILE G 74 10.17 35.64 29.27
CA ILE G 74 10.27 34.73 28.12
C ILE G 74 9.47 35.27 26.95
N ARG G 75 8.26 35.76 27.22
CA ARG G 75 7.41 36.26 26.14
C ARG G 75 8.04 37.48 25.47
N GLN G 76 8.59 38.40 26.26
CA GLN G 76 9.22 39.59 25.67
C GLN G 76 10.45 39.21 24.87
N ALA G 77 11.24 38.24 25.35
CA ALA G 77 12.40 37.78 24.60
C ALA G 77 11.98 37.14 23.27
N ALA G 78 10.91 36.34 23.29
CA ALA G 78 10.42 35.76 22.05
C ALA G 78 9.93 36.84 21.10
N TYR G 79 9.26 37.86 21.64
CA TYR G 79 8.83 38.98 20.80
C TYR G 79 10.02 39.67 20.15
N VAL G 80 11.09 39.89 20.92
CA VAL G 80 12.27 40.52 20.36
C VAL G 80 12.87 39.65 19.26
N ASP G 81 12.98 38.35 19.51
CA ASP G 81 13.51 37.44 18.51
C ASP G 81 12.70 37.54 17.22
N SER G 82 11.37 37.44 17.34
CA SER G 82 10.52 37.45 16.15
C SER G 82 10.59 38.78 15.42
N SER G 83 10.59 39.89 16.16
CA SER G 83 10.60 41.20 15.53
C SER G 83 11.93 41.47 14.85
N CYS G 84 13.03 40.96 15.40
CA CYS G 84 14.32 41.15 14.77
C CYS G 84 14.50 40.24 13.55
N TRP G 85 13.93 39.03 13.61
CA TRP G 85 14.03 38.12 12.48
C TRP G 85 13.13 38.52 11.33
N ASP G 86 11.97 39.10 11.64
CA ASP G 86 11.02 39.52 10.61
C ASP G 86 11.36 40.89 10.01
N SER G 87 12.28 41.63 10.63
CA SER G 87 12.67 42.94 10.14
C SER G 87 13.90 42.88 9.24
N LEU G 88 14.15 41.74 8.60
CA LEU G 88 15.24 41.62 7.64
C LEU G 88 14.80 42.05 6.25
N LEU G 89 13.68 41.51 5.77
CA LEU G 89 13.17 41.87 4.45
C LEU G 89 12.76 43.33 4.37
N HIS G 90 12.54 43.99 5.50
CA HIS G 90 12.04 45.35 5.54
C HIS G 90 13.14 46.38 5.72
N HIS G 91 13.99 46.20 6.73
CA HIS G 91 15.03 47.16 7.07
C HIS G 91 16.36 46.45 7.19
N LYS G 92 17.44 47.16 6.83
CA LYS G 92 18.78 46.61 6.92
C LYS G 92 19.22 46.51 8.37
N GLN G 93 20.22 45.66 8.60
CA GLN G 93 20.82 45.50 9.92
C GLN G 93 22.33 45.47 9.77
N ASP G 94 23.03 46.20 10.63
CA ASP G 94 24.46 46.45 10.49
C ASP G 94 25.24 45.70 11.55
N GLY G 95 26.27 44.98 11.12
CA GLY G 95 27.18 44.30 12.03
C GLY G 95 28.43 45.10 12.28
N PRO G 96 29.29 44.63 13.19
CA PRO G 96 30.47 45.42 13.57
C PRO G 96 31.67 45.21 12.67
N GLY G 97 31.45 45.11 11.37
CA GLY G 97 32.55 45.04 10.43
C GLY G 97 32.21 45.67 9.09
N GLN G 98 31.05 46.30 9.00
CA GLN G 98 30.43 46.66 7.74
C GLN G 98 30.43 48.17 7.56
N ASP G 99 29.92 48.60 6.40
CA ASP G 99 29.73 50.01 6.10
C ASP G 99 28.45 50.48 6.77
N LYS G 100 27.95 51.65 6.35
CA LYS G 100 26.76 52.24 6.97
C LYS G 100 25.60 51.25 6.97
N MET G 101 25.45 50.48 5.90
CA MET G 101 24.31 49.58 5.77
C MET G 101 24.74 48.26 5.13
N LYS G 102 24.06 47.18 5.51
CA LYS G 102 24.23 45.88 4.88
C LYS G 102 22.88 45.17 4.91
N SER G 103 22.55 44.49 3.81
CA SER G 103 21.26 43.86 3.65
C SER G 103 21.38 42.37 3.96
N LEU G 104 20.62 41.90 4.96
CA LEU G 104 20.61 40.50 5.35
C LEU G 104 19.38 39.77 4.87
N TRP G 105 18.65 40.34 3.91
CA TRP G 105 17.44 39.69 3.43
C TRP G 105 17.68 38.29 2.84
N PRO G 106 18.75 38.02 2.09
CA PRO G 106 18.87 36.68 1.47
C PRO G 106 18.80 35.54 2.47
N HIS G 107 19.06 35.80 3.75
CA HIS G 107 18.91 34.75 4.75
C HIS G 107 17.45 34.31 4.86
N LYS G 108 16.52 35.23 4.68
CA LYS G 108 15.10 34.94 4.84
C LYS G 108 14.48 34.35 3.57
N ALA G 109 14.92 34.81 2.40
CA ALA G 109 14.32 34.41 1.13
C ALA G 109 15.02 33.21 0.51
N LEU G 110 15.91 32.54 1.24
CA LEU G 110 16.66 31.44 0.66
C LEU G 110 15.77 30.31 0.18
N PRO G 111 14.86 29.76 0.99
CA PRO G 111 14.00 28.67 0.46
C PRO G 111 13.10 29.11 -0.67
N TYR G 112 12.58 30.33 -0.61
CA TYR G 112 11.74 30.82 -1.71
C TYR G 112 12.55 30.97 -2.99
N SER G 113 13.78 31.47 -2.88
CA SER G 113 14.65 31.55 -4.05
C SER G 113 14.97 30.16 -4.59
N LEU G 114 15.17 29.18 -3.70
CA LEU G 114 15.41 27.83 -4.16
C LEU G 114 14.20 27.26 -4.91
N LEU G 115 13.00 27.53 -4.40
CA LEU G 115 11.79 27.11 -5.12
C LEU G 115 11.70 27.77 -6.49
N ALA G 116 11.99 29.07 -6.56
CA ALA G 116 11.97 29.76 -7.83
C ALA G 116 12.97 29.16 -8.80
N LEU G 117 14.17 28.85 -8.31
CA LEU G 117 15.20 28.25 -9.16
C LEU G 117 14.77 26.87 -9.65
N ALA G 118 14.18 26.07 -8.76
CA ALA G 118 13.71 24.74 -9.17
C ALA G 118 12.64 24.86 -10.25
N LEU G 119 11.69 25.78 -10.08
CA LEU G 119 10.65 25.96 -11.08
C LEU G 119 11.26 26.43 -12.40
N LEU G 120 12.21 27.35 -12.34
CA LEU G 120 12.86 27.81 -13.56
C LEU G 120 13.58 26.68 -14.29
N MET G 121 14.30 25.84 -13.53
CA MET G 121 15.01 24.74 -14.16
C MET G 121 14.05 23.71 -14.73
N TYR G 122 12.91 23.49 -14.08
CA TYR G 122 11.93 22.54 -14.61
C TYR G 122 11.17 23.09 -15.81
N LEU G 123 11.08 24.42 -15.94
CA LEU G 123 10.32 25.01 -17.04
C LEU G 123 10.78 24.58 -18.42
N PRO G 124 12.08 24.65 -18.77
CA PRO G 124 12.47 24.22 -20.12
C PRO G 124 12.16 22.77 -20.41
N VAL G 125 12.22 21.90 -19.40
CA VAL G 125 11.85 20.51 -19.62
C VAL G 125 10.39 20.40 -20.04
N LEU G 126 9.51 21.13 -19.34
CA LEU G 126 8.10 21.13 -19.71
C LEU G 126 7.91 21.71 -21.11
N LEU G 127 8.65 22.78 -21.43
CA LEU G 127 8.56 23.36 -22.77
C LEU G 127 8.90 22.33 -23.82
N TRP G 128 10.01 21.61 -23.64
CA TRP G 128 10.43 20.62 -24.61
C TRP G 128 9.39 19.51 -24.73
N GLN G 129 8.90 19.00 -23.60
CA GLN G 129 8.00 17.87 -23.64
C GLN G 129 6.67 18.24 -24.28
N TYR G 130 6.17 19.45 -24.01
CA TYR G 130 4.91 19.88 -24.61
C TYR G 130 5.08 20.29 -26.06
N ALA G 131 6.27 20.74 -26.46
CA ALA G 131 6.46 21.34 -27.77
C ALA G 131 7.13 20.41 -28.78
N ALA G 132 7.83 19.37 -28.33
CA ALA G 132 8.59 18.55 -29.27
C ALA G 132 8.51 17.05 -28.97
N VAL G 133 7.60 16.61 -28.10
CA VAL G 133 7.43 15.17 -27.86
C VAL G 133 6.57 14.54 -28.95
N PRO G 134 5.44 15.17 -29.37
CA PRO G 134 4.50 14.42 -30.23
C PRO G 134 5.03 14.22 -31.64
N ALA G 135 5.55 15.30 -32.24
CA ALA G 135 6.09 15.21 -33.59
C ALA G 135 7.27 14.24 -33.63
N LEU G 136 8.15 14.32 -32.64
CA LEU G 136 9.30 13.43 -32.60
C LEU G 136 8.84 11.98 -32.45
N SER G 137 7.86 11.73 -31.58
CA SER G 137 7.38 10.37 -31.38
C SER G 137 6.79 9.82 -32.68
N SER G 138 5.98 10.62 -33.37
CA SER G 138 5.38 10.16 -34.62
C SER G 138 6.46 9.86 -35.66
N ASP G 139 7.44 10.75 -35.80
CA ASP G 139 8.50 10.54 -36.77
C ASP G 139 9.28 9.28 -36.45
N LEU G 140 9.63 9.08 -35.17
CA LEU G 140 10.39 7.91 -34.79
C LEU G 140 9.63 6.63 -35.08
N LEU G 141 8.37 6.56 -34.65
CA LEU G 141 7.62 5.32 -34.85
C LEU G 141 7.43 5.03 -36.33
N PHE G 142 7.10 6.06 -37.13
CA PHE G 142 6.94 5.82 -38.56
C PHE G 142 8.24 5.34 -39.18
N ILE G 143 9.36 5.97 -38.83
CA ILE G 143 10.63 5.62 -39.45
C ILE G 143 11.03 4.20 -39.10
N ILE G 144 10.88 3.81 -37.82
CA ILE G 144 11.28 2.45 -37.45
C ILE G 144 10.34 1.42 -38.09
N SER G 145 9.04 1.74 -38.15
CA SER G 145 8.10 0.82 -38.77
C SER G 145 8.46 0.58 -40.23
N GLU G 146 8.81 1.66 -40.95
CA GLU G 146 9.22 1.50 -42.34
C GLU G 146 10.57 0.79 -42.44
N LEU G 147 11.48 1.05 -41.50
CA LEU G 147 12.84 0.55 -41.61
C LEU G 147 12.90 -0.95 -41.38
N ASP G 148 12.06 -1.49 -40.51
CA ASP G 148 12.08 -2.94 -40.30
C ASP G 148 11.69 -3.67 -41.58
N LYS G 149 10.63 -3.20 -42.26
CA LYS G 149 10.25 -3.80 -43.53
C LYS G 149 11.33 -3.57 -44.58
N SER G 150 11.96 -2.39 -44.56
CA SER G 150 13.04 -2.13 -45.51
C SER G 150 14.17 -3.14 -45.34
N TYR G 151 14.55 -3.40 -44.08
CA TYR G 151 15.62 -4.37 -43.83
C TYR G 151 15.21 -5.75 -44.28
N ASN G 152 13.96 -6.16 -44.01
CA ASN G 152 13.52 -7.48 -44.45
C ASN G 152 13.58 -7.60 -45.97
N ARG G 153 13.05 -6.60 -46.67
CA ARG G 153 13.05 -6.63 -48.13
C ARG G 153 14.47 -6.67 -48.67
N SER G 154 15.37 -5.88 -48.08
CA SER G 154 16.75 -5.85 -48.54
C SER G 154 17.43 -7.20 -48.32
N ILE G 155 17.23 -7.82 -47.16
CA ILE G 155 17.91 -9.08 -46.88
C ILE G 155 17.36 -10.20 -47.75
N ARG G 156 16.09 -10.14 -48.13
CA ARG G 156 15.51 -11.22 -48.92
C ARG G 156 16.23 -11.42 -50.25
N LEU G 157 16.94 -10.41 -50.75
CA LEU G 157 17.66 -10.53 -52.02
C LEU G 157 19.05 -11.11 -51.86
N VAL G 158 19.53 -11.26 -50.61
CA VAL G 158 20.86 -11.80 -50.39
C VAL G 158 20.97 -13.24 -50.86
N GLN G 159 19.86 -13.98 -50.82
CA GLN G 159 19.89 -15.36 -51.30
C GLN G 159 20.21 -15.41 -52.79
N HIS G 160 19.49 -14.62 -53.59
CA HIS G 160 19.77 -14.58 -55.02
C HIS G 160 21.17 -14.05 -55.29
N MET G 161 21.62 -13.06 -54.50
CA MET G 161 22.97 -12.56 -54.68
C MET G 161 24.00 -13.66 -54.44
N LEU G 162 23.79 -14.47 -53.39
CA LEU G 162 24.70 -15.57 -53.10
C LEU G 162 24.69 -16.61 -54.21
N LYS G 163 23.51 -16.94 -54.73
CA LYS G 163 23.44 -17.89 -55.83
C LYS G 163 24.22 -17.39 -57.03
N ILE G 164 24.03 -16.12 -57.38
CA ILE G 164 24.73 -15.56 -58.54
C ILE G 164 26.23 -15.54 -58.31
N ARG G 165 26.66 -15.18 -57.10
CA ARG G 165 28.08 -15.16 -56.79
C ARG G 165 28.68 -16.57 -56.88
N GLN G 166 27.95 -17.57 -56.40
CA GLN G 166 28.43 -18.95 -56.49
C GLN G 166 28.54 -19.38 -57.95
N LYS G 167 27.56 -19.02 -58.77
CA LYS G 167 27.60 -19.44 -60.18
C LYS G 167 28.81 -18.85 -60.90
N SER G 168 29.10 -17.58 -60.67
CA SER G 168 30.23 -16.90 -61.29
C SER G 168 31.09 -16.25 -60.21
N SER G 169 32.37 -16.60 -60.19
CA SER G 169 33.27 -16.15 -59.13
C SER G 169 33.92 -14.80 -59.40
N ASP G 170 33.89 -14.33 -60.65
CA ASP G 170 34.58 -13.08 -60.96
C ASP G 170 33.91 -11.91 -60.24
N PRO G 171 34.67 -10.87 -59.87
CA PRO G 171 34.05 -9.70 -59.23
C PRO G 171 33.32 -8.78 -60.18
N TYR G 172 33.64 -8.81 -61.47
CA TYR G 172 32.97 -7.93 -62.43
C TYR G 172 31.48 -8.23 -62.49
N VAL G 173 31.13 -9.51 -62.62
CA VAL G 173 29.72 -9.90 -62.64
C VAL G 173 29.07 -9.59 -61.30
N PHE G 174 29.80 -9.74 -60.20
CA PHE G 174 29.26 -9.41 -58.89
C PHE G 174 28.86 -7.94 -58.82
N TRP G 175 29.75 -7.05 -59.26
CA TRP G 175 29.45 -5.63 -59.26
C TRP G 175 28.30 -5.31 -60.20
N ASN G 176 28.28 -5.92 -61.39
CA ASN G 176 27.20 -5.67 -62.33
C ASN G 176 25.86 -6.09 -61.73
N GLU G 177 25.81 -7.25 -61.08
CA GLU G 177 24.57 -7.71 -60.46
C GLU G 177 24.19 -6.85 -59.28
N LEU G 178 25.17 -6.32 -58.54
CA LEU G 178 24.85 -5.39 -57.46
C LEU G 178 24.19 -4.14 -58.01
N GLU G 179 24.73 -3.59 -59.10
CA GLU G 179 24.11 -2.42 -59.72
C GLU G 179 22.72 -2.76 -60.24
N LYS G 180 22.56 -3.94 -60.85
CA LYS G 180 21.25 -4.33 -61.34
C LYS G 180 20.23 -4.44 -60.21
N ALA G 181 20.63 -5.04 -59.09
CA ALA G 181 19.75 -5.12 -57.94
C ALA G 181 19.40 -3.74 -57.42
N ARG G 182 20.38 -2.84 -57.35
CA ARG G 182 20.10 -1.48 -56.91
C ARG G 182 19.10 -0.79 -57.82
N LYS G 183 19.18 -1.04 -59.12
CA LYS G 183 18.28 -0.44 -60.09
C LYS G 183 16.97 -1.19 -60.26
N GLU G 184 16.83 -2.36 -59.63
CA GLU G 184 15.62 -3.16 -59.80
C GLU G 184 14.36 -2.38 -59.48
N ARG G 185 14.45 -1.40 -58.57
CA ARG G 185 13.33 -0.56 -58.17
C ARG G 185 12.38 -1.27 -57.22
N TYR G 186 12.75 -2.45 -56.73
CA TYR G 186 11.94 -3.17 -55.75
C TYR G 186 12.18 -2.62 -54.34
N PHE G 187 13.09 -1.67 -54.18
CA PHE G 187 13.34 -1.01 -52.91
C PHE G 187 13.70 0.45 -53.20
N GLU G 188 14.33 1.12 -52.24
CA GLU G 188 14.68 2.53 -52.21
C GLU G 188 13.49 3.41 -51.81
N PHE G 189 12.29 2.84 -51.65
CA PHE G 189 11.22 3.43 -50.85
C PHE G 189 11.10 4.94 -51.07
N PRO G 190 10.58 5.39 -52.21
CA PRO G 190 10.50 6.85 -52.43
C PRO G 190 9.81 7.59 -51.30
N LEU G 191 8.97 6.92 -50.52
CA LEU G 191 8.36 7.55 -49.35
C LEU G 191 9.43 8.11 -48.41
N LEU G 192 10.40 7.28 -48.03
CA LEU G 192 11.46 7.72 -47.14
C LEU G 192 12.31 8.80 -47.77
N GLU G 193 12.61 8.68 -49.07
CA GLU G 193 13.42 9.68 -49.73
C GLU G 193 12.78 11.05 -49.62
N ARG G 194 11.51 11.17 -50.00
CA ARG G 194 10.82 12.45 -49.94
C ARG G 194 10.65 12.92 -48.50
N TYR G 195 10.37 12.00 -47.58
CA TYR G 195 10.21 12.39 -46.18
C TYR G 195 11.50 13.02 -45.64
N LEU G 196 12.64 12.37 -45.89
CA LEU G 196 13.91 12.92 -45.42
C LEU G 196 14.24 14.23 -46.14
N ALA G 197 13.92 14.32 -47.43
CA ALA G 197 14.16 15.57 -48.15
C ALA G 197 13.38 16.71 -47.51
N CYS G 198 12.12 16.45 -47.14
CA CYS G 198 11.33 17.47 -46.45
C CYS G 198 11.91 17.78 -45.08
N LYS G 199 12.36 16.75 -44.36
CA LYS G 199 12.88 16.96 -43.01
C LYS G 199 14.17 17.77 -43.02
N GLN G 200 14.97 17.66 -44.08
CA GLN G 200 16.21 18.42 -44.13
C GLN G 200 15.97 19.92 -44.03
N ARG G 201 14.77 20.37 -44.36
CA ARG G 201 14.47 21.81 -44.31
C ARG G 201 13.73 22.19 -43.03
N SER G 202 13.11 21.23 -42.37
CA SER G 202 12.44 21.52 -41.10
C SER G 202 13.46 21.96 -40.06
N HIS G 203 13.01 22.80 -39.13
CA HIS G 203 13.89 23.29 -38.08
C HIS G 203 13.23 23.30 -36.70
N SER G 204 12.02 22.75 -36.57
CA SER G 204 11.32 22.83 -35.29
C SER G 204 12.07 22.10 -34.19
N LEU G 205 12.55 20.88 -34.48
CA LEU G 205 13.18 20.08 -33.44
C LEU G 205 14.50 20.67 -33.00
N VAL G 206 15.34 21.09 -33.95
CA VAL G 206 16.60 21.74 -33.58
C VAL G 206 16.32 23.04 -32.84
N ALA G 207 15.31 23.78 -33.26
CA ALA G 207 14.96 25.02 -32.57
C ALA G 207 14.61 24.74 -31.12
N THR G 208 13.76 23.75 -30.88
CA THR G 208 13.37 23.44 -29.50
C THR G 208 14.56 22.95 -28.69
N TYR G 209 15.40 22.10 -29.26
CA TYR G 209 16.56 21.59 -28.54
C TYR G 209 17.51 22.72 -28.15
N LEU G 210 17.86 23.57 -29.12
CA LEU G 210 18.76 24.67 -28.84
C LEU G 210 18.14 25.63 -27.84
N LEU G 211 16.84 25.88 -27.95
CA LEU G 211 16.18 26.78 -27.00
C LEU G 211 16.22 26.20 -25.59
N ARG G 212 15.98 24.90 -25.45
CA ARG G 212 16.02 24.29 -24.12
C ARG G 212 17.41 24.39 -23.52
N ASN G 213 18.44 24.08 -24.31
CA ASN G 213 19.81 24.16 -23.80
C ASN G 213 20.18 25.61 -23.45
N SER G 214 19.77 26.57 -24.28
CA SER G 214 20.08 27.96 -24.01
C SER G 214 19.34 28.44 -22.77
N LEU G 215 18.11 27.98 -22.55
CA LEU G 215 17.40 28.33 -21.32
C LEU G 215 18.13 27.78 -20.10
N LEU G 216 18.61 26.53 -20.20
CA LEU G 216 19.38 25.97 -19.09
C LEU G 216 20.61 26.82 -18.79
N LEU G 217 21.35 27.19 -19.84
CA LEU G 217 22.56 27.99 -19.64
C LEU G 217 22.23 29.36 -19.06
N ILE G 218 21.17 29.99 -19.55
CA ILE G 218 20.80 31.32 -19.06
C ILE G 218 20.40 31.25 -17.60
N PHE G 219 19.66 30.20 -17.22
CA PHE G 219 19.26 30.08 -15.81
C PHE G 219 20.45 29.79 -14.92
N THR G 220 21.42 29.00 -15.41
CA THR G 220 22.65 28.80 -14.64
C THR G 220 23.40 30.11 -14.44
N SER G 221 23.49 30.93 -15.49
CA SER G 221 24.14 32.23 -15.35
C SER G 221 23.37 33.13 -14.39
N ALA G 222 22.03 33.05 -14.43
CA ALA G 222 21.23 33.84 -13.51
C ALA G 222 21.48 33.44 -12.07
N THR G 223 21.58 32.14 -11.80
CA THR G 223 21.91 31.69 -10.45
C THR G 223 23.29 32.18 -10.04
N TYR G 224 24.25 32.14 -10.96
CA TYR G 224 25.58 32.66 -10.65
C TYR G 224 25.52 34.13 -10.27
N LEU G 225 24.77 34.93 -11.03
CA LEU G 225 24.63 36.35 -10.71
C LEU G 225 23.95 36.54 -9.36
N TYR G 226 22.89 35.77 -9.09
CA TYR G 226 22.16 35.92 -7.83
C TYR G 226 23.05 35.59 -6.64
N LEU G 227 23.84 34.51 -6.73
CA LEU G 227 24.73 34.15 -5.64
C LEU G 227 25.99 35.00 -5.59
N GLY G 228 26.29 35.75 -6.63
CA GLY G 228 27.44 36.63 -6.60
C GLY G 228 27.11 38.01 -6.09
N HIS G 229 25.87 38.45 -6.30
CA HIS G 229 25.44 39.77 -5.88
C HIS G 229 24.86 39.78 -4.48
N PHE G 230 24.03 38.79 -4.14
CA PHE G 230 23.26 38.80 -2.91
C PHE G 230 23.71 37.76 -1.90
N HIS G 231 24.87 37.14 -2.08
CA HIS G 231 25.39 36.19 -1.10
C HIS G 231 26.83 36.44 -0.70
N LEU G 232 27.67 36.99 -1.58
CA LEU G 232 29.05 37.25 -1.20
C LEU G 232 29.17 38.41 -0.22
N ASP G 233 28.32 39.43 -0.36
CA ASP G 233 28.41 40.59 0.52
C ASP G 233 28.18 40.21 1.97
N VAL G 234 27.21 39.33 2.22
CA VAL G 234 26.85 38.94 3.58
C VAL G 234 27.13 37.45 3.77
N PHE G 235 28.18 36.96 3.11
CA PHE G 235 28.49 35.53 3.19
C PHE G 235 28.76 35.10 4.63
N PHE G 236 29.54 35.89 5.37
CA PHE G 236 29.87 35.53 6.76
C PHE G 236 28.90 36.19 7.74
N GLN G 237 28.94 37.53 7.82
CA GLN G 237 27.96 38.31 8.57
C GLN G 237 27.48 37.59 9.84
N GLU G 238 28.40 37.29 10.75
CA GLU G 238 28.05 36.50 11.93
C GLU G 238 26.84 37.07 12.66
N GLU G 239 26.96 38.31 13.14
CA GLU G 239 25.93 38.94 13.96
C GLU G 239 25.45 40.22 13.30
N PHE G 240 24.35 40.75 13.82
CA PHE G 240 23.83 42.04 13.38
C PHE G 240 23.08 42.70 14.52
N SER G 241 23.11 44.02 14.55
CA SER G 241 22.53 44.81 15.63
C SER G 241 21.11 45.20 15.23
N CYS G 242 20.11 44.56 15.85
CA CYS G 242 18.72 44.83 15.55
C CYS G 242 18.19 45.95 16.44
N SER G 243 16.94 46.34 16.19
CA SER G 243 16.30 47.42 16.94
C SER G 243 14.79 47.21 16.92
N ILE G 244 14.15 47.53 18.05
CA ILE G 244 12.71 47.40 18.19
C ILE G 244 12.00 48.73 18.42
N LYS G 245 12.74 49.80 18.71
CA LYS G 245 12.13 51.09 18.99
C LYS G 245 11.65 51.80 17.74
N THR G 246 11.97 51.29 16.54
CA THR G 246 11.56 51.96 15.31
C THR G 246 10.04 52.02 15.19
N GLY G 247 9.32 51.17 15.91
CA GLY G 247 7.87 51.19 15.85
C GLY G 247 7.27 52.27 16.75
N LEU G 248 6.23 51.92 17.49
CA LEU G 248 5.56 52.89 18.34
C LEU G 248 6.05 52.86 19.78
N LEU G 249 6.76 51.81 20.19
CA LEU G 249 7.26 51.74 21.56
C LEU G 249 8.61 52.44 21.65
N SER G 250 8.68 53.68 21.16
CA SER G 250 9.89 54.49 21.27
C SER G 250 10.00 55.18 22.61
N ASP G 251 8.88 55.41 23.30
CA ASP G 251 8.89 55.99 24.64
C ASP G 251 9.07 54.94 25.73
N GLU G 252 9.24 53.67 25.36
CA GLU G 252 9.42 52.59 26.31
C GLU G 252 10.87 52.59 26.77
N THR G 253 11.12 53.12 27.98
CA THR G 253 12.47 53.12 28.53
C THR G 253 12.91 51.74 28.99
N HIS G 254 11.98 50.82 29.23
CA HIS G 254 12.34 49.49 29.70
C HIS G 254 13.20 48.76 28.68
N VAL G 255 12.81 48.81 27.41
CA VAL G 255 13.50 48.08 26.34
C VAL G 255 14.87 48.71 26.10
N PRO G 256 15.87 47.93 25.67
CA PRO G 256 17.13 48.55 25.23
C PRO G 256 16.97 49.21 23.87
N ASN G 257 17.97 49.98 23.45
CA ASN G 257 17.90 50.71 22.20
C ASN G 257 18.30 49.88 20.98
N LEU G 258 19.37 49.10 21.10
CA LEU G 258 20.01 48.45 19.96
C LEU G 258 20.31 46.99 20.27
N ILE G 259 19.29 46.23 20.70
CA ILE G 259 19.46 44.81 20.97
C ILE G 259 20.26 44.18 19.83
N THR G 260 21.34 43.49 20.18
CA THR G 260 22.31 42.97 19.22
C THR G 260 22.28 41.46 19.24
N CYS G 261 22.20 40.83 18.07
CA CYS G 261 22.10 39.38 18.04
C CYS G 261 22.52 38.83 16.69
N ARG G 262 22.43 37.50 16.58
CA ARG G 262 23.02 36.73 15.50
C ARG G 262 22.00 35.75 14.96
N LEU G 263 22.42 34.99 13.95
CA LEU G 263 21.59 34.01 13.28
C LEU G 263 22.34 32.69 13.19
N THR G 264 21.67 31.60 13.52
CA THR G 264 22.35 30.33 13.75
C THR G 264 22.57 29.53 12.47
N SER G 265 21.70 29.72 11.47
CA SER G 265 21.76 28.95 10.24
C SER G 265 22.78 29.48 9.24
N LEU G 266 23.74 30.27 9.70
CA LEU G 266 24.71 30.87 8.80
C LEU G 266 25.53 29.80 8.09
N SER G 267 25.96 28.77 8.82
CA SER G 267 26.77 27.72 8.22
C SER G 267 25.97 26.96 7.15
N ILE G 268 24.70 26.69 7.42
CA ILE G 268 23.85 26.01 6.45
C ILE G 268 23.68 26.87 5.21
N PHE G 269 23.51 28.18 5.40
CA PHE G 269 23.40 29.11 4.29
C PHE G 269 24.65 29.07 3.43
N GLN G 270 25.82 29.17 4.07
CA GLN G 270 27.09 29.14 3.35
C GLN G 270 27.23 27.84 2.55
N ILE G 271 26.94 26.72 3.20
CA ILE G 271 27.00 25.43 2.53
C ILE G 271 26.10 25.44 1.31
N VAL G 272 24.80 25.61 1.53
CA VAL G 272 23.82 25.62 0.43
C VAL G 272 24.36 26.42 -0.75
N SER G 273 24.85 27.63 -0.49
CA SER G 273 25.33 28.48 -1.58
C SER G 273 26.48 27.81 -2.32
N LEU G 274 27.51 27.37 -1.58
CA LEU G 274 28.68 26.78 -2.22
C LEU G 274 28.32 25.51 -2.99
N SER G 275 27.47 24.68 -2.39
CA SER G 275 27.05 23.43 -3.02
C SER G 275 26.32 23.69 -4.32
N SER G 276 25.40 24.66 -4.34
CA SER G 276 24.68 24.97 -5.56
C SER G 276 25.63 25.49 -6.64
N VAL G 277 26.56 26.36 -6.24
CA VAL G 277 27.52 26.88 -7.20
C VAL G 277 28.33 25.74 -7.83
N ALA G 278 28.81 24.82 -6.98
CA ALA G 278 29.60 23.71 -7.49
C ALA G 278 28.79 22.82 -8.41
N ILE G 279 27.54 22.53 -8.04
CA ILE G 279 26.71 21.64 -8.84
C ILE G 279 26.49 22.23 -10.22
N TYR G 280 26.18 23.52 -10.29
CA TYR G 280 25.89 24.11 -11.59
C TYR G 280 27.15 24.33 -12.41
N THR G 281 28.29 24.58 -11.76
CA THR G 281 29.55 24.62 -12.50
C THR G 281 29.84 23.25 -13.11
N ILE G 282 29.55 22.18 -12.39
CA ILE G 282 29.66 20.84 -12.94
C ILE G 282 28.73 20.65 -14.13
N LEU G 283 27.49 21.12 -14.01
CA LEU G 283 26.47 20.89 -15.04
C LEU G 283 26.71 21.69 -16.31
N VAL G 284 27.38 22.84 -16.24
CA VAL G 284 27.59 23.68 -17.42
C VAL G 284 28.22 22.88 -18.56
N PRO G 285 29.39 22.27 -18.36
CA PRO G 285 30.06 21.59 -19.48
C PRO G 285 29.23 20.48 -20.11
N VAL G 286 28.43 19.79 -19.29
CA VAL G 286 27.58 18.72 -19.83
C VAL G 286 26.56 19.31 -20.80
N ILE G 287 25.97 20.45 -20.43
CA ILE G 287 25.00 21.09 -21.30
C ILE G 287 25.68 21.61 -22.56
N ILE G 288 26.91 22.11 -22.43
CA ILE G 288 27.64 22.57 -23.61
C ILE G 288 27.87 21.40 -24.56
N TYR G 289 28.26 20.24 -24.02
CA TYR G 289 28.45 19.06 -24.85
C TYR G 289 27.14 18.64 -25.52
N ASN G 290 26.03 18.66 -24.77
CA ASN G 290 24.75 18.32 -25.36
C ASN G 290 24.41 19.24 -26.52
N LEU G 291 24.63 20.54 -26.34
CA LEU G 291 24.40 21.49 -27.43
C LEU G 291 25.31 21.22 -28.62
N THR G 292 26.59 20.95 -28.38
CA THR G 292 27.52 20.68 -29.47
C THR G 292 27.20 19.38 -30.19
N ARG G 293 26.45 18.47 -29.56
CA ARG G 293 26.15 17.20 -30.18
C ARG G 293 25.54 17.39 -31.57
N LEU G 294 24.73 18.43 -31.75
CA LEU G 294 24.06 18.63 -33.03
C LEU G 294 25.01 19.12 -34.11
N CYS G 295 26.09 19.79 -33.73
CA CYS G 295 27.01 20.35 -34.72
C CYS G 295 27.67 19.28 -35.59
N ARG G 296 27.74 18.04 -35.13
CA ARG G 296 28.42 16.97 -35.85
C ARG G 296 27.45 15.83 -36.11
N TRP G 297 27.52 15.27 -37.32
CA TRP G 297 26.71 14.11 -37.64
C TRP G 297 27.26 12.87 -36.94
N ASP G 298 26.36 11.99 -36.50
CA ASP G 298 26.75 10.79 -35.79
C ASP G 298 27.49 9.80 -36.70
N LYS G 299 31.35 8.12 -36.53
CA LYS G 299 31.53 7.93 -37.96
C LYS G 299 31.62 6.45 -38.32
N ARG G 300 32.10 5.63 -37.39
CA ARG G 300 32.17 4.20 -37.63
C ARG G 300 30.79 3.63 -37.95
N LEU G 301 29.77 4.07 -37.23
CA LEU G 301 28.42 3.61 -37.51
C LEU G 301 27.94 4.06 -38.88
N LEU G 302 28.35 5.25 -39.32
CA LEU G 302 27.99 5.71 -40.65
C LEU G 302 28.53 4.77 -41.73
N SER G 303 29.81 4.41 -41.62
CA SER G 303 30.37 3.45 -42.57
C SER G 303 29.73 2.08 -42.42
N VAL G 304 29.34 1.72 -41.19
CA VAL G 304 28.69 0.43 -40.97
C VAL G 304 27.38 0.37 -41.75
N TYR G 305 26.59 1.43 -41.68
CA TYR G 305 25.28 1.45 -42.30
C TYR G 305 25.30 1.94 -43.75
N GLU G 306 26.44 2.39 -44.26
CA GLU G 306 26.51 2.84 -45.64
C GLU G 306 26.33 1.68 -46.62
N MET G 307 26.41 0.45 -46.13
CA MET G 307 26.32 -0.71 -47.02
C MET G 307 24.87 -1.06 -47.34
N LEU G 308 24.09 -1.40 -46.31
CA LEU G 308 22.76 -1.91 -46.55
C LEU G 308 21.90 -0.84 -47.22
N PRO G 309 21.16 -1.19 -48.28
CA PRO G 309 20.33 -0.18 -48.95
C PRO G 309 19.29 0.46 -48.03
N ALA G 310 18.83 -0.27 -47.01
CA ALA G 310 17.82 0.28 -46.11
C ALA G 310 18.33 1.54 -45.42
N PHE G 311 19.56 1.51 -44.93
CA PHE G 311 20.17 2.67 -44.28
C PHE G 311 20.90 3.58 -45.26
N ASP G 312 21.06 3.17 -46.52
CA ASP G 312 21.77 3.99 -47.48
C ASP G 312 21.05 5.32 -47.72
N LEU G 313 19.72 5.28 -47.78
CA LEU G 313 18.96 6.47 -48.14
C LEU G 313 19.22 7.61 -47.17
N LEU G 314 19.21 7.32 -45.88
CA LEU G 314 19.43 8.36 -44.87
C LEU G 314 20.90 8.69 -44.67
N SER G 315 21.82 7.85 -45.16
CA SER G 315 23.23 8.13 -45.00
C SER G 315 23.72 9.22 -45.95
N ARG G 316 23.09 9.35 -47.11
CA ARG G 316 23.51 10.31 -48.12
C ARG G 316 22.87 11.68 -47.93
N LYS G 317 22.25 11.94 -46.78
CA LYS G 317 21.59 13.21 -46.51
C LYS G 317 22.38 14.10 -45.56
N MET G 318 23.71 14.05 -45.63
CA MET G 318 24.59 14.71 -44.67
C MET G 318 25.35 15.87 -45.32
N LEU G 319 25.12 16.09 -46.62
CA LEU G 319 25.88 17.08 -47.36
C LEU G 319 25.66 18.50 -46.88
N GLY G 320 24.51 18.80 -46.31
CA GLY G 320 24.17 20.15 -45.90
C GLY G 320 24.70 20.51 -44.53
N CYS G 321 24.22 21.64 -44.03
CA CYS G 321 24.64 22.11 -42.71
C CYS G 321 24.21 21.10 -41.64
N PRO G 322 25.06 20.84 -40.64
CA PRO G 322 24.68 19.83 -39.63
C PRO G 322 23.44 20.19 -38.82
N ILE G 323 23.06 21.46 -38.77
CA ILE G 323 21.93 21.88 -37.96
C ILE G 323 20.66 21.75 -38.82
N ASN G 324 20.11 20.54 -38.87
CA ASN G 324 18.86 20.28 -39.58
C ASN G 324 17.98 19.44 -38.67
N ASP G 325 16.68 19.47 -38.92
CA ASP G 325 15.76 18.69 -38.10
C ASP G 325 16.15 17.21 -38.10
N LEU G 326 16.52 16.67 -39.25
CA LEU G 326 16.91 15.27 -39.32
C LEU G 326 18.04 14.93 -38.37
N ASN G 327 18.91 15.89 -38.06
CA ASN G 327 20.02 15.62 -37.16
C ASN G 327 19.53 15.16 -35.80
N VAL G 328 18.53 15.85 -35.24
CA VAL G 328 17.93 15.40 -33.99
C VAL G 328 17.30 14.03 -34.19
N ILE G 329 16.61 13.84 -35.32
CA ILE G 329 16.01 12.54 -35.62
C ILE G 329 17.09 11.48 -35.72
N LEU G 330 18.24 11.82 -36.31
CA LEU G 330 19.34 10.86 -36.36
C LEU G 330 19.83 10.51 -34.97
N LEU G 331 19.95 11.50 -34.09
CA LEU G 331 20.40 11.24 -32.73
C LEU G 331 19.44 10.28 -32.02
N PHE G 332 18.14 10.53 -32.14
CA PHE G 332 17.17 9.66 -31.47
C PHE G 332 17.15 8.26 -32.09
N LEU G 333 17.30 8.16 -33.41
CA LEU G 333 17.39 6.84 -34.03
C LEU G 333 18.61 6.07 -33.53
N ARG G 334 19.76 6.74 -33.42
CA ARG G 334 20.94 6.05 -32.93
C ARG G 334 20.74 5.62 -31.47
N ALA G 335 20.11 6.49 -30.67
CA ALA G 335 19.87 6.15 -29.27
C ALA G 335 18.91 4.96 -29.13
N ASN G 336 17.91 4.88 -30.00
CA ASN G 336 16.89 3.84 -29.88
C ASN G 336 17.31 2.52 -30.50
N ILE G 337 17.80 2.54 -31.73
CA ILE G 337 18.14 1.31 -32.44
C ILE G 337 19.11 0.46 -31.67
N SER G 338 19.87 1.05 -30.74
CA SER G 338 20.80 0.27 -29.93
C SER G 338 20.09 -0.81 -29.12
N GLU G 339 18.79 -0.64 -28.86
CA GLU G 339 18.03 -1.61 -28.10
C GLU G 339 16.77 -2.12 -28.80
N LEU G 340 16.38 -1.54 -29.93
CA LEU G 340 15.18 -2.01 -30.63
C LEU G 340 15.35 -3.46 -31.06
N ILE G 341 16.52 -3.79 -31.64
CA ILE G 341 16.95 -5.14 -32.03
C ILE G 341 17.54 -5.07 -33.43
N SER G 342 17.12 -4.08 -34.22
CA SER G 342 17.51 -3.97 -35.62
C SER G 342 18.97 -3.56 -35.83
N PHE G 343 19.80 -3.46 -34.79
CA PHE G 343 21.19 -3.05 -34.94
C PHE G 343 22.20 -4.15 -34.63
N SER G 344 21.83 -5.15 -33.83
CA SER G 344 22.77 -6.14 -33.36
C SER G 344 23.35 -6.99 -34.49
N TRP G 345 22.75 -6.98 -35.68
CA TRP G 345 23.20 -7.83 -36.77
C TRP G 345 24.18 -7.10 -37.70
N LEU G 346 23.78 -5.93 -38.21
CA LEU G 346 24.63 -5.21 -39.15
C LEU G 346 25.98 -4.86 -38.53
N SER G 347 26.02 -4.63 -37.22
CA SER G 347 27.29 -4.37 -36.56
C SER G 347 28.23 -5.57 -36.71
N VAL G 348 27.72 -6.77 -36.48
CA VAL G 348 28.54 -7.97 -36.63
C VAL G 348 28.92 -8.17 -38.10
N LEU G 349 27.99 -7.88 -39.02
CA LEU G 349 28.31 -8.04 -40.44
C LEU G 349 29.45 -7.12 -40.85
N CYS G 350 29.41 -5.87 -40.39
CA CYS G 350 30.48 -4.93 -40.74
C CYS G 350 31.77 -5.25 -40.00
N VAL G 351 31.68 -5.84 -38.81
CA VAL G 351 32.88 -6.35 -38.15
C VAL G 351 33.51 -7.45 -39.01
N LEU G 352 32.68 -8.34 -39.55
CA LEU G 352 33.18 -9.36 -40.47
C LEU G 352 33.86 -8.72 -41.67
N LYS G 353 33.22 -7.70 -42.24
CA LYS G 353 33.80 -7.02 -43.40
C LYS G 353 35.15 -6.42 -43.06
N ASP G 354 35.26 -5.77 -41.90
CA ASP G 354 36.53 -5.17 -41.49
C ASP G 354 37.59 -6.24 -41.30
N THR G 355 37.23 -7.36 -40.66
CA THR G 355 38.21 -8.41 -40.40
C THR G 355 38.67 -9.09 -41.68
N THR G 356 37.78 -9.24 -42.66
CA THR G 356 38.16 -9.91 -43.90
C THR G 356 39.23 -9.12 -44.63
N THR G 357 40.13 -9.85 -45.28
CA THR G 357 41.23 -9.23 -46.03
C THR G 357 40.69 -8.30 -47.12
N ASP G 363 33.90 -13.69 -48.94
CA ASP G 363 33.97 -14.56 -47.76
C ASP G 363 33.11 -14.01 -46.63
N THR G 364 33.31 -12.73 -46.31
CA THR G 364 32.53 -12.11 -45.25
C THR G 364 31.03 -12.11 -45.59
N VAL G 365 30.69 -11.80 -46.83
CA VAL G 365 29.29 -11.79 -47.23
C VAL G 365 28.70 -13.18 -47.12
N VAL G 366 29.44 -14.20 -47.56
CA VAL G 366 28.94 -15.57 -47.49
C VAL G 366 28.73 -15.97 -46.03
N ASP G 367 29.69 -15.65 -45.16
CA ASP G 367 29.55 -16.00 -43.76
C ASP G 367 28.35 -15.29 -43.14
N PHE G 368 28.17 -14.01 -43.45
CA PHE G 368 27.02 -13.26 -42.92
C PHE G 368 25.71 -13.86 -43.39
N MET G 369 25.62 -14.22 -44.67
CA MET G 369 24.41 -14.82 -45.19
C MET G 369 24.13 -16.16 -44.54
N THR G 370 25.17 -16.97 -44.34
CA THR G 370 24.99 -18.26 -43.66
C THR G 370 24.51 -18.06 -42.24
N LEU G 371 25.08 -17.10 -41.53
CA LEU G 371 24.65 -16.82 -40.16
C LEU G 371 23.19 -16.36 -40.13
N LEU G 372 22.80 -15.48 -41.07
CA LEU G 372 21.42 -15.03 -41.12
C LEU G 372 20.47 -16.20 -41.41
N ALA G 373 20.84 -17.07 -42.34
CA ALA G 373 19.99 -18.21 -42.66
C ALA G 373 19.86 -19.14 -41.46
N GLY G 374 20.96 -19.39 -40.76
CA GLY G 374 20.93 -20.26 -39.60
C GLY G 374 20.05 -19.76 -38.48
C1 NAG H . 26.45 37.98 37.44
C2 NAG H . 27.68 38.19 36.56
C3 NAG H . 28.33 39.53 36.88
C4 NAG H . 27.32 40.65 36.79
C5 NAG H . 26.08 40.34 37.64
C6 NAG H . 24.98 41.35 37.48
C7 NAG H . 29.65 36.91 35.90
C8 NAG H . 30.54 35.73 36.21
N2 NAG H . 28.63 37.11 36.72
O3 NAG H . 29.41 39.77 35.99
O4 NAG H . 27.89 41.87 37.23
O5 NAG H . 25.54 39.07 37.26
O6 NAG H . 23.98 40.89 36.56
O7 NAG H . 29.87 37.64 34.94
C1 NAG I . 25.95 27.27 46.17
C2 NAG I . 27.23 26.46 46.14
C3 NAG I . 28.34 27.20 46.87
C4 NAG I . 28.50 28.60 46.31
C5 NAG I . 27.16 29.33 46.30
C6 NAG I . 27.22 30.68 45.63
C7 NAG I . 27.90 24.14 46.59
C8 NAG I . 27.53 22.85 47.25
N2 NAG I . 27.02 25.13 46.72
O3 NAG I . 29.56 26.49 46.74
O4 NAG I . 29.44 29.34 47.08
O5 NAG I . 26.18 28.56 45.60
O6 NAG I . 26.70 30.61 44.30
O7 NAG I . 28.96 24.27 45.96
C1 NAG J . 14.98 22.53 53.12
C2 NAG J . 15.28 21.24 53.87
C3 NAG J . 16.13 21.53 55.10
C4 NAG J . 17.39 22.31 54.69
C5 NAG J . 17.02 23.54 53.88
C6 NAG J . 18.22 24.26 53.32
C7 NAG J . 13.97 19.24 54.42
C8 NAG J . 12.63 18.70 54.82
N2 NAG J . 14.05 20.56 54.25
O3 NAG J . 16.50 20.31 55.72
O4 NAG J . 18.11 22.70 55.85
O5 NAG J . 16.20 23.16 52.75
O6 NAG J . 18.47 23.88 51.98
O7 NAG J . 14.94 18.51 54.26
C1 NAG K . 2.00 27.13 53.14
C2 NAG K . 0.98 26.29 53.88
C3 NAG K . 1.16 26.43 55.39
C4 NAG K . 2.61 26.12 55.78
C5 NAG K . 3.57 26.96 54.95
C6 NAG K . 5.02 26.60 55.17
C7 NAG K . -1.25 25.75 53.00
C8 NAG K . -2.61 26.29 52.66
N2 NAG K . -0.38 26.64 53.49
O3 NAG K . 0.28 25.54 56.06
O4 NAG K . 2.80 26.41 57.16
O5 NAG K . 3.32 26.76 53.54
O6 NAG K . 5.56 25.92 54.06
O7 NAG K . -0.96 24.57 52.84
C1 NAG L . -3.17 37.56 46.16
C2 NAG L . -4.68 37.53 46.34
C3 NAG L . -5.05 37.85 47.79
C4 NAG L . -4.30 36.92 48.74
C5 NAG L . -2.81 36.95 48.46
C6 NAG L . -2.03 35.95 49.26
C7 NAG L . -6.59 38.29 45.00
C8 NAG L . -7.10 39.33 44.06
N2 NAG L . -5.33 38.45 45.42
O3 NAG L . -6.45 37.72 47.96
O4 NAG L . -4.53 37.31 50.08
O5 NAG L . -2.56 36.65 47.07
O6 NAG L . -1.83 34.74 48.54
O7 NAG L . -7.28 37.33 45.36
C1 NAG M . 3.16 46.28 37.53
C2 NAG M . 2.25 47.27 36.84
C3 NAG M . 1.76 48.33 37.83
C4 NAG M . 1.12 47.65 39.04
C5 NAG M . 2.07 46.62 39.64
C6 NAG M . 1.43 45.80 40.74
C7 NAG M . 2.28 48.24 34.58
C8 NAG M . 3.13 48.88 33.53
N2 NAG M . 2.92 47.90 35.72
O3 NAG M . 0.82 49.18 37.19
O4 NAG M . 0.80 48.62 40.03
O5 NAG M . 2.47 45.68 38.63
O6 NAG M . 1.06 44.51 40.29
O7 NAG M . 1.09 48.05 34.43
C1 NAG N . 16.09 46.58 33.67
C2 NAG N . 16.51 47.54 32.54
C3 NAG N . 16.33 48.98 32.99
C4 NAG N . 14.90 49.21 33.47
C5 NAG N . 14.55 48.18 34.55
C6 NAG N . 13.10 48.26 34.99
C7 NAG N . 18.35 47.63 30.92
C8 NAG N . 19.79 47.30 30.67
N2 NAG N . 17.88 47.29 32.13
O3 NAG N . 16.60 49.85 31.89
O4 NAG N . 14.78 50.52 34.02
O5 NAG N . 14.75 46.86 34.05
O6 NAG N . 12.44 47.02 34.83
O7 NAG N . 17.64 48.16 30.08
#